data_2FCX
# 
_entry.id   2FCX 
# 
_audit_conform.dict_name       mmcif_pdbx.dic 
_audit_conform.dict_version    5.387 
_audit_conform.dict_location   http://mmcif.pdb.org/dictionaries/ascii/mmcif_pdbx.dic 
# 
loop_
_database_2.database_id 
_database_2.database_code 
_database_2.pdbx_database_accession 
_database_2.pdbx_DOI 
PDB   2FCX         pdb_00002fcx 10.2210/pdb2fcx/pdb 
NDB   DR0023       ?            ?                   
RCSB  RCSB035728   ?            ?                   
WWPDB D_1000035728 ?            ?                   
# 
loop_
_pdbx_audit_revision_history.ordinal 
_pdbx_audit_revision_history.data_content_type 
_pdbx_audit_revision_history.major_revision 
_pdbx_audit_revision_history.minor_revision 
_pdbx_audit_revision_history.revision_date 
1 'Structure model' 1 0 2006-05-16 
2 'Structure model' 1 1 2008-05-01 
3 'Structure model' 1 2 2011-07-13 
4 'Structure model' 2 0 2020-07-29 
5 'Structure model' 2 1 2024-02-14 
# 
loop_
_pdbx_audit_revision_details.ordinal 
_pdbx_audit_revision_details.revision_ordinal 
_pdbx_audit_revision_details.data_content_type 
_pdbx_audit_revision_details.provider 
_pdbx_audit_revision_details.type 
_pdbx_audit_revision_details.description 
_pdbx_audit_revision_details.details 
1 1 'Structure model' repository 'Initial release' ?                          ? 
2 4 'Structure model' repository Remediation       'Carbohydrate remediation' ? 
# 
loop_
_pdbx_audit_revision_group.ordinal 
_pdbx_audit_revision_group.revision_ordinal 
_pdbx_audit_revision_group.data_content_type 
_pdbx_audit_revision_group.group 
1 2 'Structure model' 'Version format compliance' 
2 3 'Structure model' 'Version format compliance' 
3 4 'Structure model' 'Atomic model'              
4 4 'Structure model' 'Derived calculations'      
5 4 'Structure model' 'Structure summary'         
6 5 'Structure model' 'Data collection'           
7 5 'Structure model' 'Database references'       
8 5 'Structure model' 'Structure summary'         
# 
loop_
_pdbx_audit_revision_category.ordinal 
_pdbx_audit_revision_category.revision_ordinal 
_pdbx_audit_revision_category.data_content_type 
_pdbx_audit_revision_category.category 
1  4 'Structure model' atom_site              
2  4 'Structure model' chem_comp              
3  4 'Structure model' entity                 
4  4 'Structure model' pdbx_entity_nonpoly    
5  4 'Structure model' pdbx_struct_conn_angle 
6  4 'Structure model' struct_conn            
7  4 'Structure model' struct_site            
8  4 'Structure model' struct_site_gen        
9  5 'Structure model' chem_comp              
10 5 'Structure model' chem_comp_atom         
11 5 'Structure model' chem_comp_bond         
12 5 'Structure model' database_2             
# 
loop_
_pdbx_audit_revision_item.ordinal 
_pdbx_audit_revision_item.revision_ordinal 
_pdbx_audit_revision_item.data_content_type 
_pdbx_audit_revision_item.item 
1  4 'Structure model' '_atom_site.auth_atom_id'                     
2  4 'Structure model' '_atom_site.label_atom_id'                    
3  4 'Structure model' '_chem_comp.name'                             
4  4 'Structure model' '_chem_comp.pdbx_synonyms'                    
5  4 'Structure model' '_chem_comp.type'                             
6  4 'Structure model' '_entity.pdbx_description'                    
7  4 'Structure model' '_pdbx_entity_nonpoly.name'                   
8  4 'Structure model' '_pdbx_struct_conn_angle.ptnr1_auth_comp_id'  
9  4 'Structure model' '_pdbx_struct_conn_angle.ptnr1_auth_seq_id'   
10 4 'Structure model' '_pdbx_struct_conn_angle.ptnr1_label_asym_id' 
11 4 'Structure model' '_pdbx_struct_conn_angle.ptnr1_label_atom_id' 
12 4 'Structure model' '_pdbx_struct_conn_angle.ptnr1_label_comp_id' 
13 4 'Structure model' '_pdbx_struct_conn_angle.ptnr1_label_seq_id'  
14 4 'Structure model' '_pdbx_struct_conn_angle.ptnr3_auth_comp_id'  
15 4 'Structure model' '_pdbx_struct_conn_angle.ptnr3_auth_seq_id'   
16 4 'Structure model' '_pdbx_struct_conn_angle.ptnr3_label_asym_id' 
17 4 'Structure model' '_pdbx_struct_conn_angle.ptnr3_label_atom_id' 
18 4 'Structure model' '_pdbx_struct_conn_angle.ptnr3_label_comp_id' 
19 4 'Structure model' '_pdbx_struct_conn_angle.ptnr3_label_seq_id'  
20 4 'Structure model' '_pdbx_struct_conn_angle.value'               
21 4 'Structure model' '_struct_conn.conn_type_id'                   
22 4 'Structure model' '_struct_conn.id'                             
23 4 'Structure model' '_struct_conn.pdbx_dist_value'                
24 4 'Structure model' '_struct_conn.pdbx_leaving_atom_flag'         
25 4 'Structure model' '_struct_conn.ptnr1_auth_asym_id'             
26 4 'Structure model' '_struct_conn.ptnr1_auth_comp_id'             
27 4 'Structure model' '_struct_conn.ptnr1_auth_seq_id'              
28 4 'Structure model' '_struct_conn.ptnr1_label_asym_id'            
29 4 'Structure model' '_struct_conn.ptnr1_label_atom_id'            
30 4 'Structure model' '_struct_conn.ptnr1_label_comp_id'            
31 4 'Structure model' '_struct_conn.ptnr1_label_seq_id'             
32 4 'Structure model' '_struct_conn.ptnr2_auth_asym_id'             
33 4 'Structure model' '_struct_conn.ptnr2_auth_comp_id'             
34 4 'Structure model' '_struct_conn.ptnr2_auth_seq_id'              
35 4 'Structure model' '_struct_conn.ptnr2_label_asym_id'            
36 4 'Structure model' '_struct_conn.ptnr2_label_atom_id'            
37 4 'Structure model' '_struct_conn.ptnr2_label_comp_id'            
38 4 'Structure model' '_struct_conn.ptnr2_label_seq_id'             
39 5 'Structure model' '_chem_comp.pdbx_synonyms'                    
40 5 'Structure model' '_database_2.pdbx_DOI'                        
41 5 'Structure model' '_database_2.pdbx_database_accession'         
# 
_pdbx_database_status.status_code                     REL 
_pdbx_database_status.entry_id                        2FCX 
_pdbx_database_status.recvd_initial_deposition_date   2005-12-13 
_pdbx_database_status.deposit_site                    RCSB 
_pdbx_database_status.process_site                    RCSB 
_pdbx_database_status.status_code_sf                  REL 
_pdbx_database_status.status_code_mr                  ? 
_pdbx_database_status.SG_entry                        ? 
_pdbx_database_status.pdb_format_compatible           Y 
_pdbx_database_status.status_code_cs                  ? 
_pdbx_database_status.status_code_nmr_data            ? 
_pdbx_database_status.methods_development_category    ? 
# 
loop_
_pdbx_database_related.db_name 
_pdbx_database_related.db_id 
_pdbx_database_related.details 
_pdbx_database_related.content_type 
PDB 1XP7 'subtype F HIV-1 DIS kissing-loop'                    unspecified 
PDB 1Y3S 'subtype F HIV-1 DIS kissing-loop'                    unspecified 
PDB 2FCY 'HIV-1 DIS kissing-loop in complex with Neomycin'     unspecified 
PDB 2FCZ 'HIV-1 DIS kissing-loop in complex with Ribostamycin' unspecified 
PDB 2FD0 'HIV-1 DIS kissing-loop in complex with lividomycin'  unspecified 
# 
loop_
_audit_author.name 
_audit_author.pdbx_ordinal 
'Ennifar, E.'    1 
'Paillart, J.C.' 2 
'Marquet, R.'    3 
'Dumas, P.'      4 
# 
_citation.id                        primary 
_citation.title                     
'Targeting the dimerization initiation site of HIV-1 RNA with aminoglycosides: from crystal to cell.' 
_citation.journal_abbrev            'Nucleic Acids Res.' 
_citation.journal_volume            34 
_citation.page_first                2328 
_citation.page_last                 2339 
_citation.year                      2006 
_citation.journal_id_ASTM           NARHAD 
_citation.country                   UK 
_citation.journal_id_ISSN           0305-1048 
_citation.journal_id_CSD            0389 
_citation.book_publisher            ? 
_citation.pdbx_database_id_PubMed   16679451 
_citation.pdbx_database_id_DOI      10.1093/nar/gkl317 
# 
loop_
_citation_author.citation_id 
_citation_author.name 
_citation_author.ordinal 
_citation_author.identifier_ORCID 
primary 'Ennifar, E.'     1 ? 
primary 'Paillart, J.C.'  2 ? 
primary 'Bodlenner, A.'   3 ? 
primary 'Walter, P.'      4 ? 
primary 'Weibel, J.-M.'   5 ? 
primary 'Aubertin, A.-M.' 6 ? 
primary 'Pale, P.'        7 ? 
primary 'Dumas, P.'       8 ? 
primary 'Marquet, R.'     9 ? 
# 
loop_
_entity.id 
_entity.type 
_entity.src_method 
_entity.pdbx_description 
_entity.formula_weight 
_entity.pdbx_number_of_molecules 
_entity.pdbx_ec 
_entity.pdbx_mutation 
_entity.pdbx_fragment 
_entity.details 
1 polymer     syn 'HIV-1 DIS RNA'                                                                                        7465.368 
2  ? ? ? ? 
2 non-polymer syn 'POTASSIUM ION'                                                                                        39.098   
3  ? ? ? ? 
3 non-polymer syn 'CHLORIDE ION'                                                                                         35.453   
1  ? ? ? ? 
4 non-polymer syn '(1R,2R,3S,4R,6S)-4,6-diamino-2,3-dihydroxycyclohexyl 2,6-diamino-2,6-dideoxy-alpha-D-glucopyranoside' 322.358  
2  ? ? ? ? 
5 water       nat water                                                                                                  18.015   
35 ? ? ? ? 
# 
_entity_poly.entity_id                      1 
_entity_poly.type                           polyribonucleotide 
_entity_poly.nstd_linkage                   no 
_entity_poly.nstd_monomer                   yes 
_entity_poly.pdbx_seq_one_letter_code       'CU(5BU)GCUGAAGUGCACACAGCAAG' 
_entity_poly.pdbx_seq_one_letter_code_can   CUUGCUGAAGUGCACACAGCAAG 
_entity_poly.pdbx_strand_id                 A,B 
_entity_poly.pdbx_target_identifier         ? 
# 
loop_
_pdbx_entity_nonpoly.entity_id 
_pdbx_entity_nonpoly.name 
_pdbx_entity_nonpoly.comp_id 
2 'POTASSIUM ION'                                                                                        K   
3 'CHLORIDE ION'                                                                                         CL  
4 '(1R,2R,3S,4R,6S)-4,6-diamino-2,3-dihydroxycyclohexyl 2,6-diamino-2,6-dideoxy-alpha-D-glucopyranoside' XXX 
5 water                                                                                                  HOH 
# 
loop_
_entity_poly_seq.entity_id 
_entity_poly_seq.num 
_entity_poly_seq.mon_id 
_entity_poly_seq.hetero 
1 1  C   n 
1 2  U   n 
1 3  5BU n 
1 4  G   n 
1 5  C   n 
1 6  U   n 
1 7  G   n 
1 8  A   n 
1 9  A   n 
1 10 G   n 
1 11 U   n 
1 12 G   n 
1 13 C   n 
1 14 A   n 
1 15 C   n 
1 16 A   n 
1 17 C   n 
1 18 A   n 
1 19 G   n 
1 20 C   n 
1 21 A   n 
1 22 A   n 
1 23 G   n 
# 
_pdbx_entity_src_syn.entity_id              1 
_pdbx_entity_src_syn.pdbx_src_id            1 
_pdbx_entity_src_syn.pdbx_alt_source_flag   sample 
_pdbx_entity_src_syn.pdbx_beg_seq_num       ? 
_pdbx_entity_src_syn.pdbx_end_seq_num       ? 
_pdbx_entity_src_syn.organism_scientific    ? 
_pdbx_entity_src_syn.organism_common_name   ? 
_pdbx_entity_src_syn.ncbi_taxonomy_id       ? 
_pdbx_entity_src_syn.details                'This sequence occurs naturally in subtype F HIV-1' 
# 
loop_
_chem_comp.id 
_chem_comp.type 
_chem_comp.mon_nstd_flag 
_chem_comp.name 
_chem_comp.pdbx_synonyms 
_chem_comp.formula 
_chem_comp.formula_weight 
5BU 'RNA linking' n "5-BROMO-URIDINE-5'-MONOPHOSPHATE"                                                                     ? 
'C9 H12 Br N2 O9 P' 403.077 
A   'RNA linking' y "ADENOSINE-5'-MONOPHOSPHATE"                                                                           ? 
'C10 H14 N5 O7 P'   347.221 
C   'RNA linking' y "CYTIDINE-5'-MONOPHOSPHATE"                                                                            ? 
'C9 H14 N3 O8 P'    323.197 
CL  non-polymer   . 'CHLORIDE ION'                                                                                         ? 
'Cl -1'             35.453  
G   'RNA linking' y "GUANOSINE-5'-MONOPHOSPHATE"                                                                           ? 
'C10 H14 N5 O8 P'   363.221 
HOH non-polymer   . WATER                                                                                                  ? 
'H2 O'              18.015  
K   non-polymer   . 'POTASSIUM ION'                                                                                        ? 'K 1' 
39.098  
U   'RNA linking' y "URIDINE-5'-MONOPHOSPHATE"                                                                             ? 
'C9 H13 N2 O9 P'    324.181 
XXX D-saccharide  . '(1R,2R,3S,4R,6S)-4,6-diamino-2,3-dihydroxycyclohexyl 2,6-diamino-2,6-dideoxy-alpha-D-glucopyranoside' 
;(2R,3S,4R,5R,6R)-6-((1R,2R,3S,4R,6S)-4,6-DIAMINO-2,3-DIHYDROXYCYCLOHEXYLOXY)-5-AMINO-2-(AMINOMETHYL)-TETRAHYDRO-2H-PYRA N-3,4-DIOL; NEOMYCIN A; NEAMINE; (1R,2R,3S,4R,6S)-4,6-diamino-2,3-dihydroxycyclohexyl 2,6-diamino-2,6-dideoxy-alpha-D-glucoside; (1R,2R,3S,4R,6S)-4,6-diamino-2,3-dihydroxycyclohexyl 2,6-diamino-2,6-dideoxy-D-glucoside; (1R,2R,3S,4R,6S)-4,6-diamino-2,3-dihydroxycyclohexyl 2,6-diamino-2,6-dideoxy-glucoside
;
'C12 H26 N4 O6'     322.358 
# 
loop_
_pdbx_poly_seq_scheme.asym_id 
_pdbx_poly_seq_scheme.entity_id 
_pdbx_poly_seq_scheme.seq_id 
_pdbx_poly_seq_scheme.mon_id 
_pdbx_poly_seq_scheme.ndb_seq_num 
_pdbx_poly_seq_scheme.pdb_seq_num 
_pdbx_poly_seq_scheme.auth_seq_num 
_pdbx_poly_seq_scheme.pdb_mon_id 
_pdbx_poly_seq_scheme.auth_mon_id 
_pdbx_poly_seq_scheme.pdb_strand_id 
_pdbx_poly_seq_scheme.pdb_ins_code 
_pdbx_poly_seq_scheme.hetero 
A 1 1  C   1  1  1  C   C A . n 
A 1 2  U   2  2  2  U   U A . n 
A 1 3  5BU 3  3  3  5BU U A . n 
A 1 4  G   4  4  4  G   G A . n 
A 1 5  C   5  5  5  C   C A . n 
A 1 6  U   6  6  6  U   U A . n 
A 1 7  G   7  7  7  G   G A . n 
A 1 8  A   8  8  8  A   A A . n 
A 1 9  A   9  9  9  A   A A . n 
A 1 10 G   10 10 10 G   G A . n 
A 1 11 U   11 11 11 U   U A . n 
A 1 12 G   12 12 12 G   G A . n 
A 1 13 C   13 13 13 C   C A . n 
A 1 14 A   14 14 14 A   A A . n 
A 1 15 C   15 15 15 C   C A . n 
A 1 16 A   16 16 16 A   A A . n 
A 1 17 C   17 17 17 C   C A . n 
A 1 18 A   18 18 18 A   A A . n 
A 1 19 G   19 19 19 G   G A . n 
A 1 20 C   20 20 20 C   C A . n 
A 1 21 A   21 21 21 A   A A . n 
A 1 22 A   22 22 22 A   A A . n 
A 1 23 G   23 23 23 G   G A . n 
B 1 1  C   1  1  1  C   C B . n 
B 1 2  U   2  2  2  U   U B . n 
B 1 3  5BU 3  3  3  5BU U B . n 
B 1 4  G   4  4  4  G   G B . n 
B 1 5  C   5  5  5  C   C B . n 
B 1 6  U   6  6  6  U   U B . n 
B 1 7  G   7  7  7  G   G B . n 
B 1 8  A   8  8  8  A   A B . n 
B 1 9  A   9  9  9  A   A B . n 
B 1 10 G   10 10 10 G   G B . n 
B 1 11 U   11 11 11 U   U B . n 
B 1 12 G   12 12 12 G   G B . n 
B 1 13 C   13 13 13 C   C B . n 
B 1 14 A   14 14 14 A   A B . n 
B 1 15 C   15 15 15 C   C B . n 
B 1 16 A   16 16 16 A   A B . n 
B 1 17 C   17 17 17 C   C B . n 
B 1 18 A   18 18 18 A   A B . n 
B 1 19 G   19 19 19 G   G B . n 
B 1 20 C   20 20 20 C   C B . n 
B 1 21 A   21 21 21 A   A B . n 
B 1 22 A   22 22 22 A   A B . n 
B 1 23 G   23 23 23 G   G B . n 
# 
loop_
_pdbx_nonpoly_scheme.asym_id 
_pdbx_nonpoly_scheme.entity_id 
_pdbx_nonpoly_scheme.mon_id 
_pdbx_nonpoly_scheme.ndb_seq_num 
_pdbx_nonpoly_scheme.pdb_seq_num 
_pdbx_nonpoly_scheme.auth_seq_num 
_pdbx_nonpoly_scheme.pdb_mon_id 
_pdbx_nonpoly_scheme.auth_mon_id 
_pdbx_nonpoly_scheme.pdb_strand_id 
_pdbx_nonpoly_scheme.pdb_ins_code 
C 2 K   1  24  1  K   K1  A . 
D 2 K   1  25  8  K   K1  A . 
E 3 CL  1  26  10 CL  CL1 A . 
F 4 XXX 1  101 1  XXX NEA A . 
G 2 K   1  24  4  K   K1  B . 
H 4 XXX 1  201 1  XXX NEA B . 
I 5 HOH 1  102 3  HOH HOH A . 
I 5 HOH 2  103 5  HOH HOH A . 
I 5 HOH 3  104 6  HOH HOH A . 
I 5 HOH 4  105 7  HOH HOH A . 
I 5 HOH 5  106 13 HOH HOH A . 
I 5 HOH 6  107 16 HOH HOH A . 
I 5 HOH 7  108 17 HOH HOH A . 
I 5 HOH 8  109 18 HOH HOH A . 
I 5 HOH 9  110 20 HOH HOH A . 
I 5 HOH 10 111 22 HOH HOH A . 
I 5 HOH 11 112 23 HOH HOH A . 
I 5 HOH 12 113 24 HOH HOH A . 
I 5 HOH 13 114 25 HOH HOH A . 
I 5 HOH 14 115 28 HOH HOH A . 
I 5 HOH 15 116 29 HOH HOH A . 
I 5 HOH 16 117 36 HOH HOH A . 
I 5 HOH 17 118 37 HOH HOH A . 
I 5 HOH 18 119 43 HOH HOH A . 
J 5 HOH 1  202 2  HOH HOH B . 
J 5 HOH 2  203 9  HOH HOH B . 
J 5 HOH 3  204 12 HOH HOH B . 
J 5 HOH 4  205 14 HOH HOH B . 
J 5 HOH 5  206 21 HOH HOH B . 
J 5 HOH 6  207 26 HOH HOH B . 
J 5 HOH 7  208 30 HOH HOH B . 
J 5 HOH 8  209 31 HOH HOH B . 
J 5 HOH 9  210 32 HOH HOH B . 
J 5 HOH 10 211 33 HOH HOH B . 
J 5 HOH 11 212 34 HOH HOH B . 
J 5 HOH 12 213 35 HOH HOH B . 
J 5 HOH 13 214 38 HOH HOH B . 
J 5 HOH 14 215 39 HOH HOH B . 
J 5 HOH 15 216 40 HOH HOH B . 
J 5 HOH 16 217 41 HOH HOH B . 
J 5 HOH 17 218 42 HOH HOH B . 
# 
loop_
_software.name 
_software.classification 
_software.version 
_software.citation_id 
_software.pdbx_ordinal 
CNS       refinement       1.1 ? 1 
HKL-2000  'data reduction' .   ? 2 
SCALEPACK 'data scaling'   .   ? 3 
CNS       phasing          .   ? 4 
# 
_cell.entry_id           2FCX 
_cell.length_a           27.005 
_cell.length_b           113.395 
_cell.length_c           95.038 
_cell.angle_alpha        90.00 
_cell.angle_beta         90.00 
_cell.angle_gamma        90.00 
_cell.Z_PDB              16 
_cell.pdbx_unique_axis   ? 
_cell.length_a_esd       ? 
_cell.length_b_esd       ? 
_cell.length_c_esd       ? 
_cell.angle_alpha_esd    ? 
_cell.angle_beta_esd     ? 
_cell.angle_gamma_esd    ? 
# 
_symmetry.entry_id                         2FCX 
_symmetry.space_group_name_H-M             'C 2 2 21' 
_symmetry.pdbx_full_space_group_name_H-M   ? 
_symmetry.cell_setting                     ? 
_symmetry.Int_Tables_number                20 
_symmetry.space_group_name_Hall            ? 
# 
_exptl.entry_id          2FCX 
_exptl.method            'X-RAY DIFFRACTION' 
_exptl.crystals_number   1 
# 
_exptl_crystal.id                    1 
_exptl_crystal.density_meas          ? 
_exptl_crystal.density_Matthews      2.44 
_exptl_crystal.density_percent_sol   49.52 
_exptl_crystal.description           ? 
_exptl_crystal.F_000                 ? 
_exptl_crystal.preparation           ? 
# 
_exptl_crystal_grow.crystal_id      1 
_exptl_crystal_grow.method          'VAPOR DIFFUSION, SITTING DROP' 
_exptl_crystal_grow.temp            310 
_exptl_crystal_grow.temp_details    ? 
_exptl_crystal_grow.pH              7.0 
_exptl_crystal_grow.pdbx_details    'MPD, KCl, MgCl2, Na Cacodylate, pH 7.0, VAPOR DIFFUSION, SITTING DROP, temperature 310K' 
_exptl_crystal_grow.pdbx_pH_range   . 
# 
loop_
_diffrn.id 
_diffrn.ambient_temp 
_diffrn.ambient_temp_details 
_diffrn.crystal_id 
1 100 ? 1 
2 ?   ? 1 
# 
loop_
_diffrn_detector.diffrn_id 
_diffrn_detector.detector 
_diffrn_detector.type 
_diffrn_detector.pdbx_collection_date 
_diffrn_detector.details 
1 CCD MARRESEARCH            2004-12-01 ? 
2 CCD 'MARMOSAIC 225 mm CCD' 2004-12-01 ? 
# 
_diffrn_radiation.diffrn_id                        1 
_diffrn_radiation.wavelength_id                    1 
_diffrn_radiation.pdbx_monochromatic_or_laue_m_l   M 
_diffrn_radiation.monochromator                    ? 
_diffrn_radiation.pdbx_diffrn_protocol             MAD 
_diffrn_radiation.pdbx_scattering_type             x-ray 
# 
loop_
_diffrn_radiation_wavelength.id 
_diffrn_radiation_wavelength.wavelength 
_diffrn_radiation_wavelength.wt 
1 0.91961 1.0 
2 0.91950 1.0 
3 0.91965 1.0 
4 0.91640 1.0 
# 
loop_
_diffrn_source.diffrn_id 
_diffrn_source.source 
_diffrn_source.type 
_diffrn_source.pdbx_synchrotron_site 
_diffrn_source.pdbx_synchrotron_beamline 
_diffrn_source.pdbx_wavelength 
_diffrn_source.pdbx_wavelength_list 
1 SYNCHROTRON 'SLS BEAMLINE X06SA'   SLS  X06SA  ? 0.91961                     
2 SYNCHROTRON 'ESRF BEAMLINE ID23-1' ESRF ID23-1 ? '0.91950, 0.91965, 0.91640' 
# 
_reflns.entry_id                     2FCX 
_reflns.observed_criterion_sigma_I   0 
_reflns.observed_criterion_sigma_F   0 
_reflns.d_resolution_low             40 
_reflns.d_resolution_high            2.0 
_reflns.number_obs                   18852 
_reflns.number_all                   ? 
_reflns.percent_possible_obs         98.6 
_reflns.pdbx_Rmerge_I_obs            ? 
_reflns.pdbx_Rsym_value              0.074 
_reflns.pdbx_netI_over_sigmaI        24.4 
_reflns.B_iso_Wilson_estimate        54.5 
_reflns.pdbx_redundancy              6.8 
_reflns.R_free_details               ? 
_reflns.pdbx_chi_squared             ? 
_reflns.pdbx_scaling_rejects         ? 
_reflns.pdbx_diffrn_id               1 
_reflns.pdbx_ordinal                 1 
# 
_reflns_shell.d_res_high             2.0 
_reflns_shell.d_res_low              ? 
_reflns_shell.percent_possible_all   92.7 
_reflns_shell.Rmerge_I_obs           ? 
_reflns_shell.pdbx_Rsym_value        0.273 
_reflns_shell.meanI_over_sigI_obs    4.0 
_reflns_shell.pdbx_redundancy        ? 
_reflns_shell.percent_possible_obs   ? 
_reflns_shell.number_unique_all      ? 
_reflns_shell.number_measured_all    ? 
_reflns_shell.number_measured_obs    ? 
_reflns_shell.number_unique_obs      ? 
_reflns_shell.pdbx_chi_squared       ? 
_reflns_shell.pdbx_diffrn_id         ? 
_reflns_shell.pdbx_ordinal           1 
# 
_refine.entry_id                                 2FCX 
_refine.ls_number_reflns_obs                     18818 
_refine.ls_number_reflns_all                     ? 
_refine.pdbx_ls_sigma_I                          ? 
_refine.pdbx_ls_sigma_F                          0.0 
_refine.pdbx_data_cutoff_high_absF               791329.06 
_refine.pdbx_data_cutoff_low_absF                0.000000 
_refine.pdbx_data_cutoff_high_rms_absF           791329.06 
_refine.ls_d_res_low                             36.42 
_refine.ls_d_res_high                            2.00 
_refine.ls_percent_reflns_obs                    98.7 
_refine.ls_R_factor_obs                          0.267 
_refine.ls_R_factor_all                          ? 
_refine.ls_R_factor_R_work                       0.267 
_refine.ls_R_factor_R_free                       0.292 
_refine.ls_R_factor_R_free_error                 0.008 
_refine.ls_R_factor_R_free_error_details         ? 
_refine.ls_percent_reflns_R_free                 7.7 
_refine.ls_number_reflns_R_free                  1457 
_refine.ls_number_parameters                     ? 
_refine.ls_number_restraints                     ? 
_refine.occupancy_min                            ? 
_refine.occupancy_max                            ? 
_refine.correlation_coeff_Fo_to_Fc               ? 
_refine.correlation_coeff_Fo_to_Fc_free          ? 
_refine.B_iso_mean                               46.0 
_refine.aniso_B[1][1]                            -0.18 
_refine.aniso_B[2][2]                            -15.26 
_refine.aniso_B[3][3]                            15.44 
_refine.aniso_B[1][2]                            0.00 
_refine.aniso_B[1][3]                            0.00 
_refine.aniso_B[2][3]                            0.00 
_refine.solvent_model_details                    'FLAT MODEL' 
_refine.solvent_model_param_ksol                 0.39033 
_refine.solvent_model_param_bsol                 43.9384 
_refine.pdbx_solvent_vdw_probe_radii             ? 
_refine.pdbx_solvent_ion_probe_radii             ? 
_refine.pdbx_solvent_shrinkage_radii             ? 
_refine.pdbx_ls_cross_valid_method               THROUGHOUT 
_refine.details                                  ? 
_refine.pdbx_starting_model                      ? 
_refine.pdbx_method_to_determine_struct          MAD 
_refine.pdbx_isotropic_thermal_model             RESTRAINED 
_refine.pdbx_stereochemistry_target_values       ? 
_refine.pdbx_stereochem_target_val_spec_case     ? 
_refine.pdbx_R_Free_selection_details            RANDOM 
_refine.pdbx_overall_ESU_R                       ? 
_refine.pdbx_overall_ESU_R_Free                  ? 
_refine.overall_SU_ML                            ? 
_refine.overall_SU_B                             ? 
_refine.ls_redundancy_reflns_obs                 ? 
_refine.overall_SU_R_Cruickshank_DPI             ? 
_refine.overall_SU_R_free                        ? 
_refine.ls_wR_factor_R_free                      ? 
_refine.ls_wR_factor_R_work                      ? 
_refine.overall_FOM_free_R_set                   ? 
_refine.overall_FOM_work_R_set                   ? 
_refine.pdbx_refine_id                           'X-RAY DIFFRACTION' 
_refine.pdbx_diffrn_id                           1 
_refine.pdbx_TLS_residual_ADP_flag               ? 
_refine.pdbx_overall_phase_error                 ? 
_refine.pdbx_overall_SU_R_free_Cruickshank_DPI   ? 
_refine.pdbx_overall_SU_R_Blow_DPI               ? 
_refine.pdbx_overall_SU_R_free_Blow_DPI          ? 
# 
_refine_analyze.entry_id                        2FCX 
_refine_analyze.Luzzati_coordinate_error_obs    0.41 
_refine_analyze.Luzzati_sigma_a_obs             0.48 
_refine_analyze.Luzzati_d_res_low_obs           5.00 
_refine_analyze.Luzzati_coordinate_error_free   0.47 
_refine_analyze.Luzzati_sigma_a_free            0.52 
_refine_analyze.Luzzati_d_res_low_free          ? 
_refine_analyze.number_disordered_residues      ? 
_refine_analyze.occupancy_sum_hydrogen          ? 
_refine_analyze.occupancy_sum_non_hydrogen      ? 
_refine_analyze.pdbx_refine_id                  'X-RAY DIFFRACTION' 
# 
_refine_hist.pdbx_refine_id                   'X-RAY DIFFRACTION' 
_refine_hist.cycle_id                         LAST 
_refine_hist.pdbx_number_atoms_protein        0 
_refine_hist.pdbx_number_atoms_nucleic_acid   980 
_refine_hist.pdbx_number_atoms_ligand         48 
_refine_hist.number_atoms_solvent             35 
_refine_hist.number_atoms_total               1063 
_refine_hist.d_res_high                       2.00 
_refine_hist.d_res_low                        36.42 
# 
loop_
_refine_ls_restr.type 
_refine_ls_restr.dev_ideal 
_refine_ls_restr.dev_ideal_target 
_refine_ls_restr.weight 
_refine_ls_restr.number 
_refine_ls_restr.pdbx_refine_id 
_refine_ls_restr.pdbx_restraint_function 
c_bond_d                0.007 ? ? ? 'X-RAY DIFFRACTION' ? 
c_bond_d_na             ?     ? ? ? 'X-RAY DIFFRACTION' ? 
c_bond_d_prot           ?     ? ? ? 'X-RAY DIFFRACTION' ? 
c_angle_d               ?     ? ? ? 'X-RAY DIFFRACTION' ? 
c_angle_d_na            ?     ? ? ? 'X-RAY DIFFRACTION' ? 
c_angle_d_prot          ?     ? ? ? 'X-RAY DIFFRACTION' ? 
c_angle_deg             1.1   ? ? ? 'X-RAY DIFFRACTION' ? 
c_angle_deg_na          ?     ? ? ? 'X-RAY DIFFRACTION' ? 
c_angle_deg_prot        ?     ? ? ? 'X-RAY DIFFRACTION' ? 
c_dihedral_angle_d      12.6  ? ? ? 'X-RAY DIFFRACTION' ? 
c_dihedral_angle_d_na   ?     ? ? ? 'X-RAY DIFFRACTION' ? 
c_dihedral_angle_d_prot ?     ? ? ? 'X-RAY DIFFRACTION' ? 
c_improper_angle_d      1.34  ? ? ? 'X-RAY DIFFRACTION' ? 
c_improper_angle_d_na   ?     ? ? ? 'X-RAY DIFFRACTION' ? 
c_improper_angle_d_prot ?     ? ? ? 'X-RAY DIFFRACTION' ? 
c_mcbond_it             ?     ? ? ? 'X-RAY DIFFRACTION' ? 
c_mcangle_it            ?     ? ? ? 'X-RAY DIFFRACTION' ? 
c_scbond_it             ?     ? ? ? 'X-RAY DIFFRACTION' ? 
c_scangle_it            ?     ? ? ? 'X-RAY DIFFRACTION' ? 
# 
_refine_ls_shell.pdbx_total_number_of_bins_used   6 
_refine_ls_shell.d_res_high                       2.00 
_refine_ls_shell.d_res_low                        2.13 
_refine_ls_shell.number_reflns_R_work             2768 
_refine_ls_shell.R_factor_R_work                  0.412 
_refine_ls_shell.percent_reflns_obs               95.6 
_refine_ls_shell.R_factor_R_free                  0.419 
_refine_ls_shell.R_factor_R_free_error            0.027 
_refine_ls_shell.percent_reflns_R_free            8.2 
_refine_ls_shell.number_reflns_R_free             248 
_refine_ls_shell.number_reflns_all                ? 
_refine_ls_shell.R_factor_all                     ? 
_refine_ls_shell.number_reflns_obs                ? 
_refine_ls_shell.redundancy_reflns_obs            ? 
_refine_ls_shell.pdbx_refine_id                   'X-RAY DIFFRACTION' 
# 
loop_
_pdbx_xplor_file.serial_no 
_pdbx_xplor_file.param_file 
_pdbx_xplor_file.topol_file 
_pdbx_xplor_file.pdbx_refine_id 
1 water_rep.param water.top   'X-RAY DIFFRACTION' 
2 dna-rna.param   dna-rna.top 'X-RAY DIFFRACTION' 
3 ion.param       ion.top     'X-RAY DIFFRACTION' 
4 bru_rep.param   bru.top     'X-RAY DIFFRACTION' 
5 neamine.param   neamine.top 'X-RAY DIFFRACTION' 
# 
_struct.entry_id                  2FCX 
_struct.title                     'HIV-1 DIS kissing-loop in complex with neamine' 
_struct.pdbx_model_details        ? 
_struct.pdbx_CASP_flag            ? 
_struct.pdbx_model_type_details   ? 
# 
_struct_keywords.entry_id        2FCX 
_struct_keywords.pdbx_keywords   RNA 
_struct_keywords.text            'HIV-1, RNA, aminoglycoside, antibiotics' 
# 
loop_
_struct_asym.id 
_struct_asym.pdbx_blank_PDB_chainid_flag 
_struct_asym.pdbx_modified 
_struct_asym.entity_id 
_struct_asym.details 
A N N 1 ? 
B N N 1 ? 
C N N 2 ? 
D N N 2 ? 
E N N 3 ? 
F N N 4 ? 
G N N 2 ? 
H N N 4 ? 
I N N 5 ? 
J N N 5 ? 
# 
_struct_ref.id                         1 
_struct_ref.entity_id                  1 
_struct_ref.db_name                    PDB 
_struct_ref.db_code                    2FCX 
_struct_ref.pdbx_db_accession          2FCX 
_struct_ref.pdbx_db_isoform            ? 
_struct_ref.pdbx_seq_one_letter_code   ? 
_struct_ref.pdbx_align_begin           ? 
# 
loop_
_struct_ref_seq.align_id 
_struct_ref_seq.ref_id 
_struct_ref_seq.pdbx_PDB_id_code 
_struct_ref_seq.pdbx_strand_id 
_struct_ref_seq.seq_align_beg 
_struct_ref_seq.pdbx_seq_align_beg_ins_code 
_struct_ref_seq.seq_align_end 
_struct_ref_seq.pdbx_seq_align_end_ins_code 
_struct_ref_seq.pdbx_db_accession 
_struct_ref_seq.db_align_beg 
_struct_ref_seq.pdbx_db_align_beg_ins_code 
_struct_ref_seq.db_align_end 
_struct_ref_seq.pdbx_db_align_end_ins_code 
_struct_ref_seq.pdbx_auth_seq_align_beg 
_struct_ref_seq.pdbx_auth_seq_align_end 
1 1 2FCX A 1 ? 23 ? 2FCX 1 ? 23 ? 1 23 
2 1 2FCX B 1 ? 23 ? 2FCX 1 ? 23 ? 1 23 
# 
_pdbx_struct_assembly.id                   1 
_pdbx_struct_assembly.details              author_defined_assembly 
_pdbx_struct_assembly.method_details       ? 
_pdbx_struct_assembly.oligomeric_details   dimeric 
_pdbx_struct_assembly.oligomeric_count     2 
# 
_pdbx_struct_assembly_gen.assembly_id       1 
_pdbx_struct_assembly_gen.oper_expression   1 
_pdbx_struct_assembly_gen.asym_id_list      A,B,C,D,E,F,G,H,I,J 
# 
_pdbx_struct_oper_list.id                   1 
_pdbx_struct_oper_list.type                 'identity operation' 
_pdbx_struct_oper_list.name                 1_555 
_pdbx_struct_oper_list.symmetry_operation   x,y,z 
_pdbx_struct_oper_list.matrix[1][1]         1.0000000000 
_pdbx_struct_oper_list.matrix[1][2]         0.0000000000 
_pdbx_struct_oper_list.matrix[1][3]         0.0000000000 
_pdbx_struct_oper_list.vector[1]            0.0000000000 
_pdbx_struct_oper_list.matrix[2][1]         0.0000000000 
_pdbx_struct_oper_list.matrix[2][2]         1.0000000000 
_pdbx_struct_oper_list.matrix[2][3]         0.0000000000 
_pdbx_struct_oper_list.vector[2]            0.0000000000 
_pdbx_struct_oper_list.matrix[3][1]         0.0000000000 
_pdbx_struct_oper_list.matrix[3][2]         0.0000000000 
_pdbx_struct_oper_list.matrix[3][3]         1.0000000000 
_pdbx_struct_oper_list.vector[3]            0.0000000000 
# 
loop_
_struct_conn.id 
_struct_conn.conn_type_id 
_struct_conn.pdbx_leaving_atom_flag 
_struct_conn.pdbx_PDB_id 
_struct_conn.ptnr1_label_asym_id 
_struct_conn.ptnr1_label_comp_id 
_struct_conn.ptnr1_label_seq_id 
_struct_conn.ptnr1_label_atom_id 
_struct_conn.pdbx_ptnr1_label_alt_id 
_struct_conn.pdbx_ptnr1_PDB_ins_code 
_struct_conn.pdbx_ptnr1_standard_comp_id 
_struct_conn.ptnr1_symmetry 
_struct_conn.ptnr2_label_asym_id 
_struct_conn.ptnr2_label_comp_id 
_struct_conn.ptnr2_label_seq_id 
_struct_conn.ptnr2_label_atom_id 
_struct_conn.pdbx_ptnr2_label_alt_id 
_struct_conn.pdbx_ptnr2_PDB_ins_code 
_struct_conn.ptnr1_auth_asym_id 
_struct_conn.ptnr1_auth_comp_id 
_struct_conn.ptnr1_auth_seq_id 
_struct_conn.ptnr2_auth_asym_id 
_struct_conn.ptnr2_auth_comp_id 
_struct_conn.ptnr2_auth_seq_id 
_struct_conn.ptnr2_symmetry 
_struct_conn.pdbx_ptnr3_label_atom_id 
_struct_conn.pdbx_ptnr3_label_seq_id 
_struct_conn.pdbx_ptnr3_label_comp_id 
_struct_conn.pdbx_ptnr3_label_asym_id 
_struct_conn.pdbx_ptnr3_label_alt_id 
_struct_conn.pdbx_ptnr3_PDB_ins_code 
_struct_conn.details 
_struct_conn.pdbx_dist_value 
_struct_conn.pdbx_value_order 
_struct_conn.pdbx_role 
covale1  covale both ? A U   2  "O3'" ? ? ? 1_555 A 5BU 3  P  ? ? A U   2  A 5BU 3   1_555 ? ? ? ? ? ? ?            1.622 ? ? 
covale2  covale both ? A 5BU 3  "O3'" ? ? ? 1_555 A G   4  P  ? ? A 5BU 3  A G   4   1_555 ? ? ? ? ? ? ?            1.614 ? ? 
covale3  covale both ? B U   2  "O3'" ? ? ? 1_555 B 5BU 3  P  ? ? B U   2  B 5BU 3   1_555 ? ? ? ? ? ? ?            1.608 ? ? 
covale4  covale both ? B 5BU 3  "O3'" ? ? ? 1_555 B G   4  P  ? ? B 5BU 3  B G   4   1_555 ? ? ? ? ? ? ?            1.605 ? ? 
metalc1  metalc ?    ? A 5BU 3  O4    ? ? ? 1_555 C K   .  K  ? ? A 5BU 3  A K   24  1_555 ? ? ? ? ? ? ?            2.875 ? ? 
metalc2  metalc ?    ? A G   4  O6    ? ? ? 1_555 C K   .  K  ? ? A G   4  A K   24  1_555 ? ? ? ? ? ? ?            2.734 ? ? 
metalc3  metalc ?    ? A A   8  OP1   ? ? ? 1_555 D K   .  K  ? ? A A   8  A K   25  1_555 ? ? ? ? ? ? ?            2.428 ? ? 
metalc4  metalc ?    ? A A   9  OP2   ? ? ? 1_555 D K   .  K  ? ? A A   9  A K   25  1_555 ? ? ? ? ? ? ?            2.869 ? ? 
metalc5  metalc ?    ? D K   .  K     ? ? ? 1_555 F XXX .  O4 ? ? A K   25 A XXX 101 1_555 ? ? ? ? ? ? ?            3.015 ? ? 
metalc6  metalc ?    ? B 5BU 3  O4    ? ? ? 1_555 G K   .  K  ? ? B 5BU 3  B K   24  1_555 ? ? ? ? ? ? ?            2.716 ? ? 
metalc7  metalc ?    ? B G   4  O6    ? ? ? 1_555 G K   .  K  ? ? B G   4  B K   24  1_555 ? ? ? ? ? ? ?            2.416 ? ? 
metalc8  metalc ?    ? G K   .  K     ? ? ? 1_555 J HOH .  O  ? ? B K   24 B HOH 217 1_555 ? ? ? ? ? ? ?            3.282 ? ? 
hydrog1  hydrog ?    ? A C   1  N3    ? ? ? 1_555 A G   23 N1 ? ? A C   1  A G   23  1_555 ? ? ? ? ? ? WATSON-CRICK ?     ? ? 
hydrog2  hydrog ?    ? A C   1  N4    ? ? ? 1_555 A G   23 O6 ? ? A C   1  A G   23  1_555 ? ? ? ? ? ? WATSON-CRICK ?     ? ? 
hydrog3  hydrog ?    ? A C   1  O2    ? ? ? 1_555 A G   23 N2 ? ? A C   1  A G   23  1_555 ? ? ? ? ? ? WATSON-CRICK ?     ? ? 
hydrog4  hydrog ?    ? A U   2  N3    ? ? ? 1_555 A A   22 N1 ? ? A U   2  A A   22  1_555 ? ? ? ? ? ? WATSON-CRICK ?     ? ? 
hydrog5  hydrog ?    ? A U   2  O4    ? ? ? 1_555 A A   22 N6 ? ? A U   2  A A   22  1_555 ? ? ? ? ? ? WATSON-CRICK ?     ? ? 
hydrog6  hydrog ?    ? A 5BU 3  N3    ? ? ? 1_555 A A   21 N1 ? ? A 5BU 3  A A   21  1_555 ? ? ? ? ? ? WATSON-CRICK ?     ? ? 
hydrog7  hydrog ?    ? A 5BU 3  O4    ? ? ? 1_555 A A   21 N6 ? ? A 5BU 3  A A   21  1_555 ? ? ? ? ? ? WATSON-CRICK ?     ? ? 
hydrog8  hydrog ?    ? A G   4  N1    ? ? ? 1_555 A C   20 N3 ? ? A G   4  A C   20  1_555 ? ? ? ? ? ? WATSON-CRICK ?     ? ? 
hydrog9  hydrog ?    ? A G   4  N2    ? ? ? 1_555 A C   20 O2 ? ? A G   4  A C   20  1_555 ? ? ? ? ? ? WATSON-CRICK ?     ? ? 
hydrog10 hydrog ?    ? A G   4  O6    ? ? ? 1_555 A C   20 N4 ? ? A G   4  A C   20  1_555 ? ? ? ? ? ? WATSON-CRICK ?     ? ? 
hydrog11 hydrog ?    ? A C   5  N3    ? ? ? 1_555 A G   19 N1 ? ? A C   5  A G   19  1_555 ? ? ? ? ? ? WATSON-CRICK ?     ? ? 
hydrog12 hydrog ?    ? A C   5  N4    ? ? ? 1_555 A G   19 O6 ? ? A C   5  A G   19  1_555 ? ? ? ? ? ? WATSON-CRICK ?     ? ? 
hydrog13 hydrog ?    ? A C   5  O2    ? ? ? 1_555 A G   19 N2 ? ? A C   5  A G   19  1_555 ? ? ? ? ? ? WATSON-CRICK ?     ? ? 
hydrog14 hydrog ?    ? A U   6  N3    ? ? ? 1_555 A A   18 N1 ? ? A U   6  A A   18  1_555 ? ? ? ? ? ? WATSON-CRICK ?     ? ? 
hydrog15 hydrog ?    ? A U   6  O4    ? ? ? 1_555 A A   18 N6 ? ? A U   6  A A   18  1_555 ? ? ? ? ? ? WATSON-CRICK ?     ? ? 
hydrog16 hydrog ?    ? A G   7  N1    ? ? ? 1_555 A C   17 N3 ? ? A G   7  A C   17  1_555 ? ? ? ? ? ? WATSON-CRICK ?     ? ? 
hydrog17 hydrog ?    ? A G   7  N2    ? ? ? 1_555 A C   17 O2 ? ? A G   7  A C   17  1_555 ? ? ? ? ? ? WATSON-CRICK ?     ? ? 
hydrog18 hydrog ?    ? A G   7  O6    ? ? ? 1_555 A C   17 N4 ? ? A G   7  A C   17  1_555 ? ? ? ? ? ? WATSON-CRICK ?     ? ? 
hydrog19 hydrog ?    ? A G   10 N1    ? ? ? 1_555 B C   15 N3 ? ? A G   10 B C   15  1_555 ? ? ? ? ? ? WATSON-CRICK ?     ? ? 
hydrog20 hydrog ?    ? A G   10 N2    ? ? ? 1_555 B C   15 O2 ? ? A G   10 B C   15  1_555 ? ? ? ? ? ? WATSON-CRICK ?     ? ? 
hydrog21 hydrog ?    ? A G   10 O6    ? ? ? 1_555 B C   15 N4 ? ? A G   10 B C   15  1_555 ? ? ? ? ? ? WATSON-CRICK ?     ? ? 
hydrog22 hydrog ?    ? A U   11 N3    ? ? ? 1_555 B A   14 N1 ? ? A U   11 B A   14  1_555 ? ? ? ? ? ? WATSON-CRICK ?     ? ? 
hydrog23 hydrog ?    ? A U   11 O4    ? ? ? 1_555 B A   14 N6 ? ? A U   11 B A   14  1_555 ? ? ? ? ? ? WATSON-CRICK ?     ? ? 
hydrog24 hydrog ?    ? A G   12 N1    ? ? ? 1_555 B C   13 N3 ? ? A G   12 B C   13  1_555 ? ? ? ? ? ? WATSON-CRICK ?     ? ? 
hydrog25 hydrog ?    ? A G   12 N2    ? ? ? 1_555 B C   13 O2 ? ? A G   12 B C   13  1_555 ? ? ? ? ? ? WATSON-CRICK ?     ? ? 
hydrog26 hydrog ?    ? A G   12 O6    ? ? ? 1_555 B C   13 N4 ? ? A G   12 B C   13  1_555 ? ? ? ? ? ? WATSON-CRICK ?     ? ? 
hydrog27 hydrog ?    ? A C   13 N3    ? ? ? 1_555 B G   12 N1 ? ? A C   13 B G   12  1_555 ? ? ? ? ? ? WATSON-CRICK ?     ? ? 
hydrog28 hydrog ?    ? A C   13 N4    ? ? ? 1_555 B G   12 O6 ? ? A C   13 B G   12  1_555 ? ? ? ? ? ? WATSON-CRICK ?     ? ? 
hydrog29 hydrog ?    ? A C   13 O2    ? ? ? 1_555 B G   12 N2 ? ? A C   13 B G   12  1_555 ? ? ? ? ? ? WATSON-CRICK ?     ? ? 
hydrog30 hydrog ?    ? A A   14 N1    ? ? ? 1_555 B U   11 N3 ? ? A A   14 B U   11  1_555 ? ? ? ? ? ? WATSON-CRICK ?     ? ? 
hydrog31 hydrog ?    ? A A   14 N6    ? ? ? 1_555 B U   11 O4 ? ? A A   14 B U   11  1_555 ? ? ? ? ? ? WATSON-CRICK ?     ? ? 
hydrog32 hydrog ?    ? A C   15 N3    ? ? ? 1_555 B G   10 N1 ? ? A C   15 B G   10  1_555 ? ? ? ? ? ? WATSON-CRICK ?     ? ? 
hydrog33 hydrog ?    ? A C   15 N4    ? ? ? 1_555 B G   10 O6 ? ? A C   15 B G   10  1_555 ? ? ? ? ? ? WATSON-CRICK ?     ? ? 
hydrog34 hydrog ?    ? A C   15 O2    ? ? ? 1_555 B G   10 N2 ? ? A C   15 B G   10  1_555 ? ? ? ? ? ? WATSON-CRICK ?     ? ? 
hydrog35 hydrog ?    ? B C   1  N3    ? ? ? 1_555 B G   23 N1 ? ? B C   1  B G   23  1_555 ? ? ? ? ? ? WATSON-CRICK ?     ? ? 
hydrog36 hydrog ?    ? B C   1  N4    ? ? ? 1_555 B G   23 O6 ? ? B C   1  B G   23  1_555 ? ? ? ? ? ? WATSON-CRICK ?     ? ? 
hydrog37 hydrog ?    ? B C   1  O2    ? ? ? 1_555 B G   23 N2 ? ? B C   1  B G   23  1_555 ? ? ? ? ? ? WATSON-CRICK ?     ? ? 
hydrog38 hydrog ?    ? B U   2  N3    ? ? ? 1_555 B A   22 N1 ? ? B U   2  B A   22  1_555 ? ? ? ? ? ? WATSON-CRICK ?     ? ? 
hydrog39 hydrog ?    ? B U   2  O4    ? ? ? 1_555 B A   22 N6 ? ? B U   2  B A   22  1_555 ? ? ? ? ? ? WATSON-CRICK ?     ? ? 
hydrog40 hydrog ?    ? B 5BU 3  N3    ? ? ? 1_555 B A   21 N1 ? ? B 5BU 3  B A   21  1_555 ? ? ? ? ? ? WATSON-CRICK ?     ? ? 
hydrog41 hydrog ?    ? B 5BU 3  O4    ? ? ? 1_555 B A   21 N6 ? ? B 5BU 3  B A   21  1_555 ? ? ? ? ? ? WATSON-CRICK ?     ? ? 
hydrog42 hydrog ?    ? B G   4  N1    ? ? ? 1_555 B C   20 N3 ? ? B G   4  B C   20  1_555 ? ? ? ? ? ? WATSON-CRICK ?     ? ? 
hydrog43 hydrog ?    ? B G   4  N2    ? ? ? 1_555 B C   20 O2 ? ? B G   4  B C   20  1_555 ? ? ? ? ? ? WATSON-CRICK ?     ? ? 
hydrog44 hydrog ?    ? B G   4  O6    ? ? ? 1_555 B C   20 N4 ? ? B G   4  B C   20  1_555 ? ? ? ? ? ? WATSON-CRICK ?     ? ? 
hydrog45 hydrog ?    ? B C   5  N3    ? ? ? 1_555 B G   19 N1 ? ? B C   5  B G   19  1_555 ? ? ? ? ? ? WATSON-CRICK ?     ? ? 
hydrog46 hydrog ?    ? B C   5  N4    ? ? ? 1_555 B G   19 O6 ? ? B C   5  B G   19  1_555 ? ? ? ? ? ? WATSON-CRICK ?     ? ? 
hydrog47 hydrog ?    ? B C   5  O2    ? ? ? 1_555 B G   19 N2 ? ? B C   5  B G   19  1_555 ? ? ? ? ? ? WATSON-CRICK ?     ? ? 
hydrog48 hydrog ?    ? B U   6  N3    ? ? ? 1_555 B A   18 N1 ? ? B U   6  B A   18  1_555 ? ? ? ? ? ? WATSON-CRICK ?     ? ? 
hydrog49 hydrog ?    ? B U   6  O4    ? ? ? 1_555 B A   18 N6 ? ? B U   6  B A   18  1_555 ? ? ? ? ? ? WATSON-CRICK ?     ? ? 
hydrog50 hydrog ?    ? B G   7  N1    ? ? ? 1_555 B C   17 N3 ? ? B G   7  B C   17  1_555 ? ? ? ? ? ? WATSON-CRICK ?     ? ? 
hydrog51 hydrog ?    ? B G   7  N2    ? ? ? 1_555 B C   17 O2 ? ? B G   7  B C   17  1_555 ? ? ? ? ? ? WATSON-CRICK ?     ? ? 
hydrog52 hydrog ?    ? B G   7  O6    ? ? ? 1_555 B C   17 N4 ? ? B G   7  B C   17  1_555 ? ? ? ? ? ? WATSON-CRICK ?     ? ? 
# 
loop_
_struct_conn_type.id 
_struct_conn_type.criteria 
_struct_conn_type.reference 
covale ? ? 
metalc ? ? 
hydrog ? ? 
# 
loop_
_pdbx_struct_conn_angle.id 
_pdbx_struct_conn_angle.ptnr1_label_atom_id 
_pdbx_struct_conn_angle.ptnr1_label_alt_id 
_pdbx_struct_conn_angle.ptnr1_label_asym_id 
_pdbx_struct_conn_angle.ptnr1_label_comp_id 
_pdbx_struct_conn_angle.ptnr1_label_seq_id 
_pdbx_struct_conn_angle.ptnr1_auth_atom_id 
_pdbx_struct_conn_angle.ptnr1_auth_asym_id 
_pdbx_struct_conn_angle.ptnr1_auth_comp_id 
_pdbx_struct_conn_angle.ptnr1_auth_seq_id 
_pdbx_struct_conn_angle.ptnr1_PDB_ins_code 
_pdbx_struct_conn_angle.ptnr1_symmetry 
_pdbx_struct_conn_angle.ptnr2_label_atom_id 
_pdbx_struct_conn_angle.ptnr2_label_alt_id 
_pdbx_struct_conn_angle.ptnr2_label_asym_id 
_pdbx_struct_conn_angle.ptnr2_label_comp_id 
_pdbx_struct_conn_angle.ptnr2_label_seq_id 
_pdbx_struct_conn_angle.ptnr2_auth_atom_id 
_pdbx_struct_conn_angle.ptnr2_auth_asym_id 
_pdbx_struct_conn_angle.ptnr2_auth_comp_id 
_pdbx_struct_conn_angle.ptnr2_auth_seq_id 
_pdbx_struct_conn_angle.ptnr2_PDB_ins_code 
_pdbx_struct_conn_angle.ptnr2_symmetry 
_pdbx_struct_conn_angle.ptnr3_label_atom_id 
_pdbx_struct_conn_angle.ptnr3_label_alt_id 
_pdbx_struct_conn_angle.ptnr3_label_asym_id 
_pdbx_struct_conn_angle.ptnr3_label_comp_id 
_pdbx_struct_conn_angle.ptnr3_label_seq_id 
_pdbx_struct_conn_angle.ptnr3_auth_atom_id 
_pdbx_struct_conn_angle.ptnr3_auth_asym_id 
_pdbx_struct_conn_angle.ptnr3_auth_comp_id 
_pdbx_struct_conn_angle.ptnr3_auth_seq_id 
_pdbx_struct_conn_angle.ptnr3_PDB_ins_code 
_pdbx_struct_conn_angle.ptnr3_symmetry 
_pdbx_struct_conn_angle.value 
_pdbx_struct_conn_angle.value_esd 
1 O4  ? A 5BU 3 ? A 5BU 3 ? 1_555 K ? C K . ? A K 24 ? 1_555 O6  ? A G   4 ? A G   4   ? 1_555 74.5  ? 
2 OP1 ? A A   8 ? A A   8 ? 1_555 K ? D K . ? A K 25 ? 1_555 OP2 ? A A   9 ? A A   9   ? 1_555 95.3  ? 
3 OP1 ? A A   8 ? A A   8 ? 1_555 K ? D K . ? A K 25 ? 1_555 O4  ? F XXX . ? A XXX 101 ? 1_555 82.0  ? 
4 OP2 ? A A   9 ? A A   9 ? 1_555 K ? D K . ? A K 25 ? 1_555 O4  ? F XXX . ? A XXX 101 ? 1_555 124.1 ? 
5 O4  ? B 5BU 3 ? B 5BU 3 ? 1_555 K ? G K . ? B K 24 ? 1_555 O6  ? B G   4 ? B G   4   ? 1_555 94.0  ? 
6 O4  ? B 5BU 3 ? B 5BU 3 ? 1_555 K ? G K . ? B K 24 ? 1_555 O   ? J HOH . ? B HOH 217 ? 1_555 57.5  ? 
7 O6  ? B G   4 ? B G   4 ? 1_555 K ? G K . ? B K 24 ? 1_555 O   ? J HOH . ? B HOH 217 ? 1_555 104.9 ? 
# 
_pdbx_validate_planes.id              1 
_pdbx_validate_planes.PDB_model_num   1 
_pdbx_validate_planes.auth_comp_id    A 
_pdbx_validate_planes.auth_asym_id    A 
_pdbx_validate_planes.auth_seq_id     9 
_pdbx_validate_planes.PDB_ins_code    ? 
_pdbx_validate_planes.label_alt_id    ? 
_pdbx_validate_planes.rmsd            0.058 
_pdbx_validate_planes.type            'SIDE CHAIN' 
# 
loop_
_pdbx_struct_mod_residue.id 
_pdbx_struct_mod_residue.label_asym_id 
_pdbx_struct_mod_residue.label_comp_id 
_pdbx_struct_mod_residue.label_seq_id 
_pdbx_struct_mod_residue.auth_asym_id 
_pdbx_struct_mod_residue.auth_comp_id 
_pdbx_struct_mod_residue.auth_seq_id 
_pdbx_struct_mod_residue.PDB_ins_code 
_pdbx_struct_mod_residue.parent_comp_id 
_pdbx_struct_mod_residue.details 
1 A 5BU 3 A 5BU 3 ? U "5-BROMO-URIDINE-5'-MONOPHOSPHATE" 
2 B 5BU 3 B 5BU 3 ? U "5-BROMO-URIDINE-5'-MONOPHOSPHATE" 
# 
loop_
_chem_comp_atom.comp_id 
_chem_comp_atom.atom_id 
_chem_comp_atom.type_symbol 
_chem_comp_atom.pdbx_aromatic_flag 
_chem_comp_atom.pdbx_stereo_config 
_chem_comp_atom.pdbx_ordinal 
5BU P      P  N N 1   
5BU OP1    O  N N 2   
5BU OP2    O  N N 3   
5BU OP3    O  N N 4   
5BU "O5'"  O  N N 5   
5BU "C5'"  C  N N 6   
5BU "C4'"  C  N R 7   
5BU "O4'"  O  N N 8   
5BU "C3'"  C  N S 9   
5BU "O3'"  O  N N 10  
5BU "C2'"  C  N R 11  
5BU "O2'"  O  N N 12  
5BU "C1'"  C  N R 13  
5BU N1     N  N N 14  
5BU C2     C  N N 15  
5BU O2     O  N N 16  
5BU N3     N  N N 17  
5BU C4     C  N N 18  
5BU O4     O  N N 19  
5BU C5     C  N N 20  
5BU C6     C  N N 21  
5BU BR     BR N N 22  
5BU HOP2   H  N N 23  
5BU HOP3   H  N N 24  
5BU "H5'"  H  N N 25  
5BU "H5''" H  N N 26  
5BU "H4'"  H  N N 27  
5BU "H3'"  H  N N 28  
5BU "HO3'" H  N N 29  
5BU "H2'"  H  N N 30  
5BU "HO2'" H  N N 31  
5BU "H1'"  H  N N 32  
5BU H3     H  N N 33  
5BU H6     H  N N 34  
A   OP3    O  N N 35  
A   P      P  N N 36  
A   OP1    O  N N 37  
A   OP2    O  N N 38  
A   "O5'"  O  N N 39  
A   "C5'"  C  N N 40  
A   "C4'"  C  N R 41  
A   "O4'"  O  N N 42  
A   "C3'"  C  N S 43  
A   "O3'"  O  N N 44  
A   "C2'"  C  N R 45  
A   "O2'"  O  N N 46  
A   "C1'"  C  N R 47  
A   N9     N  Y N 48  
A   C8     C  Y N 49  
A   N7     N  Y N 50  
A   C5     C  Y N 51  
A   C6     C  Y N 52  
A   N6     N  N N 53  
A   N1     N  Y N 54  
A   C2     C  Y N 55  
A   N3     N  Y N 56  
A   C4     C  Y N 57  
A   HOP3   H  N N 58  
A   HOP2   H  N N 59  
A   "H5'"  H  N N 60  
A   "H5''" H  N N 61  
A   "H4'"  H  N N 62  
A   "H3'"  H  N N 63  
A   "HO3'" H  N N 64  
A   "H2'"  H  N N 65  
A   "HO2'" H  N N 66  
A   "H1'"  H  N N 67  
A   H8     H  N N 68  
A   H61    H  N N 69  
A   H62    H  N N 70  
A   H2     H  N N 71  
C   OP3    O  N N 72  
C   P      P  N N 73  
C   OP1    O  N N 74  
C   OP2    O  N N 75  
C   "O5'"  O  N N 76  
C   "C5'"  C  N N 77  
C   "C4'"  C  N R 78  
C   "O4'"  O  N N 79  
C   "C3'"  C  N S 80  
C   "O3'"  O  N N 81  
C   "C2'"  C  N R 82  
C   "O2'"  O  N N 83  
C   "C1'"  C  N R 84  
C   N1     N  N N 85  
C   C2     C  N N 86  
C   O2     O  N N 87  
C   N3     N  N N 88  
C   C4     C  N N 89  
C   N4     N  N N 90  
C   C5     C  N N 91  
C   C6     C  N N 92  
C   HOP3   H  N N 93  
C   HOP2   H  N N 94  
C   "H5'"  H  N N 95  
C   "H5''" H  N N 96  
C   "H4'"  H  N N 97  
C   "H3'"  H  N N 98  
C   "HO3'" H  N N 99  
C   "H2'"  H  N N 100 
C   "HO2'" H  N N 101 
C   "H1'"  H  N N 102 
C   H41    H  N N 103 
C   H42    H  N N 104 
C   H5     H  N N 105 
C   H6     H  N N 106 
CL  CL     CL N N 107 
G   OP3    O  N N 108 
G   P      P  N N 109 
G   OP1    O  N N 110 
G   OP2    O  N N 111 
G   "O5'"  O  N N 112 
G   "C5'"  C  N N 113 
G   "C4'"  C  N R 114 
G   "O4'"  O  N N 115 
G   "C3'"  C  N S 116 
G   "O3'"  O  N N 117 
G   "C2'"  C  N R 118 
G   "O2'"  O  N N 119 
G   "C1'"  C  N R 120 
G   N9     N  Y N 121 
G   C8     C  Y N 122 
G   N7     N  Y N 123 
G   C5     C  Y N 124 
G   C6     C  N N 125 
G   O6     O  N N 126 
G   N1     N  N N 127 
G   C2     C  N N 128 
G   N2     N  N N 129 
G   N3     N  N N 130 
G   C4     C  Y N 131 
G   HOP3   H  N N 132 
G   HOP2   H  N N 133 
G   "H5'"  H  N N 134 
G   "H5''" H  N N 135 
G   "H4'"  H  N N 136 
G   "H3'"  H  N N 137 
G   "HO3'" H  N N 138 
G   "H2'"  H  N N 139 
G   "HO2'" H  N N 140 
G   "H1'"  H  N N 141 
G   H8     H  N N 142 
G   H1     H  N N 143 
G   H21    H  N N 144 
G   H22    H  N N 145 
HOH O      O  N N 146 
HOH H1     H  N N 147 
HOH H2     H  N N 148 
K   K      K  N N 149 
U   OP3    O  N N 150 
U   P      P  N N 151 
U   OP1    O  N N 152 
U   OP2    O  N N 153 
U   "O5'"  O  N N 154 
U   "C5'"  C  N N 155 
U   "C4'"  C  N R 156 
U   "O4'"  O  N N 157 
U   "C3'"  C  N S 158 
U   "O3'"  O  N N 159 
U   "C2'"  C  N R 160 
U   "O2'"  O  N N 161 
U   "C1'"  C  N R 162 
U   N1     N  N N 163 
U   C2     C  N N 164 
U   O2     O  N N 165 
U   N3     N  N N 166 
U   C4     C  N N 167 
U   O4     O  N N 168 
U   C5     C  N N 169 
U   C6     C  N N 170 
U   HOP3   H  N N 171 
U   HOP2   H  N N 172 
U   "H5'"  H  N N 173 
U   "H5''" H  N N 174 
U   "H4'"  H  N N 175 
U   "H3'"  H  N N 176 
U   "HO3'" H  N N 177 
U   "H2'"  H  N N 178 
U   "HO2'" H  N N 179 
U   "H1'"  H  N N 180 
U   H3     H  N N 181 
U   H5     H  N N 182 
U   H6     H  N N 183 
XXX O3A    O  N N 184 
XXX C4A    C  N R 185 
XXX C5A    C  N S 186 
XXX O4A    O  N N 187 
XXX C6A    C  N R 188 
XXX N1     N  N N 189 
XXX C7     C  N N 190 
XXX C8     C  N S 191 
XXX N2     N  N N 192 
XXX C9     C  N R 193 
XXX O1     O  N N 194 
XXX C1     C  N R 195 
XXX O5     O  N N 196 
XXX C5     C  N R 197 
XXX C6     C  N N 198 
XXX N3     N  N N 199 
XXX C4     C  N S 200 
XXX O4     O  N N 201 
XXX C3     C  N R 202 
XXX O3     O  N N 203 
XXX C2     C  N R 204 
XXX N4     N  N N 205 
XXX HO3A   H  N N 206 
XXX H4A    H  N N 207 
XXX H5A    H  N N 208 
XXX HO4A   H  N N 209 
XXX H6     H  N N 210 
XXX HN11   H  N N 211 
XXX HN12   H  N N 212 
XXX H71    H  N N 213 
XXX H72    H  N N 214 
XXX H8     H  N N 215 
XXX HN21   H  N N 216 
XXX HN22   H  N N 217 
XXX H9     H  N N 218 
XXX H1     H  N N 219 
XXX H5     H  N N 220 
XXX H61    H  N N 221 
XXX H62    H  N N 222 
XXX HN31   H  N N 223 
XXX HN32   H  N N 224 
XXX H4     H  N N 225 
XXX HO4    H  N N 226 
XXX H3     H  N N 227 
XXX HO3    H  N N 228 
XXX H2     H  N N 229 
XXX HN41   H  N N 230 
XXX HN42   H  N N 231 
# 
loop_
_chem_comp_bond.comp_id 
_chem_comp_bond.atom_id_1 
_chem_comp_bond.atom_id_2 
_chem_comp_bond.value_order 
_chem_comp_bond.pdbx_aromatic_flag 
_chem_comp_bond.pdbx_stereo_config 
_chem_comp_bond.pdbx_ordinal 
5BU P     OP1    doub N N 1   
5BU P     OP2    sing N N 2   
5BU P     OP3    sing N N 3   
5BU P     "O5'"  sing N N 4   
5BU OP2   HOP2   sing N N 5   
5BU OP3   HOP3   sing N N 6   
5BU "O5'" "C5'"  sing N N 7   
5BU "C5'" "C4'"  sing N N 8   
5BU "C5'" "H5'"  sing N N 9   
5BU "C5'" "H5''" sing N N 10  
5BU "C4'" "O4'"  sing N N 11  
5BU "C4'" "C3'"  sing N N 12  
5BU "C4'" "H4'"  sing N N 13  
5BU "O4'" "C1'"  sing N N 14  
5BU "C3'" "O3'"  sing N N 15  
5BU "C3'" "C2'"  sing N N 16  
5BU "C3'" "H3'"  sing N N 17  
5BU "O3'" "HO3'" sing N N 18  
5BU "C2'" "O2'"  sing N N 19  
5BU "C2'" "C1'"  sing N N 20  
5BU "C2'" "H2'"  sing N N 21  
5BU "O2'" "HO2'" sing N N 22  
5BU "C1'" N1     sing N N 23  
5BU "C1'" "H1'"  sing N N 24  
5BU N1    C2     sing N N 25  
5BU N1    C6     sing N N 26  
5BU C2    O2     doub N N 27  
5BU C2    N3     sing N N 28  
5BU N3    C4     sing N N 29  
5BU N3    H3     sing N N 30  
5BU C4    O4     doub N N 31  
5BU C4    C5     sing N N 32  
5BU C5    C6     doub N N 33  
5BU C5    BR     sing N N 34  
5BU C6    H6     sing N N 35  
A   OP3   P      sing N N 36  
A   OP3   HOP3   sing N N 37  
A   P     OP1    doub N N 38  
A   P     OP2    sing N N 39  
A   P     "O5'"  sing N N 40  
A   OP2   HOP2   sing N N 41  
A   "O5'" "C5'"  sing N N 42  
A   "C5'" "C4'"  sing N N 43  
A   "C5'" "H5'"  sing N N 44  
A   "C5'" "H5''" sing N N 45  
A   "C4'" "O4'"  sing N N 46  
A   "C4'" "C3'"  sing N N 47  
A   "C4'" "H4'"  sing N N 48  
A   "O4'" "C1'"  sing N N 49  
A   "C3'" "O3'"  sing N N 50  
A   "C3'" "C2'"  sing N N 51  
A   "C3'" "H3'"  sing N N 52  
A   "O3'" "HO3'" sing N N 53  
A   "C2'" "O2'"  sing N N 54  
A   "C2'" "C1'"  sing N N 55  
A   "C2'" "H2'"  sing N N 56  
A   "O2'" "HO2'" sing N N 57  
A   "C1'" N9     sing N N 58  
A   "C1'" "H1'"  sing N N 59  
A   N9    C8     sing Y N 60  
A   N9    C4     sing Y N 61  
A   C8    N7     doub Y N 62  
A   C8    H8     sing N N 63  
A   N7    C5     sing Y N 64  
A   C5    C6     sing Y N 65  
A   C5    C4     doub Y N 66  
A   C6    N6     sing N N 67  
A   C6    N1     doub Y N 68  
A   N6    H61    sing N N 69  
A   N6    H62    sing N N 70  
A   N1    C2     sing Y N 71  
A   C2    N3     doub Y N 72  
A   C2    H2     sing N N 73  
A   N3    C4     sing Y N 74  
C   OP3   P      sing N N 75  
C   OP3   HOP3   sing N N 76  
C   P     OP1    doub N N 77  
C   P     OP2    sing N N 78  
C   P     "O5'"  sing N N 79  
C   OP2   HOP2   sing N N 80  
C   "O5'" "C5'"  sing N N 81  
C   "C5'" "C4'"  sing N N 82  
C   "C5'" "H5'"  sing N N 83  
C   "C5'" "H5''" sing N N 84  
C   "C4'" "O4'"  sing N N 85  
C   "C4'" "C3'"  sing N N 86  
C   "C4'" "H4'"  sing N N 87  
C   "O4'" "C1'"  sing N N 88  
C   "C3'" "O3'"  sing N N 89  
C   "C3'" "C2'"  sing N N 90  
C   "C3'" "H3'"  sing N N 91  
C   "O3'" "HO3'" sing N N 92  
C   "C2'" "O2'"  sing N N 93  
C   "C2'" "C1'"  sing N N 94  
C   "C2'" "H2'"  sing N N 95  
C   "O2'" "HO2'" sing N N 96  
C   "C1'" N1     sing N N 97  
C   "C1'" "H1'"  sing N N 98  
C   N1    C2     sing N N 99  
C   N1    C6     sing N N 100 
C   C2    O2     doub N N 101 
C   C2    N3     sing N N 102 
C   N3    C4     doub N N 103 
C   C4    N4     sing N N 104 
C   C4    C5     sing N N 105 
C   N4    H41    sing N N 106 
C   N4    H42    sing N N 107 
C   C5    C6     doub N N 108 
C   C5    H5     sing N N 109 
C   C6    H6     sing N N 110 
G   OP3   P      sing N N 111 
G   OP3   HOP3   sing N N 112 
G   P     OP1    doub N N 113 
G   P     OP2    sing N N 114 
G   P     "O5'"  sing N N 115 
G   OP2   HOP2   sing N N 116 
G   "O5'" "C5'"  sing N N 117 
G   "C5'" "C4'"  sing N N 118 
G   "C5'" "H5'"  sing N N 119 
G   "C5'" "H5''" sing N N 120 
G   "C4'" "O4'"  sing N N 121 
G   "C4'" "C3'"  sing N N 122 
G   "C4'" "H4'"  sing N N 123 
G   "O4'" "C1'"  sing N N 124 
G   "C3'" "O3'"  sing N N 125 
G   "C3'" "C2'"  sing N N 126 
G   "C3'" "H3'"  sing N N 127 
G   "O3'" "HO3'" sing N N 128 
G   "C2'" "O2'"  sing N N 129 
G   "C2'" "C1'"  sing N N 130 
G   "C2'" "H2'"  sing N N 131 
G   "O2'" "HO2'" sing N N 132 
G   "C1'" N9     sing N N 133 
G   "C1'" "H1'"  sing N N 134 
G   N9    C8     sing Y N 135 
G   N9    C4     sing Y N 136 
G   C8    N7     doub Y N 137 
G   C8    H8     sing N N 138 
G   N7    C5     sing Y N 139 
G   C5    C6     sing N N 140 
G   C5    C4     doub Y N 141 
G   C6    O6     doub N N 142 
G   C6    N1     sing N N 143 
G   N1    C2     sing N N 144 
G   N1    H1     sing N N 145 
G   C2    N2     sing N N 146 
G   C2    N3     doub N N 147 
G   N2    H21    sing N N 148 
G   N2    H22    sing N N 149 
G   N3    C4     sing N N 150 
HOH O     H1     sing N N 151 
HOH O     H2     sing N N 152 
U   OP3   P      sing N N 153 
U   OP3   HOP3   sing N N 154 
U   P     OP1    doub N N 155 
U   P     OP2    sing N N 156 
U   P     "O5'"  sing N N 157 
U   OP2   HOP2   sing N N 158 
U   "O5'" "C5'"  sing N N 159 
U   "C5'" "C4'"  sing N N 160 
U   "C5'" "H5'"  sing N N 161 
U   "C5'" "H5''" sing N N 162 
U   "C4'" "O4'"  sing N N 163 
U   "C4'" "C3'"  sing N N 164 
U   "C4'" "H4'"  sing N N 165 
U   "O4'" "C1'"  sing N N 166 
U   "C3'" "O3'"  sing N N 167 
U   "C3'" "C2'"  sing N N 168 
U   "C3'" "H3'"  sing N N 169 
U   "O3'" "HO3'" sing N N 170 
U   "C2'" "O2'"  sing N N 171 
U   "C2'" "C1'"  sing N N 172 
U   "C2'" "H2'"  sing N N 173 
U   "O2'" "HO2'" sing N N 174 
U   "C1'" N1     sing N N 175 
U   "C1'" "H1'"  sing N N 176 
U   N1    C2     sing N N 177 
U   N1    C6     sing N N 178 
U   C2    O2     doub N N 179 
U   C2    N3     sing N N 180 
U   N3    C4     sing N N 181 
U   N3    H3     sing N N 182 
U   C4    O4     doub N N 183 
U   C4    C5     sing N N 184 
U   C5    C6     doub N N 185 
U   C5    H5     sing N N 186 
U   C6    H6     sing N N 187 
XXX O3A   C4A    sing N N 188 
XXX O3A   HO3A   sing N N 189 
XXX C4A   C5A    sing N N 190 
XXX C4A   C9     sing N N 191 
XXX C4A   H4A    sing N N 192 
XXX C5A   O4A    sing N N 193 
XXX C5A   C6A    sing N N 194 
XXX C5A   H5A    sing N N 195 
XXX O4A   HO4A   sing N N 196 
XXX C6A   N1     sing N N 197 
XXX C6A   C7     sing N N 198 
XXX C6A   H6     sing N N 199 
XXX N1    HN11   sing N N 200 
XXX N1    HN12   sing N N 201 
XXX C7    C8     sing N N 202 
XXX C7    H71    sing N N 203 
XXX C7    H72    sing N N 204 
XXX C8    N2     sing N N 205 
XXX C8    C9     sing N N 206 
XXX C8    H8     sing N N 207 
XXX N2    HN21   sing N N 208 
XXX N2    HN22   sing N N 209 
XXX C9    O1     sing N N 210 
XXX C9    H9     sing N N 211 
XXX O1    C1     sing N N 212 
XXX C1    O5     sing N N 213 
XXX C1    C2     sing N N 214 
XXX C1    H1     sing N N 215 
XXX O5    C5     sing N N 216 
XXX C5    C6     sing N N 217 
XXX C5    C4     sing N N 218 
XXX C5    H5     sing N N 219 
XXX C6    N3     sing N N 220 
XXX C6    H61    sing N N 221 
XXX C6    H62    sing N N 222 
XXX N3    HN31   sing N N 223 
XXX N3    HN32   sing N N 224 
XXX C4    O4     sing N N 225 
XXX C4    C3     sing N N 226 
XXX C4    H4     sing N N 227 
XXX O4    HO4    sing N N 228 
XXX C3    O3     sing N N 229 
XXX C3    C2     sing N N 230 
XXX C3    H3     sing N N 231 
XXX O3    HO3    sing N N 232 
XXX C2    N4     sing N N 233 
XXX C2    H2     sing N N 234 
XXX N4    HN41   sing N N 235 
XXX N4    HN42   sing N N 236 
# 
_ndb_struct_conf_na.entry_id   2FCX 
_ndb_struct_conf_na.feature    'a-form double helix' 
# 
loop_
_ndb_struct_na_base_pair.model_number 
_ndb_struct_na_base_pair.i_label_asym_id 
_ndb_struct_na_base_pair.i_label_comp_id 
_ndb_struct_na_base_pair.i_label_seq_id 
_ndb_struct_na_base_pair.i_symmetry 
_ndb_struct_na_base_pair.j_label_asym_id 
_ndb_struct_na_base_pair.j_label_comp_id 
_ndb_struct_na_base_pair.j_label_seq_id 
_ndb_struct_na_base_pair.j_symmetry 
_ndb_struct_na_base_pair.shear 
_ndb_struct_na_base_pair.stretch 
_ndb_struct_na_base_pair.stagger 
_ndb_struct_na_base_pair.buckle 
_ndb_struct_na_base_pair.propeller 
_ndb_struct_na_base_pair.opening 
_ndb_struct_na_base_pair.pair_number 
_ndb_struct_na_base_pair.pair_name 
_ndb_struct_na_base_pair.i_auth_asym_id 
_ndb_struct_na_base_pair.i_auth_seq_id 
_ndb_struct_na_base_pair.i_PDB_ins_code 
_ndb_struct_na_base_pair.j_auth_asym_id 
_ndb_struct_na_base_pair.j_auth_seq_id 
_ndb_struct_na_base_pair.j_PDB_ins_code 
_ndb_struct_na_base_pair.hbond_type_28 
_ndb_struct_na_base_pair.hbond_type_12 
1 A C   1  1_555 A G 23 1_555 -0.014 -0.312 -0.148 7.707   -18.007 2.250  1  A_C1:G23_A   A 1  ? A 23 ? 19 1 
1 A U   2  1_555 A A 22 1_555 0.052  -0.335 0.280  3.348   -8.669  -5.307 2  A_U2:A22_A   A 2  ? A 22 ? 20 1 
1 A 5BU 3  1_555 A A 21 1_555 0.080  -0.241 0.023  4.259   -17.247 -0.551 3  A_5BU3:A21_A A 3  ? A 21 ? 20 1 
1 A G   4  1_555 A C 20 1_555 -0.297 -0.042 -0.102 -0.555  -8.025  4.508  4  A_G4:C20_A   A 4  ? A 20 ? 19 1 
1 A C   5  1_555 A G 19 1_555 0.299  -0.214 -0.075 2.212   -9.105  1.778  5  A_C5:G19_A   A 5  ? A 19 ? 19 1 
1 A U   6  1_555 A A 18 1_555 -0.079 -0.540 0.590  -6.588  -7.793  0.822  6  A_U6:A18_A   A 6  ? A 18 ? 20 1 
1 A G   7  1_555 A C 17 1_555 -0.183 -0.140 0.024  -6.242  -20.256 1.490  7  A_G7:C17_A   A 7  ? A 17 ? 19 1 
1 A G   10 1_555 B C 15 1_555 -0.543 -0.290 -0.251 -10.075 -6.282  0.336  8  A_G10:C15_B  A 10 ? B 15 ? 19 1 
1 A U   11 1_555 B A 14 1_555 -0.145 -0.273 0.019  -3.207  -5.317  1.889  9  A_U11:A14_B  A 11 ? B 14 ? 20 1 
1 A G   12 1_555 B C 13 1_555 -0.448 -0.279 0.143  -4.243  -5.536  2.807  10 A_G12:C13_B  A 12 ? B 13 ? 19 1 
1 A C   13 1_555 B G 12 1_555 0.313  -0.186 -0.170 5.100   -9.914  2.392  11 A_C13:G12_B  A 13 ? B 12 ? 19 1 
1 A A   14 1_555 B U 11 1_555 0.037  -0.116 0.160  3.205   -6.407  3.346  12 A_A14:U11_B  A 14 ? B 11 ? 20 1 
1 A C   15 1_555 B G 10 1_555 0.717  -0.161 -0.198 5.319   -4.066  -0.511 13 A_C15:G10_B  A 15 ? B 10 ? 19 1 
1 B C   1  1_555 B G 23 1_555 -0.029 -0.178 -0.233 6.241   -15.790 -1.532 14 B_C1:G23_B   B 1  ? B 23 ? 19 1 
1 B U   2  1_555 B A 22 1_555 -0.029 -0.418 -0.005 6.240   -7.755  2.829  15 B_U2:A22_B   B 2  ? B 22 ? 20 1 
1 B 5BU 3  1_555 B A 21 1_555 0.681  -0.597 0.015  1.077   -11.740 -5.171 16 B_5BU3:A21_B B 3  ? B 21 ? 20 1 
1 B G   4  1_555 B C 20 1_555 0.159  -0.270 0.354  0.028   -15.245 2.616  17 B_G4:C20_B   B 4  ? B 20 ? 19 1 
1 B C   5  1_555 B G 19 1_555 0.221  -0.258 0.099  -1.835  -13.771 -0.093 18 B_C5:G19_B   B 5  ? B 19 ? 19 1 
1 B U   6  1_555 B A 18 1_555 -0.164 -0.271 0.300  -2.198  -8.476  2.859  19 B_U6:A18_B   B 6  ? B 18 ? 20 1 
1 B G   7  1_555 B C 17 1_555 0.010  -0.289 0.007  -2.310  -17.363 1.867  20 B_G7:C17_B   B 7  ? B 17 ? 19 1 
# 
loop_
_ndb_struct_na_base_pair_step.model_number 
_ndb_struct_na_base_pair_step.i_label_asym_id_1 
_ndb_struct_na_base_pair_step.i_label_comp_id_1 
_ndb_struct_na_base_pair_step.i_label_seq_id_1 
_ndb_struct_na_base_pair_step.i_symmetry_1 
_ndb_struct_na_base_pair_step.j_label_asym_id_1 
_ndb_struct_na_base_pair_step.j_label_comp_id_1 
_ndb_struct_na_base_pair_step.j_label_seq_id_1 
_ndb_struct_na_base_pair_step.j_symmetry_1 
_ndb_struct_na_base_pair_step.i_label_asym_id_2 
_ndb_struct_na_base_pair_step.i_label_comp_id_2 
_ndb_struct_na_base_pair_step.i_label_seq_id_2 
_ndb_struct_na_base_pair_step.i_symmetry_2 
_ndb_struct_na_base_pair_step.j_label_asym_id_2 
_ndb_struct_na_base_pair_step.j_label_comp_id_2 
_ndb_struct_na_base_pair_step.j_label_seq_id_2 
_ndb_struct_na_base_pair_step.j_symmetry_2 
_ndb_struct_na_base_pair_step.shift 
_ndb_struct_na_base_pair_step.slide 
_ndb_struct_na_base_pair_step.rise 
_ndb_struct_na_base_pair_step.tilt 
_ndb_struct_na_base_pair_step.roll 
_ndb_struct_na_base_pair_step.twist 
_ndb_struct_na_base_pair_step.x_displacement 
_ndb_struct_na_base_pair_step.y_displacement 
_ndb_struct_na_base_pair_step.helical_rise 
_ndb_struct_na_base_pair_step.inclination 
_ndb_struct_na_base_pair_step.tip 
_ndb_struct_na_base_pair_step.helical_twist 
_ndb_struct_na_base_pair_step.step_number 
_ndb_struct_na_base_pair_step.step_name 
_ndb_struct_na_base_pair_step.i_auth_asym_id_1 
_ndb_struct_na_base_pair_step.i_auth_seq_id_1 
_ndb_struct_na_base_pair_step.i_PDB_ins_code_1 
_ndb_struct_na_base_pair_step.j_auth_asym_id_1 
_ndb_struct_na_base_pair_step.j_auth_seq_id_1 
_ndb_struct_na_base_pair_step.j_PDB_ins_code_1 
_ndb_struct_na_base_pair_step.i_auth_asym_id_2 
_ndb_struct_na_base_pair_step.i_auth_seq_id_2 
_ndb_struct_na_base_pair_step.i_PDB_ins_code_2 
_ndb_struct_na_base_pair_step.j_auth_asym_id_2 
_ndb_struct_na_base_pair_step.j_auth_seq_id_2 
_ndb_struct_na_base_pair_step.j_PDB_ins_code_2 
1 A C   1  1_555 A G 23 1_555 A U   2  1_555 A A 22 1_555 -0.443 -0.861 3.494 -4.929 15.954 34.676 -3.358 0.041  2.877 25.051 
7.740  38.375 1  AA_C1U2:A22G23_AA   A 1  ? A 23 ? A 2  ? A 22 ? 
1 A U   2  1_555 A A 22 1_555 A 5BU 3  1_555 A A 21 1_555 0.636  -1.697 3.137 2.512  2.956  35.070 -3.215 -0.698 3.026 4.887  
-4.153 35.277 2  AA_U25BU3:A21A22_AA A 2  ? A 22 ? A 3  ? A 21 ? 
1 A 5BU 3  1_555 A A 21 1_555 A G   4  1_555 A C 20 1_555 -0.030 -1.557 3.236 0.844  11.089 29.338 -4.778 0.200  2.495 20.969 
-1.597 31.332 3  AA_5BU3G4:C20A21_AA A 3  ? A 21 ? A 4  ? A 20 ? 
1 A G   4  1_555 A C 20 1_555 A C   5  1_555 A G 19 1_555 -0.099 -1.328 3.224 -0.095 5.350  32.074 -3.265 0.162  2.969 9.600  
0.171  32.506 4  AA_G4C5:G19C20_AA   A 4  ? A 20 ? A 5  ? A 19 ? 
1 A C   5  1_555 A G 19 1_555 A U   6  1_555 A A 18 1_555 0.356  -1.708 3.298 -3.044 8.644  33.383 -4.128 -1.040 2.742 14.706 
5.179  34.584 5  AA_C5U6:A18G19_AA   A 5  ? A 19 ? A 6  ? A 18 ? 
1 A U   6  1_555 A A 18 1_555 A G   7  1_555 A C 17 1_555 -0.397 -1.708 3.095 4.091  8.457  34.454 -3.866 1.169  2.556 13.959 
-6.753 35.674 6  AA_U6G7:C17A18_AA   A 6  ? A 18 ? A 7  ? A 17 ? 
1 A G   10 1_555 B C 15 1_555 A U   11 1_555 B A 14 1_555 -0.506 -2.324 3.224 -2.314 0.086  31.036 -4.347 0.505  3.245 0.160  
4.317  31.120 7  AA_G10U11:A14C15_BB A 10 ? B 15 ? A 11 ? B 14 ? 
1 A U   11 1_555 B A 14 1_555 A G   12 1_555 B C 13 1_555 -0.127 -1.734 3.114 0.532  8.091  28.170 -4.967 0.352  2.525 16.204 
-1.065 29.291 8  AA_U11G12:C13A14_BB A 11 ? B 14 ? A 12 ? B 13 ? 
1 A G   12 1_555 B C 13 1_555 A C   13 1_555 B G 12 1_555 0.036  -1.069 3.137 2.747  6.561  32.948 -2.837 0.353  2.870 11.402 
-4.774 33.686 9  AA_G12C13:G12C13_BB A 12 ? B 13 ? A 13 ? B 12 ? 
1 A C   13 1_555 B G 12 1_555 A A   14 1_555 B U 11 1_555 0.269  -1.722 3.148 -4.384 12.415 30.572 -4.800 -1.101 2.240 22.292 
7.871  33.224 10 AA_C13A14:U11G12_BB A 13 ? B 12 ? A 14 ? B 11 ? 
1 A A   14 1_555 B U 11 1_555 A C   15 1_555 B G 10 1_555 0.516  -2.088 3.236 4.922  0.776  33.153 -3.747 -0.091 3.229 1.351  
-8.565 33.515 11 AA_A14C15:G10U11_BB A 14 ? B 11 ? A 15 ? B 10 ? 
1 B C   1  1_555 B G 23 1_555 B U   2  1_555 B A 22 1_555 0.742  -1.641 3.294 -1.191 8.588  30.299 -4.526 -1.576 2.708 16.022 
2.221  31.487 12 BB_C1U2:A22G23_BB   B 1  ? B 23 ? B 2  ? B 22 ? 
1 B U   2  1_555 B A 22 1_555 B 5BU 3  1_555 B A 21 1_555 -0.559 -1.974 3.360 -0.354 7.845  38.031 -3.900 0.799  2.916 11.884 
0.537  38.804 13 BB_U25BU3:A21A22_BB B 2  ? B 22 ? B 3  ? B 21 ? 
1 B 5BU 3  1_555 B A 21 1_555 B G   4  1_555 B C 20 1_555 -0.540 -1.751 3.081 -1.949 10.225 28.706 -5.078 0.694  2.363 19.818 
3.778  30.497 14 BB_5BU3G4:C20A21_BB B 3  ? B 21 ? B 4  ? B 20 ? 
1 B G   4  1_555 B C 20 1_555 B C   5  1_555 B G 19 1_555 -0.311 -1.209 3.306 1.479  4.893  31.621 -3.058 0.825  3.072 8.906  
-2.691 32.021 15 BB_G4C5:G19C20_BB   B 4  ? B 20 ? B 5  ? B 19 ? 
1 B C   5  1_555 B G 19 1_555 B U   6  1_555 B A 18 1_555 0.219  -1.257 3.234 -2.286 9.286  28.654 -4.169 -0.853 2.679 18.135 
4.465  30.176 16 BB_C5U6:A18G19_BB   B 5  ? B 19 ? B 6  ? B 18 ? 
1 B U   6  1_555 B A 18 1_555 B G   7  1_555 B C 17 1_555 0.134  -1.453 3.167 2.762  11.682 34.762 -3.746 0.128  2.566 18.870 
-4.462 36.715 17 BB_U6G7:C17A18_BB   B 6  ? B 18 ? B 7  ? B 17 ? 
# 
_atom_sites.entry_id                    2FCX 
_atom_sites.fract_transf_matrix[1][1]   -0.02948833 
_atom_sites.fract_transf_matrix[1][2]   0.00832702 
_atom_sites.fract_transf_matrix[1][3]   -0.02079230 
_atom_sites.fract_transf_matrix[2][1]   -0.00247525 
_atom_sites.fract_transf_matrix[2][2]   -0.00846364 
_atom_sites.fract_transf_matrix[2][3]   0.00012092 
_atom_sites.fract_transf_matrix[3][1]   -0.00563759 
_atom_sites.fract_transf_matrix[3][2]   0.00177313 
_atom_sites.fract_transf_matrix[3][3]   0.00870552 
_atom_sites.fract_transf_vector[1]      1.186197 
_atom_sites.fract_transf_vector[2]      0.137896 
_atom_sites.fract_transf_vector[3]      0.108775 
# 
loop_
_atom_type.symbol 
BR 
C  
CL 
K  
N  
O  
P  
# 
loop_
_atom_site.group_PDB 
_atom_site.id 
_atom_site.type_symbol 
_atom_site.label_atom_id 
_atom_site.label_alt_id 
_atom_site.label_comp_id 
_atom_site.label_asym_id 
_atom_site.label_entity_id 
_atom_site.label_seq_id 
_atom_site.pdbx_PDB_ins_code 
_atom_site.Cartn_x 
_atom_site.Cartn_y 
_atom_site.Cartn_z 
_atom_site.occupancy 
_atom_site.B_iso_or_equiv 
_atom_site.pdbx_formal_charge 
_atom_site.auth_seq_id 
_atom_site.auth_comp_id 
_atom_site.auth_asym_id 
_atom_site.auth_atom_id 
_atom_site.pdbx_PDB_model_num 
ATOM   1    O  "O5'" . C   A 1 1  ? -4.710  -24.795 -6.492  1.00 39.88 ? 1   C   A "O5'" 1 
ATOM   2    C  "C5'" . C   A 1 1  ? -4.038  -25.802 -7.250  1.00 40.64 ? 1   C   A "C5'" 1 
ATOM   3    C  "C4'" . C   A 1 1  ? -4.528  -25.766 -8.676  1.00 39.21 ? 1   C   A "C4'" 1 
ATOM   4    O  "O4'" . C   A 1 1  ? -5.777  -26.507 -8.792  1.00 38.60 ? 1   C   A "O4'" 1 
ATOM   5    C  "C3'" . C   A 1 1  ? -4.872  -24.383 -9.197  1.00 39.22 ? 1   C   A "C3'" 1 
ATOM   6    O  "O3'" . C   A 1 1  ? -3.692  -23.669 -9.600  1.00 40.90 ? 1   C   A "O3'" 1 
ATOM   7    C  "C2'" . C   A 1 1  ? -5.791  -24.735 -10.361 1.00 38.38 ? 1   C   A "C2'" 1 
ATOM   8    O  "O2'" . C   A 1 1  ? -5.068  -25.246 -11.459 1.00 36.72 ? 1   C   A "O2'" 1 
ATOM   9    C  "C1'" . C   A 1 1  ? -6.596  -25.895 -9.769  1.00 39.01 ? 1   C   A "C1'" 1 
ATOM   10   N  N1    . C   A 1 1  ? -7.868  -25.485 -9.145  1.00 39.76 ? 1   C   A N1    1 
ATOM   11   C  C2    . C   A 1 1  ? -8.994  -25.386 -9.968  1.00 41.39 ? 1   C   A C2    1 
ATOM   12   O  O2    . C   A 1 1  ? -8.865  -25.651 -11.175 1.00 40.29 ? 1   C   A O2    1 
ATOM   13   N  N3    . C   A 1 1  ? -10.189 -25.010 -9.435  1.00 39.73 ? 1   C   A N3    1 
ATOM   14   C  C4    . C   A 1 1  ? -10.278 -24.740 -8.132  1.00 40.30 ? 1   C   A C4    1 
ATOM   15   N  N4    . C   A 1 1  ? -11.479 -24.378 -7.646  1.00 40.67 ? 1   C   A N4    1 
ATOM   16   C  C5    . C   A 1 1  ? -9.141  -24.830 -7.262  1.00 41.17 ? 1   C   A C5    1 
ATOM   17   C  C6    . C   A 1 1  ? -7.964  -25.204 -7.807  1.00 40.11 ? 1   C   A C6    1 
ATOM   18   P  P     . U   A 1 2  ? -3.498  -22.119 -9.181  1.00 43.95 ? 2   U   A P     1 
ATOM   19   O  OP1   . U   A 1 2  ? -2.045  -21.789 -9.250  1.00 44.05 ? 2   U   A OP1   1 
ATOM   20   O  OP2   . U   A 1 2  ? -4.246  -21.870 -7.920  1.00 42.53 ? 2   U   A OP2   1 
ATOM   21   O  "O5'" . U   A 1 2  ? -4.209  -21.293 -10.339 1.00 42.34 ? 2   U   A "O5'" 1 
ATOM   22   C  "C5'" . U   A 1 2  ? -3.685  -21.305 -11.674 1.00 40.17 ? 2   U   A "C5'" 1 
ATOM   23   C  "C4'" . U   A 1 2  ? -4.783  -21.021 -12.675 1.00 37.47 ? 2   U   A "C4'" 1 
ATOM   24   O  "O4'" . U   A 1 2  ? -5.849  -21.993 -12.497 1.00 39.15 ? 2   U   A "O4'" 1 
ATOM   25   C  "C3'" . U   A 1 2  ? -5.485  -19.680 -12.547 1.00 37.53 ? 2   U   A "C3'" 1 
ATOM   26   O  "O3'" . U   A 1 2  ? -4.758  -18.633 -13.198 1.00 37.25 ? 2   U   A "O3'" 1 
ATOM   27   C  "C2'" . U   A 1 2  ? -6.786  -19.958 -13.275 1.00 37.58 ? 2   U   A "C2'" 1 
ATOM   28   O  "O2'" . U   A 1 2  ? -6.591  -19.938 -14.667 1.00 39.12 ? 2   U   A "O2'" 1 
ATOM   29   C  "C1'" . U   A 1 2  ? -7.091  -21.383 -12.814 1.00 38.21 ? 2   U   A "C1'" 1 
ATOM   30   N  N1    . U   A 1 2  ? -7.922  -21.410 -11.600 1.00 37.52 ? 2   U   A N1    1 
ATOM   31   C  C2    . U   A 1 2  ? -9.249  -21.105 -11.740 1.00 37.22 ? 2   U   A C2    1 
ATOM   32   O  O2    . U   A 1 2  ? -9.726  -20.752 -12.805 1.00 37.11 ? 2   U   A O2    1 
ATOM   33   N  N3    . U   A 1 2  ? -9.996  -21.211 -10.587 1.00 36.32 ? 2   U   A N3    1 
ATOM   34   C  C4    . U   A 1 2  ? -9.536  -21.565 -9.341  1.00 37.54 ? 2   U   A C4    1 
ATOM   35   O  O4    . U   A 1 2  ? -10.324 -21.625 -8.403  1.00 35.41 ? 2   U   A O4    1 
ATOM   36   C  C5    . U   A 1 2  ? -8.132  -21.835 -9.275  1.00 36.81 ? 2   U   A C5    1 
ATOM   37   C  C6    . U   A 1 2  ? -7.390  -21.746 -10.382 1.00 35.30 ? 2   U   A C6    1 
HETATM 38   P  P     . 5BU A 1 3  ? -4.884  -17.101 -12.681 1.00 38.19 ? 3   5BU A P     1 
HETATM 39   O  OP1   . 5BU A 1 3  ? -4.066  -16.264 -13.589 1.00 38.20 ? 3   5BU A OP1   1 
HETATM 40   O  OP2   . 5BU A 1 3  ? -4.606  -17.075 -11.241 1.00 36.71 ? 3   5BU A OP2   1 
HETATM 41   O  "O5'" . 5BU A 1 3  ? -6.401  -16.699 -12.959 1.00 35.73 ? 3   5BU A "O5'" 1 
HETATM 42   C  "C5'" . 5BU A 1 3  ? -6.884  -16.585 -14.300 1.00 36.25 ? 3   5BU A "C5'" 1 
HETATM 43   C  "C4'" . 5BU A 1 3  ? -8.367  -16.365 -14.311 1.00 36.48 ? 3   5BU A "C4'" 1 
HETATM 44   O  "O4'" . 5BU A 1 3  ? -9.049  -17.539 -13.827 1.00 35.17 ? 3   5BU A "O4'" 1 
HETATM 45   C  "C3'" . 5BU A 1 3  ? -8.876  -15.242 -13.426 1.00 36.12 ? 3   5BU A "C3'" 1 
HETATM 46   O  "O3'" . 5BU A 1 3  ? -8.649  -13.978 -14.018 1.00 35.95 ? 3   5BU A "O3'" 1 
HETATM 47   C  "C2'" . 5BU A 1 3  ? -10.337 -15.603 -13.334 1.00 35.81 ? 3   5BU A "C2'" 1 
HETATM 48   O  "O2'" . 5BU A 1 3  ? -11.040 -15.291 -14.530 1.00 37.23 ? 3   5BU A "O2'" 1 
HETATM 49   C  "C1'" . 5BU A 1 3  ? -10.222 -17.110 -13.135 1.00 34.72 ? 3   5BU A "C1'" 1 
HETATM 50   N  N1    . 5BU A 1 3  ? -10.142 -17.476 -11.720 1.00 31.45 ? 3   5BU A N1    1 
HETATM 51   C  C2    . 5BU A 1 3  ? -11.363 -17.540 -11.053 1.00 31.56 ? 3   5BU A C2    1 
HETATM 52   O  O2    . 5BU A 1 3  ? -12.471 -17.301 -11.590 1.00 31.99 ? 3   5BU A O2    1 
HETATM 53   N  N3    . 5BU A 1 3  ? -11.284 -17.884 -9.718  1.00 26.70 ? 3   5BU A N3    1 
HETATM 54   C  C4    . 5BU A 1 3  ? -10.139 -18.159 -8.987  1.00 30.44 ? 3   5BU A C4    1 
HETATM 55   O  O4    . 5BU A 1 3  ? -10.212 -18.552 -7.804  1.00 28.96 ? 3   5BU A O4    1 
HETATM 56   C  C5    . 5BU A 1 3  ? -8.934  -18.042 -9.751  1.00 28.37 ? 3   5BU A C5    1 
HETATM 57   C  C6    . 5BU A 1 3  ? -8.979  -17.721 -11.078 1.00 28.91 ? 3   5BU A C6    1 
HETATM 58   BR BR    . 5BU A 1 3  ? -7.274  -18.328 -8.899  0.32 25.84 ? 3   5BU A BR    1 
ATOM   59   P  P     . G   A 1 4  ? -8.381  -12.686 -13.088 1.00 38.79 ? 4   G   A P     1 
ATOM   60   O  OP1   . G   A 1 4  ? -7.766  -11.625 -13.919 1.00 36.74 ? 4   G   A OP1   1 
ATOM   61   O  OP2   . G   A 1 4  ? -7.668  -13.162 -11.866 1.00 37.86 ? 4   G   A OP2   1 
ATOM   62   O  "O5'" . G   A 1 4  ? -9.851  -12.228 -12.650 1.00 38.04 ? 4   G   A "O5'" 1 
ATOM   63   C  "C5'" . G   A 1 4  ? -10.888 -11.991 -13.634 1.00 41.85 ? 4   G   A "C5'" 1 
ATOM   64   C  "C4'" . G   A 1 4  ? -12.224 -11.819 -12.938 1.00 44.88 ? 4   G   A "C4'" 1 
ATOM   65   O  "O4'" . G   A 1 4  ? -12.659 -13.107 -12.404 1.00 46.50 ? 4   G   A "O4'" 1 
ATOM   66   C  "C3'" . G   A 1 4  ? -12.179 -10.930 -11.699 1.00 47.18 ? 4   G   A "C3'" 1 
ATOM   67   O  "O3'" . G   A 1 4  ? -12.194 -9.536  -11.979 1.00 49.21 ? 4   G   A "O3'" 1 
ATOM   68   C  "C2'" . G   A 1 4  ? -13.398 -11.401 -10.921 1.00 45.99 ? 4   G   A "C2'" 1 
ATOM   69   O  "O2'" . G   A 1 4  ? -14.582 -10.879 -11.473 1.00 47.87 ? 4   G   A "O2'" 1 
ATOM   70   C  "C1'" . G   A 1 4  ? -13.335 -12.912 -11.166 1.00 45.73 ? 4   G   A "C1'" 1 
ATOM   71   N  N9    . G   A 1 4  ? -12.611 -13.626 -10.117 1.00 42.54 ? 4   G   A N9    1 
ATOM   72   C  C8    . G   A 1 4  ? -11.290 -14.007 -10.116 1.00 42.42 ? 4   G   A C8    1 
ATOM   73   N  N7    . G   A 1 4  ? -10.941 -14.642 -9.023  1.00 41.44 ? 4   G   A N7    1 
ATOM   74   C  C5    . G   A 1 4  ? -12.104 -14.677 -8.256  1.00 40.20 ? 4   G   A C5    1 
ATOM   75   C  C6    . G   A 1 4  ? -12.351 -15.234 -6.965  1.00 38.96 ? 4   G   A C6    1 
ATOM   76   O  O6    . G   A 1 4  ? -11.566 -15.864 -6.226  1.00 36.90 ? 4   G   A O6    1 
ATOM   77   N  N1    . G   A 1 4  ? -13.666 -15.011 -6.554  1.00 38.54 ? 4   G   A N1    1 
ATOM   78   C  C2    . G   A 1 4  ? -14.622 -14.359 -7.294  1.00 41.80 ? 4   G   A C2    1 
ATOM   79   N  N2    . G   A 1 4  ? -15.841 -14.243 -6.744  1.00 44.01 ? 4   G   A N2    1 
ATOM   80   N  N3    . G   A 1 4  ? -14.408 -13.854 -8.497  1.00 41.80 ? 4   G   A N3    1 
ATOM   81   C  C4    . G   A 1 4  ? -13.140 -14.048 -8.913  1.00 42.31 ? 4   G   A C4    1 
ATOM   82   P  P     . C   A 1 5  ? -11.495 -8.523  -10.944 1.00 53.60 ? 5   C   A P     1 
ATOM   83   O  OP1   . C   A 1 5  ? -11.432 -7.166  -11.561 1.00 52.13 ? 5   C   A OP1   1 
ATOM   84   O  OP2   . C   A 1 5  ? -10.243 -9.162  -10.436 1.00 51.97 ? 5   C   A OP2   1 
ATOM   85   O  "O5'" . C   A 1 5  ? -12.523 -8.470  -9.722  1.00 52.70 ? 5   C   A "O5'" 1 
ATOM   86   C  "C5'" . C   A 1 5  ? -13.879 -8.015  -9.923  1.00 52.39 ? 5   C   A "C5'" 1 
ATOM   87   C  "C4'" . C   A 1 5  ? -14.727 -8.294  -8.698  1.00 50.31 ? 5   C   A "C4'" 1 
ATOM   88   O  "O4'" . C   A 1 5  ? -14.784 -9.730  -8.482  1.00 47.60 ? 5   C   A "O4'" 1 
ATOM   89   C  "C3'" . C   A 1 5  ? -14.224 -7.750  -7.363  1.00 52.03 ? 5   C   A "C3'" 1 
ATOM   90   O  "O3'" . C   A 1 5  ? -14.551 -6.379  -7.141  1.00 54.38 ? 5   C   A "O3'" 1 
ATOM   91   C  "C2'" . C   A 1 5  ? -14.961 -8.637  -6.369  1.00 50.64 ? 5   C   A "C2'" 1 
ATOM   92   O  "O2'" . C   A 1 5  ? -16.303 -8.212  -6.206  1.00 50.40 ? 5   C   A "O2'" 1 
ATOM   93   C  "C1'" . C   A 1 5  ? -14.902 -9.990  -7.087  1.00 49.15 ? 5   C   A "C1'" 1 
ATOM   94   N  N1    . C   A 1 5  ? -13.734 -10.766 -6.650  1.00 47.46 ? 5   C   A N1    1 
ATOM   95   C  C2    . C   A 1 5  ? -13.806 -11.457 -5.427  1.00 48.15 ? 5   C   A C2    1 
ATOM   96   O  O2    . C   A 1 5  ? -14.850 -11.382 -4.754  1.00 46.45 ? 5   C   A O2    1 
ATOM   97   N  N3    . C   A 1 5  ? -12.738 -12.166 -5.004  1.00 47.76 ? 5   C   A N3    1 
ATOM   98   C  C4    . C   A 1 5  ? -11.616 -12.175 -5.733  1.00 47.91 ? 5   C   A C4    1 
ATOM   99   N  N4    . C   A 1 5  ? -10.565 -12.842 -5.252  1.00 45.36 ? 5   C   A N4    1 
ATOM   100  C  C5    . C   A 1 5  ? -11.519 -11.487 -6.979  1.00 46.57 ? 5   C   A C5    1 
ATOM   101  C  C6    . C   A 1 5  ? -12.594 -10.808 -7.398  1.00 46.51 ? 5   C   A C6    1 
ATOM   102  P  P     . U   A 1 6  ? -13.678 -5.500  -6.100  1.00 56.06 ? 6   U   A P     1 
ATOM   103  O  OP1   . U   A 1 6  ? -14.213 -4.113  -6.151  1.00 55.83 ? 6   U   A OP1   1 
ATOM   104  O  OP2   . U   A 1 6  ? -12.234 -5.742  -6.375  1.00 55.62 ? 6   U   A OP2   1 
ATOM   105  O  "O5'" . U   A 1 6  ? -14.003 -6.111  -4.662  1.00 54.66 ? 6   U   A "O5'" 1 
ATOM   106  C  "C5'" . U   A 1 6  ? -15.293 -5.911  -4.053  1.00 53.37 ? 6   U   A "C5'" 1 
ATOM   107  C  "C4'" . U   A 1 6  ? -15.368 -6.629  -2.729  1.00 51.21 ? 6   U   A "C4'" 1 
ATOM   108  O  "O4'" . U   A 1 6  ? -15.125 -8.040  -2.944  1.00 48.97 ? 6   U   A "O4'" 1 
ATOM   109  C  "C3'" . U   A 1 6  ? -14.337 -6.244  -1.680  1.00 52.67 ? 6   U   A "C3'" 1 
ATOM   110  O  "O3'" . U   A 1 6  ? -14.705 -5.067  -0.972  1.00 54.80 ? 6   U   A "O3'" 1 
ATOM   111  C  "C2'" . U   A 1 6  ? -14.352 -7.464  -0.773  1.00 51.12 ? 6   U   A "C2'" 1 
ATOM   112  O  "O2'" . U   A 1 6  ? -15.478 -7.482  0.069   1.00 50.70 ? 6   U   A "O2'" 1 
ATOM   113  C  "C1'" . U   A 1 6  ? -14.495 -8.593  -1.799  1.00 49.87 ? 6   U   A "C1'" 1 
ATOM   114  N  N1    . U   A 1 6  ? -13.192 -9.135  -2.202  1.00 48.29 ? 6   U   A N1    1 
ATOM   115  C  C2    . U   A 1 6  ? -12.501 -9.881  -1.272  1.00 49.34 ? 6   U   A C2    1 
ATOM   116  O  O2    . U   A 1 6  ? -12.931 -10.112 -0.154  1.00 50.27 ? 6   U   A O2    1 
ATOM   117  N  N3    . U   A 1 6  ? -11.277 -10.348 -1.690  1.00 49.47 ? 6   U   A N3    1 
ATOM   118  C  C4    . U   A 1 6  ? -10.689 -10.145 -2.915  1.00 49.58 ? 6   U   A C4    1 
ATOM   119  O  O4    . U   A 1 6  ? -9.541  -10.561 -3.104  1.00 50.19 ? 6   U   A O4    1 
ATOM   120  C  C5    . U   A 1 6  ? -11.472 -9.372  -3.835  1.00 49.08 ? 6   U   A C5    1 
ATOM   121  C  C6    . U   A 1 6  ? -12.668 -8.902  -3.457  1.00 49.46 ? 6   U   A C6    1 
ATOM   122  P  P     . G   A 1 7  ? -13.587 -4.236  -0.158  1.00 57.02 ? 7   G   A P     1 
ATOM   123  O  OP1   . G   A 1 7  ? -14.244 -2.991  0.323   1.00 56.49 ? 7   G   A OP1   1 
ATOM   124  O  OP2   . G   A 1 7  ? -12.353 -4.144  -0.982  1.00 56.06 ? 7   G   A OP2   1 
ATOM   125  O  "O5'" . G   A 1 7  ? -13.228 -5.149  1.093   1.00 54.06 ? 7   G   A "O5'" 1 
ATOM   126  C  "C5'" . G   A 1 7  ? -14.215 -5.456  2.071   1.00 55.85 ? 7   G   A "C5'" 1 
ATOM   127  C  "C4'" . G   A 1 7  ? -13.615 -6.307  3.156   1.00 57.10 ? 7   G   A "C4'" 1 
ATOM   128  O  "O4'" . G   A 1 7  ? -13.233 -7.582  2.581   1.00 57.73 ? 7   G   A "O4'" 1 
ATOM   129  C  "C3'" . G   A 1 7  ? -12.343 -5.772  3.803   1.00 56.66 ? 7   G   A "C3'" 1 
ATOM   130  O  "O3'" . G   A 1 7  ? -12.672 -4.873  4.858   1.00 56.49 ? 7   G   A "O3'" 1 
ATOM   131  C  "C2'" . G   A 1 7  ? -11.670 -7.050  4.296   1.00 56.77 ? 7   G   A "C2'" 1 
ATOM   132  O  "O2'" . G   A 1 7  ? -12.217 -7.570  5.490   1.00 54.58 ? 7   G   A "O2'" 1 
ATOM   133  C  "C1'" . G   A 1 7  ? -12.033 -8.033  3.182   1.00 56.16 ? 7   G   A "C1'" 1 
ATOM   134  N  N9    . G   A 1 7  ? -11.036 -8.155  2.128   1.00 55.74 ? 7   G   A N9    1 
ATOM   135  C  C8    . G   A 1 7  ? -11.037 -7.511  0.913   1.00 54.88 ? 7   G   A C8    1 
ATOM   136  N  N7    . G   A 1 7  ? -10.035 -7.854  0.155   1.00 53.65 ? 7   G   A N7    1 
ATOM   137  C  C5    . G   A 1 7  ? -9.327  -8.769  0.921   1.00 52.01 ? 7   G   A C5    1 
ATOM   138  C  C6    . G   A 1 7  ? -8.146  -9.491  0.618   1.00 52.12 ? 7   G   A C6    1 
ATOM   139  O  O6    . G   A 1 7  ? -7.483  -9.475  -0.420  1.00 49.07 ? 7   G   A O6    1 
ATOM   140  N  N1    . G   A 1 7  ? -7.754  -10.303 1.678   1.00 50.94 ? 7   G   A N1    1 
ATOM   141  C  C2    . G   A 1 7  ? -8.423  -10.413 2.875   1.00 53.43 ? 7   G   A C2    1 
ATOM   142  N  N2    . G   A 1 7  ? -7.887  -11.254 3.779   1.00 50.89 ? 7   G   A N2    1 
ATOM   143  N  N3    . G   A 1 7  ? -9.537  -9.747  3.164   1.00 53.74 ? 7   G   A N3    1 
ATOM   144  C  C4    . G   A 1 7  ? -9.925  -8.951  2.145   1.00 52.49 ? 7   G   A C4    1 
ATOM   145  P  P     . A   A 1 8  ? -11.546 -3.906  5.491   1.00 57.68 ? 8   A   A P     1 
ATOM   146  O  OP1   . A   A 1 8  ? -10.485 -4.728  6.129   1.00 58.81 ? 8   A   A OP1   1 
ATOM   147  O  OP2   . A   A 1 8  ? -12.274 -2.886  6.291   1.00 57.92 ? 8   A   A OP2   1 
ATOM   148  O  "O5'" . A   A 1 8  ? -10.889 -3.140  4.257   1.00 54.22 ? 8   A   A "O5'" 1 
ATOM   149  C  "C5'" . A   A 1 8  ? -11.662 -2.238  3.469   1.00 46.78 ? 8   A   A "C5'" 1 
ATOM   150  C  "C4'" . A   A 1 8  ? -11.043 -0.856  3.458   1.00 44.53 ? 8   A   A "C4'" 1 
ATOM   151  O  "O4'" . A   A 1 8  ? -12.111 0.073   3.743   1.00 41.66 ? 8   A   A "O4'" 1 
ATOM   152  C  "C3'" . A   A 1 8  ? -9.961  -0.513  4.478   1.00 42.20 ? 8   A   A "C3'" 1 
ATOM   153  O  "O3'" . A   A 1 8  ? -8.660  -0.857  4.011   1.00 41.15 ? 8   A   A "O3'" 1 
ATOM   154  C  "C2'" . A   A 1 8  ? -10.101 0.999   4.614   1.00 40.73 ? 8   A   A "C2'" 1 
ATOM   155  O  "O2'" . A   A 1 8  ? -9.446  1.742   3.600   1.00 42.67 ? 8   A   A "O2'" 1 
ATOM   156  C  "C1'" . A   A 1 8  ? -11.615 1.173   4.473   1.00 40.26 ? 8   A   A "C1'" 1 
ATOM   157  N  N9    . A   A 1 8  ? -12.333 1.211   5.744   1.00 39.72 ? 8   A   A N9    1 
ATOM   158  C  C8    . A   A 1 8  ? -12.930 0.166   6.400   1.00 36.99 ? 8   A   A C8    1 
ATOM   159  N  N7    . A   A 1 8  ? -13.481 0.503   7.537   1.00 36.38 ? 8   A   A N7    1 
ATOM   160  C  C5    . A   A 1 8  ? -13.236 1.866   7.629   1.00 37.84 ? 8   A   A C5    1 
ATOM   161  C  C6    . A   A 1 8  ? -13.563 2.808   8.596   1.00 36.81 ? 8   A   A C6    1 
ATOM   162  N  N6    . A   A 1 8  ? -14.279 2.510   9.684   1.00 39.91 ? 8   A   A N6    1 
ATOM   163  N  N1    . A   A 1 8  ? -13.151 4.077   8.406   1.00 37.04 ? 8   A   A N1    1 
ATOM   164  C  C2    . A   A 1 8  ? -12.487 4.374   7.288   1.00 38.00 ? 8   A   A C2    1 
ATOM   165  N  N3    . A   A 1 8  ? -12.135 3.574   6.288   1.00 38.08 ? 8   A   A N3    1 
ATOM   166  C  C4    . A   A 1 8  ? -12.538 2.316   6.530   1.00 36.94 ? 8   A   A C4    1 
ATOM   167  P  P     . A   A 1 9  ? -7.429  -0.895  5.042   1.00 42.26 ? 9   A   A P     1 
ATOM   168  O  OP1   . A   A 1 9  ? -6.169  -1.226  4.318   1.00 46.19 ? 9   A   A OP1   1 
ATOM   169  O  OP2   . A   A 1 9  ? -7.889  -1.785  6.148   1.00 40.73 ? 9   A   A OP2   1 
ATOM   170  O  "O5'" . A   A 1 9  ? -7.309  0.590   5.606   1.00 38.67 ? 9   A   A "O5'" 1 
ATOM   171  C  "C5'" . A   A 1 9  ? -6.780  1.678   4.833   1.00 38.44 ? 9   A   A "C5'" 1 
ATOM   172  C  "C4'" . A   A 1 9  ? -6.726  2.923   5.695   1.00 39.96 ? 9   A   A "C4'" 1 
ATOM   173  O  "O4'" . A   A 1 9  ? -8.017  3.037   6.375   1.00 40.03 ? 9   A   A "O4'" 1 
ATOM   174  C  "C3'" . A   A 1 9  ? -5.678  2.914   6.814   1.00 39.32 ? 9   A   A "C3'" 1 
ATOM   175  O  "O3'" . A   A 1 9  ? -5.371  4.242   7.236   1.00 42.41 ? 9   A   A "O3'" 1 
ATOM   176  C  "C2'" . A   A 1 9  ? -6.455  2.324   7.977   1.00 41.94 ? 9   A   A "C2'" 1 
ATOM   177  O  "O2'" . A   A 1 9  ? -5.903  2.718   9.219   1.00 41.95 ? 9   A   A "O2'" 1 
ATOM   178  C  "C1'" . A   A 1 9  ? -7.825  2.980   7.775   1.00 38.67 ? 9   A   A "C1'" 1 
ATOM   179  N  N9    . A   A 1 9  ? -8.915  2.217   8.389   1.00 36.45 ? 9   A   A N9    1 
ATOM   180  C  C8    . A   A 1 9  ? -9.263  0.907   8.178   1.00 34.80 ? 9   A   A C8    1 
ATOM   181  N  N7    . A   A 1 9  ? -10.220 0.479   8.973   1.00 34.60 ? 9   A   A N7    1 
ATOM   182  C  C5    . A   A 1 9  ? -10.536 1.590   9.740   1.00 34.86 ? 9   A   A C5    1 
ATOM   183  C  C6    . A   A 1 9  ? -11.454 1.786   10.802  1.00 34.63 ? 9   A   A C6    1 
ATOM   184  N  N6    . A   A 1 9  ? -12.210 0.812   11.320  1.00 29.69 ? 9   A   A N6    1 
ATOM   185  N  N1    . A   A 1 9  ? -11.543 3.019   11.326  1.00 30.73 ? 9   A   A N1    1 
ATOM   186  C  C2    . A   A 1 9  ? -10.747 3.981   10.849  1.00 32.63 ? 9   A   A C2    1 
ATOM   187  N  N3    . A   A 1 9  ? -9.821  3.915   9.890   1.00 35.72 ? 9   A   A N3    1 
ATOM   188  C  C4    . A   A 1 9  ? -9.766  2.676   9.368   1.00 35.59 ? 9   A   A C4    1 
ATOM   189  P  P     . G   A 1 10 ? -4.296  5.131   6.433   1.00 42.31 ? 10  G   A P     1 
ATOM   190  O  OP1   . G   A 1 10 ? -3.247  4.256   5.854   1.00 43.71 ? 10  G   A OP1   1 
ATOM   191  O  OP2   . G   A 1 10 ? -3.903  6.269   7.299   1.00 43.60 ? 10  G   A OP2   1 
ATOM   192  O  "O5'" . G   A 1 10 ? -5.124  5.708   5.207   1.00 43.89 ? 10  G   A "O5'" 1 
ATOM   193  C  "C5'" . G   A 1 10 ? -6.334  6.438   5.390   1.00 44.38 ? 10  G   A "C5'" 1 
ATOM   194  C  "C4'" . G   A 1 10 ? -6.410  7.524   4.358   1.00 44.97 ? 10  G   A "C4'" 1 
ATOM   195  O  "O4'" . G   A 1 10 ? -5.336  8.465   4.612   1.00 46.31 ? 10  G   A "O4'" 1 
ATOM   196  C  "C3'" . G   A 1 10 ? -6.154  7.050   2.938   1.00 46.43 ? 10  G   A "C3'" 1 
ATOM   197  O  "O3'" . G   A 1 10 ? -7.337  6.578   2.321   1.00 46.24 ? 10  G   A "O3'" 1 
ATOM   198  C  "C2'" . G   A 1 10 ? -5.633  8.307   2.271   1.00 45.46 ? 10  G   A "C2'" 1 
ATOM   199  O  "O2'" . G   A 1 10 ? -6.670  9.218   2.035   1.00 47.92 ? 10  G   A "O2'" 1 
ATOM   200  C  "C1'" . G   A 1 10 ? -4.762  8.884   3.380   1.00 46.35 ? 10  G   A "C1'" 1 
ATOM   201  N  N9    . G   A 1 10 ? -3.396  8.371   3.331   1.00 45.26 ? 10  G   A N9    1 
ATOM   202  C  C8    . G   A 1 10 ? -2.727  7.756   4.353   1.00 43.42 ? 10  G   A C8    1 
ATOM   203  N  N7    . G   A 1 10 ? -1.516  7.389   4.025   1.00 43.90 ? 10  G   A N7    1 
ATOM   204  C  C5    . G   A 1 10 ? -1.374  7.789   2.704   1.00 42.43 ? 10  G   A C5    1 
ATOM   205  C  C6    . G   A 1 10 ? -0.263  7.656   1.810   1.00 42.44 ? 10  G   A C6    1 
ATOM   206  O  O6    . G   A 1 10 ? 0.848   7.135   2.025   1.00 40.31 ? 10  G   A O6    1 
ATOM   207  N  N1    . G   A 1 10 ? -0.540  8.202   0.561   1.00 38.98 ? 10  G   A N1    1 
ATOM   208  C  C2    . G   A 1 10 ? -1.733  8.786   0.203   1.00 41.43 ? 10  G   A C2    1 
ATOM   209  N  N2    . G   A 1 10 ? -1.806  9.228   -1.060  1.00 35.98 ? 10  G   A N2    1 
ATOM   210  N  N3    . G   A 1 10 ? -2.777  8.918   1.028   1.00 41.90 ? 10  G   A N3    1 
ATOM   211  C  C4    . G   A 1 10 ? -2.524  8.400   2.255   1.00 43.40 ? 10  G   A C4    1 
ATOM   212  P  P     . U   A 1 11 ? -7.301  5.211   1.504   1.00 46.88 ? 11  U   A P     1 
ATOM   213  O  OP1   . U   A 1 11 ? -8.692  4.748   1.315   1.00 47.49 ? 11  U   A OP1   1 
ATOM   214  O  OP2   . U   A 1 11 ? -6.323  4.342   2.189   1.00 44.39 ? 11  U   A OP2   1 
ATOM   215  O  "O5'" . U   A 1 11 ? -6.718  5.635   0.091   1.00 46.80 ? 11  U   A "O5'" 1 
ATOM   216  C  "C5'" . U   A 1 11 ? -7.267  6.745   -0.613  1.00 47.86 ? 11  U   A "C5'" 1 
ATOM   217  C  "C4'" . U   A 1 11 ? -6.471  6.991   -1.860  1.00 47.24 ? 11  U   A "C4'" 1 
ATOM   218  O  "O4'" . U   A 1 11 ? -5.175  7.550   -1.505  1.00 47.42 ? 11  U   A "O4'" 1 
ATOM   219  C  "C3'" . U   A 1 11 ? -6.099  5.733   -2.617  1.00 46.76 ? 11  U   A "C3'" 1 
ATOM   220  O  "O3'" . U   A 1 11 ? -7.137  5.216   -3.412  1.00 48.10 ? 11  U   A "O3'" 1 
ATOM   221  C  "C2'" . U   A 1 11 ? -4.930  6.216   -3.447  1.00 45.74 ? 11  U   A "C2'" 1 
ATOM   222  O  "O2'" . U   A 1 11 ? -5.357  7.029   -4.514  1.00 45.87 ? 11  U   A "O2'" 1 
ATOM   223  C  "C1'" . U   A 1 11 ? -4.200  7.083   -2.424  1.00 45.59 ? 11  U   A "C1'" 1 
ATOM   224  N  N1    . U   A 1 11 ? -3.172  6.320   -1.698  1.00 43.64 ? 11  U   A N1    1 
ATOM   225  C  C2    . U   A 1 11 ? -1.979  6.105   -2.362  1.00 41.50 ? 11  U   A C2    1 
ATOM   226  O  O2    . U   A 1 11 ? -1.807  6.443   -3.517  1.00 41.95 ? 11  U   A O2    1 
ATOM   227  N  N3    . U   A 1 11 ? -1.006  5.471   -1.629  1.00 40.73 ? 11  U   A N3    1 
ATOM   228  C  C4    . U   A 1 11 ? -1.107  5.013   -0.341  1.00 40.17 ? 11  U   A C4    1 
ATOM   229  O  O4    . U   A 1 11 ? -0.131  4.475   0.185   1.00 37.87 ? 11  U   A O4    1 
ATOM   230  C  C5    . U   A 1 11 ? -2.388  5.224   0.268   1.00 38.23 ? 11  U   A C5    1 
ATOM   231  C  C6    . U   A 1 11 ? -3.355  5.854   -0.414  1.00 42.36 ? 11  U   A C6    1 
ATOM   232  P  P     . G   A 1 12 ? -7.194  3.633   -3.690  1.00 49.86 ? 12  G   A P     1 
ATOM   233  O  OP1   . G   A 1 12 ? -8.548  3.314   -4.217  1.00 52.09 ? 12  G   A OP1   1 
ATOM   234  O  OP2   . G   A 1 12 ? -6.687  2.932   -2.497  1.00 48.10 ? 12  G   A OP2   1 
ATOM   235  O  "O5'" . G   A 1 12 ? -6.118  3.408   -4.843  1.00 47.53 ? 12  G   A "O5'" 1 
ATOM   236  C  "C5'" . G   A 1 12 ? -6.077  4.278   -5.963  1.00 47.55 ? 12  G   A "C5'" 1 
ATOM   237  C  "C4'" . G   A 1 12 ? -4.846  4.015   -6.785  1.00 47.14 ? 12  G   A "C4'" 1 
ATOM   238  O  "O4'" . G   A 1 12 ? -3.674  4.568   -6.134  1.00 46.15 ? 12  G   A "O4'" 1 
ATOM   239  C  "C3'" . G   A 1 12 ? -4.482  2.561   -7.015  1.00 47.09 ? 12  G   A "C3'" 1 
ATOM   240  O  "O3'" . G   A 1 12 ? -5.320  1.981   -8.012  1.00 47.97 ? 12  G   A "O3'" 1 
ATOM   241  C  "C2'" . G   A 1 12 ? -3.025  2.704   -7.444  1.00 46.37 ? 12  G   A "C2'" 1 
ATOM   242  O  "O2'" . G   A 1 12 ? -2.906  3.244   -8.748  1.00 45.86 ? 12  G   A "O2'" 1 
ATOM   243  C  "C1'" . G   A 1 12 ? -2.540  3.798   -6.486  1.00 43.87 ? 12  G   A "C1'" 1 
ATOM   244  N  N9    . G   A 1 12 ? -1.959  3.272   -5.256  1.00 41.33 ? 12  G   A N9    1 
ATOM   245  C  C8    . G   A 1 12 ? -2.577  3.152   -4.038  1.00 40.11 ? 12  G   A C8    1 
ATOM   246  N  N7    . G   A 1 12 ? -1.798  2.661   -3.118  1.00 39.18 ? 12  G   A N7    1 
ATOM   247  C  C5    . G   A 1 12 ? -0.592  2.443   -3.770  1.00 37.08 ? 12  G   A C5    1 
ATOM   248  C  C6    . G   A 1 12 ? 0.633   1.939   -3.277  1.00 34.15 ? 12  G   A C6    1 
ATOM   249  O  O6    . G   A 1 12 ? 0.905   1.574   -2.131  1.00 35.84 ? 12  G   A O6    1 
ATOM   250  N  N1    . G   A 1 12 ? 1.602   1.882   -4.270  1.00 34.01 ? 12  G   A N1    1 
ATOM   251  C  C2    . G   A 1 12 ? 1.413   2.267   -5.574  1.00 37.13 ? 12  G   A C2    1 
ATOM   252  N  N2    . G   A 1 12 ? 2.464   2.141   -6.386  1.00 35.79 ? 12  G   A N2    1 
ATOM   253  N  N3    . G   A 1 12 ? 0.272   2.743   -6.047  1.00 37.36 ? 12  G   A N3    1 
ATOM   254  C  C4    . G   A 1 12 ? -0.679  2.806   -5.091  1.00 38.40 ? 12  G   A C4    1 
ATOM   255  P  P     . C   A 1 13 ? -5.624  0.395   -7.986  1.00 50.78 ? 13  C   A P     1 
ATOM   256  O  OP1   . C   A 1 13 ? -6.582  0.064   -9.088  1.00 52.53 ? 13  C   A OP1   1 
ATOM   257  O  OP2   . C   A 1 13 ? -5.938  -0.017  -6.596  1.00 51.77 ? 13  C   A OP2   1 
ATOM   258  O  "O5'" . C   A 1 13 ? -4.243  -0.266  -8.405  1.00 49.70 ? 13  C   A "O5'" 1 
ATOM   259  C  "C5'" . C   A 1 13 ? -3.714  -0.041  -9.707  1.00 47.03 ? 13  C   A "C5'" 1 
ATOM   260  C  "C4'" . C   A 1 13 ? -2.312  -0.567  -9.785  1.00 47.40 ? 13  C   A "C4'" 1 
ATOM   261  O  "O4'" . C   A 1 13 ? -1.452  0.183   -8.888  1.00 44.73 ? 13  C   A "O4'" 1 
ATOM   262  C  "C3'" . C   A 1 13 ? -2.121  -1.996  -9.325  1.00 46.96 ? 13  C   A "C3'" 1 
ATOM   263  O  "O3'" . C   A 1 13 ? -2.485  -2.925  -10.327 1.00 49.58 ? 13  C   A "O3'" 1 
ATOM   264  C  "C2'" . C   A 1 13 ? -0.626  -2.023  -9.094  1.00 44.61 ? 13  C   A "C2'" 1 
ATOM   265  O  "O2'" . C   A 1 13 ? 0.035   -2.036  -10.344 1.00 44.01 ? 13  C   A "O2'" 1 
ATOM   266  C  "C1'" . C   A 1 13 ? -0.418  -0.665  -8.421  1.00 44.69 ? 13  C   A "C1'" 1 
ATOM   267  N  N1    . C   A 1 13 ? -0.523  -0.758  -6.961  1.00 40.08 ? 13  C   A N1    1 
ATOM   268  C  C2    . C   A 1 13 ? 0.624   -1.045  -6.225  1.00 39.59 ? 13  C   A C2    1 
ATOM   269  O  O2    . C   A 1 13 ? 1.693   -1.220  -6.830  1.00 35.30 ? 13  C   A O2    1 
ATOM   270  N  N3    . C   A 1 13 ? 0.533   -1.150  -4.872  1.00 36.23 ? 13  C   A N3    1 
ATOM   271  C  C4    . C   A 1 13 ? -0.652  -1.017  -4.273  1.00 35.57 ? 13  C   A C4    1 
ATOM   272  N  N4    . C   A 1 13 ? -0.711  -1.205  -2.955  1.00 33.93 ? 13  C   A N4    1 
ATOM   273  C  C5    . C   A 1 13 ? -1.834  -0.708  -5.004  1.00 36.75 ? 13  C   A C5    1 
ATOM   274  C  C6    . C   A 1 13 ? -1.724  -0.584  -6.333  1.00 39.53 ? 13  C   A C6    1 
ATOM   275  P  P     . A   A 1 14 ? -2.743  -4.445  -9.919  1.00 50.79 ? 14  A   A P     1 
ATOM   276  O  OP1   . A   A 1 14 ? -3.127  -5.198  -11.135 1.00 52.99 ? 14  A   A OP1   1 
ATOM   277  O  OP2   . A   A 1 14 ? -3.641  -4.429  -8.740  1.00 52.05 ? 14  A   A OP2   1 
ATOM   278  O  "O5'" . A   A 1 14 ? -1.321  -4.965  -9.436  1.00 49.48 ? 14  A   A "O5'" 1 
ATOM   279  C  "C5'" . A   A 1 14 ? -0.307  -5.335  -10.386 1.00 44.86 ? 14  A   A "C5'" 1 
ATOM   280  C  "C4'" . A   A 1 14 ? 0.937   -5.795  -9.663  1.00 43.91 ? 14  A   A "C4'" 1 
ATOM   281  O  "O4'" . A   A 1 14 ? 1.354   -4.753  -8.734  1.00 39.91 ? 14  A   A "O4'" 1 
ATOM   282  C  "C3'" . A   A 1 14 ? 0.771   -7.003  -8.761  1.00 43.71 ? 14  A   A "C3'" 1 
ATOM   283  O  "O3'" . A   A 1 14 ? 0.790   -8.240  -9.464  1.00 47.39 ? 14  A   A "O3'" 1 
ATOM   284  C  "C2'" . A   A 1 14 ? 1.964   -6.857  -7.825  1.00 42.20 ? 14  A   A "C2'" 1 
ATOM   285  O  "O2'" . A   A 1 14 ? 3.184   -7.248  -8.410  1.00 40.53 ? 14  A   A "O2'" 1 
ATOM   286  C  "C1'" . A   A 1 14 ? 1.988   -5.343  -7.612  1.00 40.69 ? 14  A   A "C1'" 1 
ATOM   287  N  N9    . A   A 1 14 ? 1.242   -4.964  -6.415  1.00 36.55 ? 14  A   A N9    1 
ATOM   288  C  C8    . A   A 1 14 ? -0.004  -4.390  -6.347  1.00 37.44 ? 14  A   A C8    1 
ATOM   289  N  N7    . A   A 1 14 ? -0.420  -4.180  -5.124  1.00 36.50 ? 14  A   A N7    1 
ATOM   290  C  C5    . A   A 1 14 ? 0.623   -4.640  -4.332  1.00 35.42 ? 14  A   A C5    1 
ATOM   291  C  C6    . A   A 1 14 ? 0.800   -4.700  -2.942  1.00 34.19 ? 14  A   A C6    1 
ATOM   292  N  N6    . A   A 1 14 ? -0.097  -4.245  -2.054  1.00 34.33 ? 14  A   A N6    1 
ATOM   293  N  N1    . A   A 1 14 ? 1.947   -5.241  -2.482  1.00 31.66 ? 14  A   A N1    1 
ATOM   294  C  C2    . A   A 1 14 ? 2.859   -5.666  -3.365  1.00 34.64 ? 14  A   A C2    1 
ATOM   295  N  N3    . A   A 1 14 ? 2.818   -5.651  -4.688  1.00 32.32 ? 14  A   A N3    1 
ATOM   296  C  C4    . A   A 1 14 ? 1.656   -5.125  -5.118  1.00 36.20 ? 14  A   A C4    1 
ATOM   297  P  P     . C   A 1 15 ? -0.265  -9.388  -9.059  1.00 48.82 ? 15  C   A P     1 
ATOM   298  O  OP1   . C   A 1 15 ? -0.309  -10.426 -10.132 1.00 50.29 ? 15  C   A OP1   1 
ATOM   299  O  OP2   . C   A 1 15 ? -1.506  -8.676  -8.682  1.00 50.26 ? 15  C   A OP2   1 
ATOM   300  O  "O5'" . C   A 1 15 ? 0.313   -10.047 -7.726  1.00 47.35 ? 15  C   A "O5'" 1 
ATOM   301  C  "C5'" . C   A 1 15 ? 1.618   -10.633 -7.708  1.00 43.13 ? 15  C   A "C5'" 1 
ATOM   302  C  "C4'" . C   A 1 15 ? 2.155   -10.734 -6.291  1.00 43.07 ? 15  C   A "C4'" 1 
ATOM   303  O  "O4'" . C   A 1 15 ? 2.263   -9.417  -5.684  1.00 39.78 ? 15  C   A "O4'" 1 
ATOM   304  C  "C3'" . C   A 1 15 ? 1.365   -11.489 -5.236  1.00 41.63 ? 15  C   A "C3'" 1 
ATOM   305  O  "O3'" . C   A 1 15 ? 1.401   -12.900 -5.362  1.00 44.90 ? 15  C   A "O3'" 1 
ATOM   306  C  "C2'" . C   A 1 15 ? 2.081   -11.042 -3.971  1.00 39.60 ? 15  C   A "C2'" 1 
ATOM   307  O  "O2'" . C   A 1 15 ? 3.332   -11.663 -3.741  1.00 38.61 ? 15  C   A "O2'" 1 
ATOM   308  C  "C1'" . C   A 1 15 ? 2.284   -9.558  -4.268  1.00 40.25 ? 15  C   A "C1'" 1 
ATOM   309  N  N1    . C   A 1 15 ? 1.155   -8.820  -3.684  1.00 37.97 ? 15  C   A N1    1 
ATOM   310  C  C2    . C   A 1 15 ? 1.175   -8.594  -2.315  1.00 39.60 ? 15  C   A C2    1 
ATOM   311  O  O2    . C   A 1 15 ? 2.156   -8.985  -1.660  1.00 37.92 ? 15  C   A O2    1 
ATOM   312  N  N3    . C   A 1 15 ? 0.129   -7.961  -1.730  1.00 38.76 ? 15  C   A N3    1 
ATOM   313  C  C4    . C   A 1 15 ? -0.906  -7.562  -2.476  1.00 36.96 ? 15  C   A C4    1 
ATOM   314  N  N4    . C   A 1 15 ? -1.924  -6.960  -1.861  1.00 38.77 ? 15  C   A N4    1 
ATOM   315  C  C5    . C   A 1 15 ? -0.945  -7.769  -3.885  1.00 37.55 ? 15  C   A C5    1 
ATOM   316  C  C6    . C   A 1 15 ? 0.100   -8.393  -4.444  1.00 37.36 ? 15  C   A C6    1 
ATOM   317  P  P     . A   A 1 16 ? 0.135   -13.768 -4.860  1.00 48.08 ? 16  A   A P     1 
ATOM   318  O  OP1   . A   A 1 16 ? 0.243   -15.143 -5.420  1.00 47.55 ? 16  A   A OP1   1 
ATOM   319  O  OP2   . A   A 1 16 ? -1.084  -12.956 -5.130  1.00 47.22 ? 16  A   A OP2   1 
ATOM   320  O  "O5'" . A   A 1 16 ? 0.343   -13.866 -3.287  1.00 44.54 ? 16  A   A "O5'" 1 
ATOM   321  C  "C5'" . A   A 1 16 ? 1.550   -14.421 -2.761  1.00 43.52 ? 16  A   A "C5'" 1 
ATOM   322  C  "C4'" . A   A 1 16 ? 1.596   -14.225 -1.274  1.00 44.94 ? 16  A   A "C4'" 1 
ATOM   323  O  "O4'" . A   A 1 16 ? 1.612   -12.808 -0.977  1.00 44.24 ? 16  A   A "O4'" 1 
ATOM   324  C  "C3'" . A   A 1 16 ? 0.386   -14.735 -0.507  1.00 44.23 ? 16  A   A "C3'" 1 
ATOM   325  O  "O3'" . A   A 1 16 ? 0.484   -16.121 -0.266  1.00 44.26 ? 16  A   A "O3'" 1 
ATOM   326  C  "C2'" . A   A 1 16 ? 0.492   -13.945 0.779   1.00 43.48 ? 16  A   A "C2'" 1 
ATOM   327  O  "O2'" . A   A 1 16 ? 1.507   -14.479 1.602   1.00 44.41 ? 16  A   A "O2'" 1 
ATOM   328  C  "C1'" . A   A 1 16 ? 0.906   -12.578 0.235   1.00 43.39 ? 16  A   A "C1'" 1 
ATOM   329  N  N9    . A   A 1 16 ? -0.259  -11.745 -0.065  1.00 39.75 ? 16  A   A N9    1 
ATOM   330  C  C8    . A   A 1 16 ? -0.837  -11.426 -1.280  1.00 39.00 ? 16  A   A C8    1 
ATOM   331  N  N7    . A   A 1 16 ? -1.891  -10.642 -1.171  1.00 37.99 ? 16  A   A N7    1 
ATOM   332  C  C5    . A   A 1 16 ? -2.013  -10.439 0.203   1.00 37.68 ? 16  A   A C5    1 
ATOM   333  C  C6    . A   A 1 16 ? -2.937  -9.715  0.975   1.00 38.07 ? 16  A   A C6    1 
ATOM   334  N  N6    . A   A 1 16 ? -3.959  -9.033  0.458   1.00 35.80 ? 16  A   A N6    1 
ATOM   335  N  N1    . A   A 1 16 ? -2.776  -9.719  2.316   1.00 38.24 ? 16  A   A N1    1 
ATOM   336  C  C2    . A   A 1 16 ? -1.760  -10.419 2.845   1.00 39.98 ? 16  A   A C2    1 
ATOM   337  N  N3    . A   A 1 16 ? -0.826  -11.144 2.230   1.00 39.09 ? 16  A   A N3    1 
ATOM   338  C  C4    . A   A 1 16 ? -1.013  -11.109 0.891   1.00 40.14 ? 16  A   A C4    1 
ATOM   339  P  P     . C   A 1 17 ? -0.840  -17.022 -0.260  1.00 45.15 ? 17  C   A P     1 
ATOM   340  O  OP1   . C   A 1 17 ? -0.367  -18.407 -0.024  1.00 44.76 ? 17  C   A OP1   1 
ATOM   341  O  OP2   . C   A 1 17 ? -1.693  -16.726 -1.441  1.00 41.52 ? 17  C   A OP2   1 
ATOM   342  O  "O5'" . C   A 1 17 ? -1.666  -16.511 1.014   1.00 46.70 ? 17  C   A "O5'" 1 
ATOM   343  C  "C5'" . C   A 1 17 ? -1.170  -16.697 2.352   1.00 48.37 ? 17  C   A "C5'" 1 
ATOM   344  C  "C4'" . C   A 1 17 ? -2.101  -16.041 3.349   1.00 50.68 ? 17  C   A "C4'" 1 
ATOM   345  O  "O4'" . C   A 1 17 ? -2.069  -14.601 3.169   1.00 48.05 ? 17  C   A "O4'" 1 
ATOM   346  C  "C3'" . C   A 1 17 ? -3.581  -16.372 3.194   1.00 52.50 ? 17  C   A "C3'" 1 
ATOM   347  O  "O3'" . C   A 1 17 ? -3.954  -17.617 3.743   1.00 55.98 ? 17  C   A "O3'" 1 
ATOM   348  C  "C2'" . C   A 1 17 ? -4.228  -15.223 3.932   1.00 51.51 ? 17  C   A "C2'" 1 
ATOM   349  O  "O2'" . C   A 1 17 ? -4.119  -15.359 5.328   1.00 52.04 ? 17  C   A "O2'" 1 
ATOM   350  C  "C1'" . C   A 1 17 ? -3.342  -14.069 3.472   1.00 49.13 ? 17  C   A "C1'" 1 
ATOM   351  N  N1    . C   A 1 17 ? -3.908  -13.485 2.258   1.00 46.46 ? 17  C   A N1    1 
ATOM   352  C  C2    . C   A 1 17 ? -4.920  -12.563 2.405   1.00 45.58 ? 17  C   A C2    1 
ATOM   353  O  O2    . C   A 1 17 ? -5.314  -12.300 3.554   1.00 50.06 ? 17  C   A O2    1 
ATOM   354  N  N3    . C   A 1 17 ? -5.461  -11.986 1.312   1.00 42.14 ? 17  C   A N3    1 
ATOM   355  C  C4    . C   A 1 17 ? -5.031  -12.331 0.101   1.00 40.44 ? 17  C   A C4    1 
ATOM   356  N  N4    . C   A 1 17 ? -5.601  -11.747 -0.950  1.00 36.52 ? 17  C   A N4    1 
ATOM   357  C  C5    . C   A 1 17 ? -4.000  -13.290 -0.082  1.00 40.22 ? 17  C   A C5    1 
ATOM   358  C  C6    . C   A 1 17 ? -3.464  -13.835 1.015   1.00 43.61 ? 17  C   A C6    1 
ATOM   359  P  P     . A   A 1 18 ? -5.146  -18.444 3.056   1.00 59.22 ? 18  A   A P     1 
ATOM   360  O  OP1   . A   A 1 18 ? -5.189  -19.802 3.673   1.00 59.69 ? 18  A   A OP1   1 
ATOM   361  O  OP2   . A   A 1 18 ? -5.018  -18.309 1.586   1.00 58.72 ? 18  A   A OP2   1 
ATOM   362  O  "O5'" . A   A 1 18 ? -6.465  -17.640 3.455   1.00 58.49 ? 18  A   A "O5'" 1 
ATOM   363  C  "C5'" . A   A 1 18 ? -6.886  -17.546 4.828   1.00 57.61 ? 18  A   A "C5'" 1 
ATOM   364  C  "C4'" . A   A 1 18 ? -8.107  -16.664 4.933   1.00 57.00 ? 18  A   A "C4'" 1 
ATOM   365  O  "O4'" . A   A 1 18 ? -7.779  -15.342 4.439   1.00 56.39 ? 18  A   A "O4'" 1 
ATOM   366  C  "C3'" . A   A 1 18 ? -9.294  -17.064 4.072   1.00 57.65 ? 18  A   A "C3'" 1 
ATOM   367  O  "O3'" . A   A 1 18 ? -10.075 -18.081 4.678   1.00 58.31 ? 18  A   A "O3'" 1 
ATOM   368  C  "C2'" . A   A 1 18 ? -10.072 -15.766 3.986   1.00 56.24 ? 18  A   A "C2'" 1 
ATOM   369  O  "O2'" . A   A 1 18 ? -10.777 -15.522 5.183   1.00 58.91 ? 18  A   A "O2'" 1 
ATOM   370  C  "C1'" . A   A 1 18 ? -8.934  -14.758 3.857   1.00 55.86 ? 18  A   A "C1'" 1 
ATOM   371  N  N9    . A   A 1 18 ? -8.636  -14.470 2.464   1.00 53.65 ? 18  A   A N9    1 
ATOM   372  C  C8    . A   A 1 18 ? -7.621  -14.964 1.680   1.00 52.97 ? 18  A   A C8    1 
ATOM   373  N  N7    . A   A 1 18 ? -7.619  -14.481 0.461   1.00 51.82 ? 18  A   A N7    1 
ATOM   374  C  C5    . A   A 1 18 ? -8.708  -13.618 0.445   1.00 50.28 ? 18  A   A C5    1 
ATOM   375  C  C6    . A   A 1 18 ? -9.236  -12.785 -0.544  1.00 49.79 ? 18  A   A C6    1 
ATOM   376  N  N6    . A   A 1 18 ? -8.706  -12.659 -1.764  1.00 47.64 ? 18  A   A N6    1 
ATOM   377  N  N1    . A   A 1 18 ? -10.337 -12.061 -0.237  1.00 47.82 ? 18  A   A N1    1 
ATOM   378  C  C2    . A   A 1 18 ? -10.847 -12.167 0.989   1.00 49.79 ? 18  A   A C2    1 
ATOM   379  N  N3    . A   A 1 18 ? -10.433 -12.903 2.007   1.00 51.04 ? 18  A   A N3    1 
ATOM   380  C  C4    . A   A 1 18 ? -9.347  -13.613 1.666   1.00 52.04 ? 18  A   A C4    1 
ATOM   381  P  P     . G   A 1 19 ? -11.086 -18.939 3.773   1.00 57.55 ? 19  G   A P     1 
ATOM   382  O  OP1   . G   A 1 19 ? -11.593 -20.052 4.615   1.00 58.52 ? 19  G   A OP1   1 
ATOM   383  O  OP2   . G   A 1 19 ? -10.354 -19.242 2.518   1.00 57.30 ? 19  G   A OP2   1 
ATOM   384  O  "O5'" . G   A 1 19 ? -12.272 -17.930 3.440   1.00 55.16 ? 19  G   A "O5'" 1 
ATOM   385  C  "C5'" . G   A 1 19 ? -13.142 -17.462 4.476   1.00 55.12 ? 19  G   A "C5'" 1 
ATOM   386  C  "C4'" . G   A 1 19 ? -14.204 -16.560 3.901   1.00 55.09 ? 19  G   A "C4'" 1 
ATOM   387  O  "O4'" . G   A 1 19 ? -13.591 -15.344 3.405   1.00 53.58 ? 19  G   A "O4'" 1 
ATOM   388  C  "C3'" . G   A 1 19 ? -14.940 -17.116 2.703   1.00 55.74 ? 19  G   A "C3'" 1 
ATOM   389  O  "O3'" . G   A 1 19 ? -15.973 -18.004 3.093   1.00 59.01 ? 19  G   A "O3'" 1 
ATOM   390  C  "C2'" . G   A 1 19 ? -15.443 -15.854 2.011   1.00 54.59 ? 19  G   A "C2'" 1 
ATOM   391  O  "O2'" . G   A 1 19 ? -16.604 -15.287 2.584   1.00 52.24 ? 19  G   A "O2'" 1 
ATOM   392  C  "C1'" . G   A 1 19 ? -14.258 -14.910 2.229   1.00 53.15 ? 19  G   A "C1'" 1 
ATOM   393  N  N9    . G   A 1 19 ? -13.287 -14.952 1.138   1.00 50.63 ? 19  G   A N9    1 
ATOM   394  C  C8    . G   A 1 19 ? -12.115 -15.664 1.121   1.00 49.36 ? 19  G   A C8    1 
ATOM   395  N  N7    . G   A 1 19 ? -11.437 -15.507 0.019   1.00 49.28 ? 19  G   A N7    1 
ATOM   396  C  C5    . G   A 1 19 ? -12.211 -14.639 -0.742  1.00 48.26 ? 19  G   A C5    1 
ATOM   397  C  C6    . G   A 1 19 ? -11.983 -14.103 -2.034  1.00 47.70 ? 19  G   A C6    1 
ATOM   398  O  O6    . G   A 1 19 ? -11.019 -14.284 -2.785  1.00 48.68 ? 19  G   A O6    1 
ATOM   399  N  N1    . G   A 1 19 ? -13.017 -13.271 -2.433  1.00 47.38 ? 19  G   A N1    1 
ATOM   400  C  C2    . G   A 1 19 ? -14.128 -12.986 -1.685  1.00 46.78 ? 19  G   A C2    1 
ATOM   401  N  N2    . G   A 1 19 ? -15.009 -12.162 -2.265  1.00 45.76 ? 19  G   A N2    1 
ATOM   402  N  N3    . G   A 1 19 ? -14.353 -13.473 -0.469  1.00 45.55 ? 19  G   A N3    1 
ATOM   403  C  C4    . G   A 1 19 ? -13.359 -14.288 -0.065  1.00 48.23 ? 19  G   A C4    1 
ATOM   404  P  P     . C   A 1 20 ? -16.448 -19.153 2.078   1.00 59.56 ? 20  C   A P     1 
ATOM   405  O  OP1   . C   A 1 20 ? -17.503 -19.973 2.734   1.00 62.22 ? 20  C   A OP1   1 
ATOM   406  O  OP2   . C   A 1 20 ? -15.227 -19.808 1.551   1.00 60.78 ? 20  C   A OP2   1 
ATOM   407  O  "O5'" . C   A 1 20 ? -17.124 -18.334 0.897   1.00 58.84 ? 20  C   A "O5'" 1 
ATOM   408  C  "C5'" . C   A 1 20 ? -18.251 -17.514 1.158   1.00 55.30 ? 20  C   A "C5'" 1 
ATOM   409  C  "C4'" . C   A 1 20 ? -18.629 -16.755 -0.079  1.00 55.06 ? 20  C   A "C4'" 1 
ATOM   410  O  "O4'" . C   A 1 20 ? -17.589 -15.797 -0.418  1.00 54.13 ? 20  C   A "O4'" 1 
ATOM   411  C  "C3'" . C   A 1 20 ? -18.767 -17.594 -1.332  1.00 53.73 ? 20  C   A "C3'" 1 
ATOM   412  O  "O3'" . C   A 1 20 ? -20.010 -18.275 -1.348  1.00 55.32 ? 20  C   A "O3'" 1 
ATOM   413  C  "C2'" . C   A 1 20 ? -18.615 -16.543 -2.425  1.00 53.12 ? 20  C   A "C2'" 1 
ATOM   414  O  "O2'" . C   A 1 20 ? -19.766 -15.752 -2.607  1.00 53.31 ? 20  C   A "O2'" 1 
ATOM   415  C  "C1'" . C   A 1 20 ? -17.515 -15.657 -1.831  1.00 52.05 ? 20  C   A "C1'" 1 
ATOM   416  N  N1    . C   A 1 20 ? -16.165 -16.057 -2.255  1.00 48.71 ? 20  C   A N1    1 
ATOM   417  C  C2    . C   A 1 20 ? -15.666 -15.586 -3.480  1.00 48.62 ? 20  C   A C2    1 
ATOM   418  O  O2    . C   A 1 20 ? -16.394 -14.865 -4.186  1.00 47.45 ? 20  C   A O2    1 
ATOM   419  N  N3    . C   A 1 20 ? -14.410 -15.941 -3.866  1.00 46.04 ? 20  C   A N3    1 
ATOM   420  C  C4    . C   A 1 20 ? -13.678 -16.749 -3.087  1.00 48.23 ? 20  C   A C4    1 
ATOM   421  N  N4    . C   A 1 20 ? -12.454 -17.105 -3.505  1.00 44.31 ? 20  C   A N4    1 
ATOM   422  C  C5    . C   A 1 20 ? -14.169 -17.241 -1.840  1.00 48.04 ? 20  C   A C5    1 
ATOM   423  C  C6    . C   A 1 20 ? -15.404 -16.875 -1.469  1.00 48.46 ? 20  C   A C6    1 
ATOM   424  P  P     . A   A 1 21 ? -20.322 -19.333 -2.513  1.00 55.03 ? 21  A   A P     1 
ATOM   425  O  OP1   . A   A 1 21 ? -21.530 -20.125 -2.166  1.00 55.77 ? 21  A   A OP1   1 
ATOM   426  O  OP2   . A   A 1 21 ? -19.044 -20.039 -2.789  1.00 53.64 ? 21  A   A OP2   1 
ATOM   427  O  "O5'" . A   A 1 21 ? -20.713 -18.379 -3.723  1.00 55.32 ? 21  A   A "O5'" 1 
ATOM   428  C  "C5'" . A   A 1 21 ? -20.762 -18.883 -5.046  1.00 54.56 ? 21  A   A "C5'" 1 
ATOM   429  C  "C4'" . A   A 1 21 ? -20.407 -17.805 -6.031  1.00 54.13 ? 21  A   A "C4'" 1 
ATOM   430  O  "O4'" . A   A 1 21 ? -19.260 -17.051 -5.574  1.00 53.37 ? 21  A   A "O4'" 1 
ATOM   431  C  "C3'" . A   A 1 21 ? -19.955 -18.406 -7.340  1.00 54.40 ? 21  A   A "C3'" 1 
ATOM   432  O  "O3'" . A   A 1 21 ? -21.064 -18.737 -8.128  1.00 55.60 ? 21  A   A "O3'" 1 
ATOM   433  C  "C2'" . A   A 1 21 ? -19.072 -17.326 -7.929  1.00 53.19 ? 21  A   A "C2'" 1 
ATOM   434  O  "O2'" . A   A 1 21 ? -19.817 -16.292 -8.535  1.00 55.15 ? 21  A   A "O2'" 1 
ATOM   435  C  "C1'" . A   A 1 21 ? -18.381 -16.815 -6.665  1.00 51.12 ? 21  A   A "C1'" 1 
ATOM   436  N  N9    . A   A 1 21 ? -17.130 -17.525 -6.399  1.00 46.52 ? 21  A   A N9    1 
ATOM   437  C  C8    . A   A 1 21 ? -16.763 -18.250 -5.292  1.00 45.87 ? 21  A   A C8    1 
ATOM   438  N  N7    . A   A 1 21 ? -15.523 -18.684 -5.333  1.00 44.65 ? 21  A   A N7    1 
ATOM   439  C  C5    . A   A 1 21 ? -15.052 -18.230 -6.556  1.00 42.57 ? 21  A   A C5    1 
ATOM   440  C  C6    . A   A 1 21 ? -13.797 -18.325 -7.188  1.00 40.49 ? 21  A   A C6    1 
ATOM   441  N  N6    . A   A 1 21 ? -12.721 -18.875 -6.623  1.00 39.03 ? 21  A   A N6    1 
ATOM   442  N  N1    . A   A 1 21 ? -13.679 -17.799 -8.425  1.00 37.30 ? 21  A   A N1    1 
ATOM   443  C  C2    . A   A 1 21 ? -14.743 -17.187 -8.966  1.00 40.80 ? 21  A   A C2    1 
ATOM   444  N  N3    . A   A 1 21 ? -15.956 -16.999 -8.461  1.00 41.40 ? 21  A   A N3    1 
ATOM   445  C  C4    . A   A 1 21 ? -16.046 -17.550 -7.240  1.00 44.83 ? 21  A   A C4    1 
ATOM   446  P  P     . A   A 1 22 ? -21.214 -20.231 -8.649  1.00 55.81 ? 22  A   A P     1 
ATOM   447  O  OP1   . A   A 1 22 ? -22.652 -20.503 -8.874  1.00 56.71 ? 22  A   A OP1   1 
ATOM   448  O  OP2   . A   A 1 22 ? -20.426 -21.099 -7.725  1.00 54.68 ? 22  A   A OP2   1 
ATOM   449  O  "O5'" . A   A 1 22 ? -20.486 -20.189 -10.052 1.00 54.41 ? 22  A   A "O5'" 1 
ATOM   450  C  "C5'" . A   A 1 22 ? -20.773 -19.140 -10.966 1.00 54.08 ? 22  A   A "C5'" 1 
ATOM   451  C  "C4'" . A   A 1 22 ? -19.672 -19.042 -11.975 1.00 54.21 ? 22  A   A "C4'" 1 
ATOM   452  O  "O4'" . A   A 1 22 ? -18.472 -18.524 -11.343 1.00 54.88 ? 22  A   A "O4'" 1 
ATOM   453  C  "C3'" . A   A 1 22 ? -19.220 -20.375 -12.532 1.00 53.65 ? 22  A   A "C3'" 1 
ATOM   454  O  "O3'" . A   A 1 22 ? -20.123 -20.827 -13.531 1.00 54.09 ? 22  A   A "O3'" 1 
ATOM   455  C  "C2'" . A   A 1 22 ? -17.856 -20.006 -13.087 1.00 53.21 ? 22  A   A "C2'" 1 
ATOM   456  O  "O2'" . A   A 1 22 ? -17.987 -19.224 -14.251 1.00 53.78 ? 22  A   A "O2'" 1 
ATOM   457  C  "C1'" . A   A 1 22 ? -17.338 -19.063 -11.999 1.00 51.63 ? 22  A   A "C1'" 1 
ATOM   458  N  N9    . A   A 1 22 ? -16.497 -19.718 -11.007 1.00 47.73 ? 22  A   A N9    1 
ATOM   459  C  C8    . A   A 1 22 ? -16.830 -20.128 -9.745  1.00 47.58 ? 22  A   A C8    1 
ATOM   460  N  N7    . A   A 1 22 ? -15.834 -20.655 -9.079  1.00 44.58 ? 22  A   A N7    1 
ATOM   461  C  C5    . A   A 1 22 ? -14.771 -20.586 -9.968  1.00 45.77 ? 22  A   A C5    1 
ATOM   462  C  C6    . A   A 1 22 ? -13.425 -20.963 -9.859  1.00 43.14 ? 22  A   A C6    1 
ATOM   463  N  N6    . A   A 1 22 ? -12.888 -21.443 -8.740  1.00 39.37 ? 22  A   A N6    1 
ATOM   464  N  N1    . A   A 1 22 ? -12.637 -20.802 -10.943 1.00 42.11 ? 22  A   A N1    1 
ATOM   465  C  C2    . A   A 1 22 ? -13.174 -20.254 -12.042 1.00 43.92 ? 22  A   A C2    1 
ATOM   466  N  N3    . A   A 1 22 ? -14.413 -19.828 -12.253 1.00 43.75 ? 22  A   A N3    1 
ATOM   467  C  C4    . A   A 1 22 ? -15.171 -20.030 -11.166 1.00 46.26 ? 22  A   A C4    1 
ATOM   468  P  P     . G   A 1 23 ? -20.351 -22.408 -13.755 1.00 55.20 ? 23  G   A P     1 
ATOM   469  O  OP1   . G   A 1 23 ? -21.407 -22.561 -14.803 1.00 54.30 ? 23  G   A OP1   1 
ATOM   470  O  OP2   . G   A 1 23 ? -20.521 -23.074 -12.440 1.00 55.44 ? 23  G   A OP2   1 
ATOM   471  O  "O5'" . G   A 1 23 ? -18.972 -22.913 -14.384 1.00 53.50 ? 23  G   A "O5'" 1 
ATOM   472  C  "C5'" . G   A 1 23 ? -18.621 -22.558 -15.731 1.00 52.91 ? 23  G   A "C5'" 1 
ATOM   473  C  "C4'" . G   A 1 23 ? -17.231 -23.040 -16.061 1.00 51.33 ? 23  G   A "C4'" 1 
ATOM   474  O  "O4'" . G   A 1 23 ? -16.270 -22.380 -15.202 1.00 49.58 ? 23  G   A "O4'" 1 
ATOM   475  C  "C3'" . G   A 1 23 ? -16.973 -24.519 -15.838 1.00 51.06 ? 23  G   A "C3'" 1 
ATOM   476  O  "O3'" . G   A 1 23 ? -17.468 -25.307 -16.915 1.00 51.75 ? 23  G   A "O3'" 1 
ATOM   477  C  "C2'" . G   A 1 23 ? -15.458 -24.553 -15.710 1.00 50.12 ? 23  G   A "C2'" 1 
ATOM   478  O  "O2'" . G   A 1 23 ? -14.826 -24.436 -16.967 1.00 50.89 ? 23  G   A "O2'" 1 
ATOM   479  C  "C1'" . G   A 1 23 ? -15.201 -23.263 -14.928 1.00 48.34 ? 23  G   A "C1'" 1 
ATOM   480  N  N9    . G   A 1 23 ? -15.156 -23.477 -13.491 1.00 47.05 ? 23  G   A N9    1 
ATOM   481  C  C8    . G   A 1 23 ? -16.200 -23.404 -12.602 1.00 46.22 ? 23  G   A C8    1 
ATOM   482  N  N7    . G   A 1 23 ? -15.842 -23.659 -11.376 1.00 44.63 ? 23  G   A N7    1 
ATOM   483  C  C5    . G   A 1 23 ? -14.482 -23.919 -11.463 1.00 44.99 ? 23  G   A C5    1 
ATOM   484  C  C6    . G   A 1 23 ? -13.548 -24.257 -10.462 1.00 44.91 ? 23  G   A C6    1 
ATOM   485  O  O6    . G   A 1 23 ? -13.747 -24.442 -9.260  1.00 42.23 ? 23  G   A O6    1 
ATOM   486  N  N1    . G   A 1 23 ? -12.261 -24.385 -10.984 1.00 45.54 ? 23  G   A N1    1 
ATOM   487  C  C2    . G   A 1 23 ? -11.928 -24.225 -12.310 1.00 44.69 ? 23  G   A C2    1 
ATOM   488  N  N2    . G   A 1 23 ? -10.636 -24.357 -12.633 1.00 43.93 ? 23  G   A N2    1 
ATOM   489  N  N3    . G   A 1 23 ? -12.800 -23.944 -13.251 1.00 45.04 ? 23  G   A N3    1 
ATOM   490  C  C4    . G   A 1 23 ? -14.046 -23.797 -12.762 1.00 44.72 ? 23  G   A C4    1 
ATOM   491  O  "O5'" . C   B 1 1  ? 8.213   24.040  -4.788  1.00 49.03 ? 1   C   B "O5'" 1 
ATOM   492  C  "C5'" . C   B 1 1  ? 8.054   24.000  -6.205  1.00 47.43 ? 1   C   B "C5'" 1 
ATOM   493  C  "C4'" . C   B 1 1  ? 9.372   23.718  -6.879  1.00 46.90 ? 1   C   B "C4'" 1 
ATOM   494  O  "O4'" . C   B 1 1  ? 10.363  24.655  -6.392  1.00 47.94 ? 1   C   B "O4'" 1 
ATOM   495  C  "C3'" . C   B 1 1  ? 9.987   22.367  -6.577  1.00 48.11 ? 1   C   B "C3'" 1 
ATOM   496  O  "O3'" . C   B 1 1  ? 9.442   21.366  -7.407  1.00 49.38 ? 1   C   B "O3'" 1 
ATOM   497  C  "C2'" . C   B 1 1  ? 11.449  22.621  -6.887  1.00 47.98 ? 1   C   B "C2'" 1 
ATOM   498  O  "O2'" . C   B 1 1  ? 11.659  22.695  -8.281  1.00 51.31 ? 1   C   B "O2'" 1 
ATOM   499  C  "C1'" . C   B 1 1  ? 11.626  24.021  -6.306  1.00 47.76 ? 1   C   B "C1'" 1 
ATOM   500  N  N1    . C   B 1 1  ? 12.019  24.010  -4.891  1.00 45.57 ? 1   C   B N1    1 
ATOM   501  C  C2    . C   B 1 1  ? 13.344  23.764  -4.555  1.00 44.80 ? 1   C   B C2    1 
ATOM   502  O  O2    . C   B 1 1  ? 14.161  23.530  -5.450  1.00 43.88 ? 1   C   B O2    1 
ATOM   503  N  N3    . C   B 1 1  ? 13.701  23.780  -3.262  1.00 44.18 ? 1   C   B N3    1 
ATOM   504  C  C4    . C   B 1 1  ? 12.790  24.029  -2.321  1.00 42.90 ? 1   C   B C4    1 
ATOM   505  N  N4    . C   B 1 1  ? 13.198  24.069  -1.057  1.00 42.67 ? 1   C   B N4    1 
ATOM   506  C  C5    . C   B 1 1  ? 11.429  24.259  -2.634  1.00 42.46 ? 1   C   B C5    1 
ATOM   507  C  C6    . C   B 1 1  ? 11.090  24.243  -3.917  1.00 44.41 ? 1   C   B C6    1 
ATOM   508  P  P     . U   B 1 2  ? 9.026   19.960  -6.778  1.00 49.94 ? 2   U   B P     1 
ATOM   509  O  OP1   . U   B 1 2  ? 8.402   19.163  -7.869  1.00 52.80 ? 2   U   B OP1   1 
ATOM   510  O  OP2   . U   B 1 2  ? 8.260   20.224  -5.531  1.00 48.84 ? 2   U   B OP2   1 
ATOM   511  O  "O5'" . U   B 1 2  ? 10.407  19.288  -6.343  1.00 50.53 ? 2   U   B "O5'" 1 
ATOM   512  C  "C5'" . U   B 1 2  ? 11.246  18.649  -7.312  1.00 48.94 ? 2   U   B "C5'" 1 
ATOM   513  C  "C4'" . U   B 1 2  ? 12.603  18.351  -6.722  1.00 47.99 ? 2   U   B "C4'" 1 
ATOM   514  O  "O4'" . U   B 1 2  ? 13.098  19.547  -6.074  1.00 45.40 ? 2   U   B "O4'" 1 
ATOM   515  C  "C3'" . U   B 1 2  ? 12.703  17.322  -5.604  1.00 49.06 ? 2   U   B "C3'" 1 
ATOM   516  O  "O3'" . U   B 1 2  ? 12.677  15.997  -6.114  1.00 51.35 ? 2   U   B "O3'" 1 
ATOM   517  C  "C2'" . U   B 1 2  ? 14.080  17.648  -5.055  1.00 47.68 ? 2   U   B "C2'" 1 
ATOM   518  O  "O2'" . U   B 1 2  ? 15.086  17.197  -5.932  1.00 51.05 ? 2   U   B "O2'" 1 
ATOM   519  C  "C1'" . U   B 1 2  ? 14.062  19.176  -5.113  1.00 46.84 ? 2   U   B "C1'" 1 
ATOM   520  N  N1    . U   B 1 2  ? 13.680  19.738  -3.816  1.00 43.76 ? 2   U   B N1    1 
ATOM   521  C  C2    . U   B 1 2  ? 14.644  19.721  -2.850  1.00 44.03 ? 2   U   B C2    1 
ATOM   522  O  O2    . U   B 1 2  ? 15.762  19.297  -3.058  1.00 45.86 ? 2   U   B O2    1 
ATOM   523  N  N3    . U   B 1 2  ? 14.257  20.213  -1.637  1.00 42.63 ? 2   U   B N3    1 
ATOM   524  C  C4    . U   B 1 2  ? 13.020  20.710  -1.305  1.00 40.52 ? 2   U   B C4    1 
ATOM   525  O  O4    . U   B 1 2  ? 12.816  21.083  -0.156  1.00 40.26 ? 2   U   B O4    1 
ATOM   526  C  C5    . U   B 1 2  ? 12.072  20.711  -2.373  1.00 38.81 ? 2   U   B C5    1 
ATOM   527  C  C6    . U   B 1 2  ? 12.429  20.237  -3.570  1.00 41.32 ? 2   U   B C6    1 
HETATM 528  P  P     . 5BU B 1 3  ? 12.269  14.774  -5.152  1.00 54.73 ? 3   5BU B P     1 
HETATM 529  O  OP1   . 5BU B 1 3  ? 12.084  13.603  -6.026  1.00 54.10 ? 3   5BU B OP1   1 
HETATM 530  O  OP2   . 5BU B 1 3  ? 11.156  15.229  -4.265  1.00 56.47 ? 3   5BU B OP2   1 
HETATM 531  O  "O5'" . 5BU B 1 3  ? 13.540  14.535  -4.227  1.00 52.84 ? 3   5BU B "O5'" 1 
HETATM 532  C  "C5'" . 5BU B 1 3  ? 14.797  14.121  -4.799  1.00 53.87 ? 3   5BU B "C5'" 1 
HETATM 533  C  "C4'" . 5BU B 1 3  ? 15.870  14.038  -3.737  1.00 52.46 ? 3   5BU B "C4'" 1 
HETATM 534  O  "O4'" . 5BU B 1 3  ? 16.109  15.345  -3.198  1.00 51.78 ? 3   5BU B "O4'" 1 
HETATM 535  C  "C3'" . 5BU B 1 3  ? 15.553  13.179  -2.532  1.00 52.78 ? 3   5BU B "C3'" 1 
HETATM 536  O  "O3'" . 5BU B 1 3  ? 15.745  11.811  -2.807  1.00 54.99 ? 3   5BU B "O3'" 1 
HETATM 537  C  "C2'" . 5BU B 1 3  ? 16.520  13.729  -1.513  1.00 52.55 ? 3   5BU B "C2'" 1 
HETATM 538  O  "O2'" . 5BU B 1 3  ? 17.835  13.233  -1.722  1.00 52.94 ? 3   5BU B "O2'" 1 
HETATM 539  C  "C1'" . 5BU B 1 3  ? 16.420  15.221  -1.829  1.00 51.16 ? 3   5BU B "C1'" 1 
HETATM 540  N  N1    . 5BU B 1 3  ? 15.398  15.937  -1.084  1.00 50.13 ? 3   5BU B N1    1 
HETATM 541  C  C2    . 5BU B 1 3  ? 15.719  16.245  0.219   1.00 48.97 ? 3   5BU B C2    1 
HETATM 542  O  O2    . 5BU B 1 3  ? 16.801  15.918  0.796   1.00 49.19 ? 3   5BU B O2    1 
HETATM 543  N  N3    . 5BU B 1 3  ? 14.753  16.954  0.891   1.00 48.81 ? 3   5BU B N3    1 
HETATM 544  C  C4    . 5BU B 1 3  ? 13.528  17.372  0.417   1.00 47.90 ? 3   5BU B C4    1 
HETATM 545  O  O4    . 5BU B 1 3  ? 12.766  18.023  1.147   1.00 51.11 ? 3   5BU B O4    1 
HETATM 546  C  C5    . 5BU B 1 3  ? 13.265  16.988  -0.919  1.00 49.76 ? 3   5BU B C5    1 
HETATM 547  C  C6    . 5BU B 1 3  ? 14.195  16.297  -1.634  1.00 48.01 ? 3   5BU B C6    1 
HETATM 548  BR BR    . 5BU B 1 3  ? 11.557  17.335  -1.634  0.36 44.08 ? 3   5BU B BR    1 
ATOM   549  P  P     . G   B 1 4  ? 14.973  10.716  -1.923  1.00 53.46 ? 4   G   B P     1 
ATOM   550  O  OP1   . G   B 1 4  ? 15.258  9.372   -2.497  1.00 55.42 ? 4   G   B OP1   1 
ATOM   551  O  OP2   . G   B 1 4  ? 13.573  11.182  -1.802  1.00 53.96 ? 4   G   B OP2   1 
ATOM   552  O  "O5'" . G   B 1 4  ? 15.709  10.811  -0.521  1.00 53.22 ? 4   G   B "O5'" 1 
ATOM   553  C  "C5'" . G   B 1 4  ? 17.025  10.271  -0.373  1.00 50.72 ? 4   G   B "C5'" 1 
ATOM   554  C  "C4'" . G   B 1 4  ? 17.473  10.413  1.042   1.00 50.70 ? 4   G   B "C4'" 1 
ATOM   555  O  "O4'" . G   B 1 4  ? 17.483  11.821  1.384   1.00 51.40 ? 4   G   B "O4'" 1 
ATOM   556  C  "C3'" . G   B 1 4  ? 16.547  9.799   2.076   1.00 50.28 ? 4   G   B "C3'" 1 
ATOM   557  O  "O3'" . G   B 1 4  ? 16.785  8.405   2.195   1.00 49.60 ? 4   G   B "O3'" 1 
ATOM   558  C  "C2'" . G   B 1 4  ? 16.936  10.576  3.320   1.00 49.49 ? 4   G   B "C2'" 1 
ATOM   559  O  "O2'" . G   B 1 4  ? 18.194  10.156  3.799   1.00 51.71 ? 4   G   B "O2'" 1 
ATOM   560  C  "C1'" . G   B 1 4  ? 17.103  11.983  2.741   1.00 49.13 ? 4   G   B "C1'" 1 
ATOM   561  N  N9    . G   B 1 4  ? 15.879  12.772  2.754   1.00 46.27 ? 4   G   B N9    1 
ATOM   562  C  C8    . G   B 1 4  ? 15.020  12.962  1.700   1.00 45.60 ? 4   G   B C8    1 
ATOM   563  N  N7    . G   B 1 4  ? 14.018  13.747  1.990   1.00 45.53 ? 4   G   B N7    1 
ATOM   564  C  C5    . G   B 1 4  ? 14.223  14.087  3.320   1.00 45.32 ? 4   G   B C5    1 
ATOM   565  C  C6    . G   B 1 4  ? 13.458  14.917  4.188   1.00 45.53 ? 4   G   B C6    1 
ATOM   566  O  O6    . G   B 1 4  ? 12.407  15.546  3.952   1.00 47.53 ? 4   G   B O6    1 
ATOM   567  N  N1    . G   B 1 4  ? 14.022  14.979  5.454   1.00 46.10 ? 4   G   B N1    1 
ATOM   568  C  C2    . G   B 1 4  ? 15.162  14.324  5.843   1.00 45.73 ? 4   G   B C2    1 
ATOM   569  N  N2    . G   B 1 4  ? 15.522  14.484  7.122   1.00 46.63 ? 4   G   B N2    1 
ATOM   570  N  N3    . G   B 1 4  ? 15.888  13.563  5.046   1.00 45.12 ? 4   G   B N3    1 
ATOM   571  C  C4    . G   B 1 4  ? 15.362  13.484  3.810   1.00 45.33 ? 4   G   B C4    1 
ATOM   572  P  P     . C   B 1 5  ? 15.578  7.415   2.601   1.00 49.03 ? 5   C   B P     1 
ATOM   573  O  OP1   . C   B 1 5  ? 16.060  6.028   2.386   1.00 49.77 ? 5   C   B OP1   1 
ATOM   574  O  OP2   . C   B 1 5  ? 14.319  7.849   1.937   1.00 47.70 ? 5   C   B OP2   1 
ATOM   575  O  "O5'" . C   B 1 5  ? 15.429  7.672   4.164   1.00 45.64 ? 5   C   B "O5'" 1 
ATOM   576  C  "C5'" . C   B 1 5  ? 16.557  7.550   5.029   1.00 45.24 ? 5   C   B "C5'" 1 
ATOM   577  C  "C4'" . C   B 1 5  ? 16.243  8.148   6.373   1.00 45.56 ? 5   C   B "C4'" 1 
ATOM   578  O  "O4'" . C   B 1 5  ? 16.145  9.586   6.254   1.00 46.41 ? 5   C   B "O4'" 1 
ATOM   579  C  "C3'" . C   B 1 5  ? 14.918  7.744   7.002   1.00 45.23 ? 5   C   B "C3'" 1 
ATOM   580  O  "O3'" . C   B 1 5  ? 15.024  6.488   7.651   1.00 45.32 ? 5   C   B "O3'" 1 
ATOM   581  C  "C2'" . C   B 1 5  ? 14.710  8.866   8.004   1.00 45.66 ? 5   C   B "C2'" 1 
ATOM   582  O  "O2'" . C   B 1 5  ? 15.584  8.720   9.100   1.00 48.07 ? 5   C   B "O2'" 1 
ATOM   583  C  "C1'" . C   B 1 5  ? 15.196  10.068  7.199   1.00 46.50 ? 5   C   B "C1'" 1 
ATOM   584  N  N1    . C   B 1 5  ? 14.099  10.710  6.472   1.00 42.99 ? 5   C   B N1    1 
ATOM   585  C  C2    . C   B 1 5  ? 13.302  11.620  7.148   1.00 44.16 ? 5   C   B C2    1 
ATOM   586  O  O2    . C   B 1 5  ? 13.508  11.806  8.364   1.00 45.21 ? 5   C   B O2    1 
ATOM   587  N  N3    . C   B 1 5  ? 12.318  12.262  6.472   1.00 42.87 ? 5   C   B N3    1 
ATOM   588  C  C4    . C   B 1 5  ? 12.116  11.993  5.180   1.00 41.58 ? 5   C   B C4    1 
ATOM   589  N  N4    . C   B 1 5  ? 11.146  12.662  4.540   1.00 39.36 ? 5   C   B N4    1 
ATOM   590  C  C5    . C   B 1 5  ? 12.897  11.034  4.483   1.00 41.60 ? 5   C   B C5    1 
ATOM   591  C  C6    . C   B 1 5  ? 13.870  10.426  5.156   1.00 43.00 ? 5   C   B C6    1 
ATOM   592  P  P     . U   B 1 6  ? 13.739  5.529   7.764   1.00 45.86 ? 6   U   B P     1 
ATOM   593  O  OP1   . U   B 1 6  ? 14.196  4.212   8.275   1.00 46.95 ? 6   U   B OP1   1 
ATOM   594  O  OP2   . U   B 1 6  ? 12.959  5.582   6.511   1.00 47.57 ? 6   U   B OP2   1 
ATOM   595  O  "O5'" . U   B 1 6  ? 12.829  6.243   8.859   1.00 44.28 ? 6   U   B "O5'" 1 
ATOM   596  C  "C5'" . U   B 1 6  ? 13.253  6.333   10.210  1.00 43.63 ? 6   U   B "C5'" 1 
ATOM   597  C  "C4'" . U   B 1 6  ? 12.328  7.245   10.973  1.00 43.93 ? 6   U   B "C4'" 1 
ATOM   598  O  "O4'" . U   B 1 6  ? 12.405  8.578   10.406  1.00 42.79 ? 6   U   B "O4'" 1 
ATOM   599  C  "C3'" . U   B 1 6  ? 10.848  6.915   10.881  1.00 44.18 ? 6   U   B "C3'" 1 
ATOM   600  O  "O3'" . U   B 1 6  ? 10.459  5.854   11.750  1.00 46.17 ? 6   U   B "O3'" 1 
ATOM   601  C  "C2'" . U   B 1 6  ? 10.218  8.246   11.260  1.00 43.49 ? 6   U   B "C2'" 1 
ATOM   602  O  "O2'" . U   B 1 6  ? 10.315  8.503   12.643  1.00 43.47 ? 6   U   B "O2'" 1 
ATOM   603  C  "C1'" . U   B 1 6  ? 11.144  9.220   10.535  1.00 41.98 ? 6   U   B "C1'" 1 
ATOM   604  N  N1    . U   B 1 6  ? 10.635  9.574   9.204   1.00 39.46 ? 6   U   B N1    1 
ATOM   605  C  C2    . U   B 1 6  ? 9.622   10.511  9.164   1.00 37.93 ? 6   U   B C2    1 
ATOM   606  O  O2    . U   B 1 6  ? 9.161   11.007  10.162  1.00 41.27 ? 6   U   B O2    1 
ATOM   607  N  N3    . U   B 1 6  ? 9.167   10.840  7.913   1.00 38.12 ? 6   U   B N3    1 
ATOM   608  C  C4    . U   B 1 6  ? 9.600   10.317  6.707   1.00 38.43 ? 6   U   B C4    1 
ATOM   609  O  O4    . U   B 1 6  ? 9.006   10.628  5.672   1.00 35.13 ? 6   U   B O4    1 
ATOM   610  C  C5    . U   B 1 6  ? 10.657  9.339   6.822   1.00 37.67 ? 6   U   B C5    1 
ATOM   611  C  C6    . U   B 1 6  ? 11.129  9.009   8.041   1.00 38.22 ? 6   U   B C6    1 
ATOM   612  P  P     . G   B 1 7  ? 9.162   4.974   11.387  1.00 45.78 ? 7   G   B P     1 
ATOM   613  O  OP1   . G   B 1 7  ? 9.004   3.848   12.338  1.00 46.92 ? 7   G   B OP1   1 
ATOM   614  O  OP2   . G   B 1 7  ? 9.228   4.707   9.933   1.00 45.50 ? 7   G   B OP2   1 
ATOM   615  O  "O5'" . G   B 1 7  ? 7.959   5.969   11.661  1.00 44.91 ? 7   G   B "O5'" 1 
ATOM   616  C  "C5'" . G   B 1 7  ? 7.774   6.526   12.965  1.00 45.30 ? 7   G   B "C5'" 1 
ATOM   617  C  "C4'" . G   B 1 7  ? 6.630   7.489   12.939  1.00 45.89 ? 7   G   B "C4'" 1 
ATOM   618  O  "O4'" . G   B 1 7  ? 6.981   8.618   12.099  1.00 45.62 ? 7   G   B "O4'" 1 
ATOM   619  C  "C3'" . G   B 1 7  ? 5.363   6.945   12.312  1.00 47.30 ? 7   G   B "C3'" 1 
ATOM   620  O  "O3'" . G   B 1 7  ? 4.636   6.175   13.263  1.00 49.67 ? 7   G   B "O3'" 1 
ATOM   621  C  "C2'" . G   B 1 7  ? 4.645   8.226   11.926  1.00 46.91 ? 7   G   B "C2'" 1 
ATOM   622  O  "O2'" . G   B 1 7  ? 4.107   8.844   13.074  1.00 48.33 ? 7   G   B "O2'" 1 
ATOM   623  C  "C1'" . G   B 1 7  ? 5.816   9.090   11.445  1.00 45.65 ? 7   G   B "C1'" 1 
ATOM   624  N  N9    . G   B 1 7  ? 6.039   9.033   10.005  1.00 43.70 ? 7   G   B N9    1 
ATOM   625  C  C8    . G   B 1 7  ? 6.904   8.213   9.325   1.00 41.41 ? 7   G   B C8    1 
ATOM   626  N  N7    . G   B 1 7  ? 6.876   8.403   8.038   1.00 43.26 ? 7   G   B N7    1 
ATOM   627  C  C5    . G   B 1 7  ? 5.942   9.412   7.861   1.00 40.51 ? 7   G   B C5    1 
ATOM   628  C  C6    . G   B 1 7  ? 5.491   10.046  6.680   1.00 40.74 ? 7   G   B C6    1 
ATOM   629  O  O6    . G   B 1 7  ? 5.848   9.839   5.518   1.00 36.81 ? 7   G   B O6    1 
ATOM   630  N  N1    . G   B 1 7  ? 4.522   11.014  6.953   1.00 37.72 ? 7   G   B N1    1 
ATOM   631  C  C2    . G   B 1 7  ? 4.056   11.328  8.212   1.00 42.14 ? 7   G   B C2    1 
ATOM   632  N  N2    . G   B 1 7  ? 3.110   12.286  8.294   1.00 41.97 ? 7   G   B N2    1 
ATOM   633  N  N3    . G   B 1 7  ? 4.482   10.746  9.316   1.00 40.91 ? 7   G   B N3    1 
ATOM   634  C  C4    . G   B 1 7  ? 5.416   9.808   9.067   1.00 42.58 ? 7   G   B C4    1 
ATOM   635  P  P     . A   B 1 8  ? 3.331   5.364   12.803  1.00 51.57 ? 8   A   B P     1 
ATOM   636  O  OP1   . A   B 1 8  ? 2.841   5.905   11.510  1.00 51.43 ? 8   A   B OP1   1 
ATOM   637  O  OP2   . A   B 1 8  ? 2.403   5.289   13.963  1.00 53.22 ? 8   A   B OP2   1 
ATOM   638  O  "O5'" . A   B 1 8  ? 3.832   3.868   12.571  1.00 52.28 ? 8   A   B "O5'" 1 
ATOM   639  C  "C5'" . A   B 1 8  ? 4.713   3.512   11.495  1.00 48.35 ? 8   A   B "C5'" 1 
ATOM   640  C  "C4'" . A   B 1 8  ? 4.715   2.009   11.321  1.00 46.11 ? 8   A   B "C4'" 1 
ATOM   641  O  "O4'" . A   B 1 8  ? 4.836   1.398   12.629  1.00 43.03 ? 8   A   B "O4'" 1 
ATOM   642  C  "C3'" . A   B 1 8  ? 3.434   1.402   10.774  1.00 46.59 ? 8   A   B "C3'" 1 
ATOM   643  O  "O3'" . A   B 1 8  ? 3.442   1.388   9.359   1.00 50.31 ? 8   A   B "O3'" 1 
ATOM   644  C  "C2'" . A   B 1 8  ? 3.507   -0.029  11.266  1.00 45.67 ? 8   A   B "C2'" 1 
ATOM   645  O  "O2'" . A   B 1 8  ? 4.324   -0.852  10.460  1.00 47.34 ? 8   A   B "O2'" 1 
ATOM   646  C  "C1'" . A   B 1 8  ? 4.159   0.159   12.633  1.00 42.74 ? 8   A   B "C1'" 1 
ATOM   647  N  N9    . A   B 1 8  ? 3.198   0.142   13.730  1.00 37.28 ? 8   A   B N9    1 
ATOM   648  C  C8    . A   B 1 8  ? 2.802   1.157   14.567  1.00 38.42 ? 8   A   B C8    1 
ATOM   649  N  N7    . A   B 1 8  ? 1.975   0.766   15.510  1.00 36.18 ? 8   A   B N7    1 
ATOM   650  C  C5    . A   B 1 8  ? 1.797   -0.586  15.260  1.00 35.36 ? 8   A   B C5    1 
ATOM   651  C  C6    . A   B 1 8  ? 1.060   -1.581  15.918  1.00 35.74 ? 8   A   B C6    1 
ATOM   652  N  N6    . A   B 1 8  ? 0.310   -1.355  17.018  1.00 33.82 ? 8   A   B N6    1 
ATOM   653  N  N1    . A   B 1 8  ? 1.118   -2.837  15.417  1.00 33.64 ? 8   A   B N1    1 
ATOM   654  C  C2    . A   B 1 8  ? 1.857   -3.058  14.323  1.00 35.55 ? 8   A   B C2    1 
ATOM   655  N  N3    . A   B 1 8  ? 2.590   -2.203  13.616  1.00 33.89 ? 8   A   B N3    1 
ATOM   656  C  C4    . A   B 1 8  ? 2.526   -0.974  14.148  1.00 36.66 ? 8   A   B C4    1 
ATOM   657  P  P     . A   B 1 9  ? 2.073   1.583   8.545   1.00 52.66 ? 9   A   B P     1 
ATOM   658  O  OP1   . A   B 1 9  ? 2.436   1.467   7.111   1.00 57.03 ? 9   A   B OP1   1 
ATOM   659  O  OP2   . A   B 1 9  ? 1.392   2.813   9.041   1.00 56.48 ? 9   A   B OP2   1 
ATOM   660  O  "O5'" . A   B 1 9  ? 1.157   0.340   8.912   1.00 51.72 ? 9   A   B "O5'" 1 
ATOM   661  C  "C5'" . A   B 1 9  ? 1.618   -0.973  8.677   1.00 50.17 ? 9   A   B "C5'" 1 
ATOM   662  C  "C4'" . A   B 1 9  ? 0.760   -1.954  9.409   1.00 49.31 ? 9   A   B "C4'" 1 
ATOM   663  O  "O4'" . A   B 1 9  ? 0.667   -1.538  10.799  1.00 50.89 ? 9   A   B "O4'" 1 
ATOM   664  C  "C3'" . A   B 1 9  ? -0.672  -2.096  8.911   1.00 48.92 ? 9   A   B "C3'" 1 
ATOM   665  O  "O3'" . A   B 1 9  ? -1.074  -3.434  9.130   1.00 49.05 ? 9   A   B "O3'" 1 
ATOM   666  C  "C2'" . A   B 1 9  ? -1.449  -1.221  9.885   1.00 48.44 ? 9   A   B "C2'" 1 
ATOM   667  O  "O2'" . A   B 1 9  ? -2.797  -1.617  10.026  1.00 47.65 ? 9   A   B "O2'" 1 
ATOM   668  C  "C1'" . A   B 1 9  ? -0.694  -1.506  11.181  1.00 46.78 ? 9   A   B "C1'" 1 
ATOM   669  N  N9    . A   B 1 9  ? -0.864  -0.492  12.212  1.00 44.65 ? 9   A   B N9    1 
ATOM   670  C  C8    . A   B 1 9  ? -0.466  0.818   12.199  1.00 43.08 ? 9   A   B C8    1 
ATOM   671  N  N7    . A   B 1 9  ? -0.803  1.481   13.274  1.00 42.20 ? 9   A   B N7    1 
ATOM   672  C  C5    . A   B 1 9  ? -1.465  0.539   14.048  1.00 42.24 ? 9   A   B C5    1 
ATOM   673  C  C6    . A   B 1 9  ? -2.088  0.630   15.280  1.00 41.20 ? 9   A   B C6    1 
ATOM   674  N  N6    . A   B 1 9  ? -2.154  1.768   15.960  1.00 42.92 ? 9   A   B N6    1 
ATOM   675  N  N1    . A   B 1 9  ? -2.657  -0.485  15.790  1.00 39.28 ? 9   A   B N1    1 
ATOM   676  C  C2    . A   B 1 9  ? -2.600  -1.612  15.076  1.00 41.62 ? 9   A   B C2    1 
ATOM   677  N  N3    . A   B 1 9  ? -2.047  -1.820  13.877  1.00 41.45 ? 9   A   B N3    1 
ATOM   678  C  C4    . A   B 1 9  ? -1.492  -0.684  13.417  1.00 41.98 ? 9   A   B C4    1 
ATOM   679  P  P     . G   B 1 10 ? -1.084  -4.471  7.914   1.00 50.91 ? 10  G   B P     1 
ATOM   680  O  OP1   . G   B 1 10 ? -1.393  -3.757  6.645   1.00 50.58 ? 10  G   B OP1   1 
ATOM   681  O  OP2   . G   B 1 10 ? -1.909  -5.628  8.314   1.00 48.33 ? 10  G   B OP2   1 
ATOM   682  O  "O5'" . G   B 1 10 ? 0.443   -4.925  7.839   1.00 49.99 ? 10  G   B "O5'" 1 
ATOM   683  C  "C5'" . G   B 1 10 ? 1.009   -5.786  8.836   1.00 48.29 ? 10  G   B "C5'" 1 
ATOM   684  C  "C4'" . G   B 1 10 ? 1.737   -6.912  8.160   1.00 46.17 ? 10  G   B "C4'" 1 
ATOM   685  O  "O4'" . G   B 1 10 ? 0.785   -7.783  7.499   1.00 46.77 ? 10  G   B "O4'" 1 
ATOM   686  C  "C3'" . G   B 1 10 ? 2.622   -6.423  7.036   1.00 46.54 ? 10  G   B "C3'" 1 
ATOM   687  O  "O3'" . G   B 1 10 ? 3.855   -5.985  7.560   1.00 45.41 ? 10  G   B "O3'" 1 
ATOM   688  C  "C2'" . G   B 1 10 ? 2.741   -7.657  6.161   1.00 46.35 ? 10  G   B "C2'" 1 
ATOM   689  O  "O2'" . G   B 1 10 ? 3.652   -8.590  6.698   1.00 48.44 ? 10  G   B "O2'" 1 
ATOM   690  C  "C1'" . G   B 1 10 ? 1.328   -8.233  6.266   1.00 46.06 ? 10  G   B "C1'" 1 
ATOM   691  N  N9    . G   B 1 10 ? 0.441   -7.797  5.195   1.00 45.14 ? 10  G   B N9    1 
ATOM   692  C  C8    . G   B 1 10 ? -0.747  -7.116  5.325   1.00 44.59 ? 10  G   B C8    1 
ATOM   693  N  N7    . G   B 1 10 ? -1.311  -6.849  4.175   1.00 44.31 ? 10  G   B N7    1 
ATOM   694  C  C5    . G   B 1 10 ? -0.443  -7.390  3.227   1.00 42.80 ? 10  G   B C5    1 
ATOM   695  C  C6    . G   B 1 10 ? -0.515  -7.402  1.810   1.00 41.59 ? 10  G   B C6    1 
ATOM   696  O  O6    . G   B 1 10 ? -1.379  -6.903  1.074   1.00 38.90 ? 10  G   B O6    1 
ATOM   697  N  N1    . G   B 1 10 ? 0.570   -8.069  1.245   1.00 43.57 ? 10  G   B N1    1 
ATOM   698  C  C2    . G   B 1 10 ? 1.598   -8.635  1.948   1.00 44.68 ? 10  G   B C2    1 
ATOM   699  N  N2    . G   B 1 10 ? 2.553   -9.230  1.215   1.00 44.59 ? 10  G   B N2    1 
ATOM   700  N  N3    . G   B 1 10 ? 1.690   -8.618  3.273   1.00 43.29 ? 10  G   B N3    1 
ATOM   701  C  C4    . G   B 1 10 ? 0.638   -7.985  3.842   1.00 44.50 ? 10  G   B C4    1 
ATOM   702  P  P     . U   B 1 11 ? 4.600   -4.757  6.883   1.00 45.94 ? 11  U   B P     1 
ATOM   703  O  OP1   . U   B 1 11 ? 5.780   -4.400  7.710   1.00 45.67 ? 11  U   B OP1   1 
ATOM   704  O  OP2   . U   B 1 11 ? 3.563   -3.741  6.600   1.00 45.64 ? 11  U   B OP2   1 
ATOM   705  O  "O5'" . U   B 1 11 ? 5.114   -5.373  5.502   1.00 43.72 ? 11  U   B "O5'" 1 
ATOM   706  C  "C5'" . U   B 1 11 ? 6.099   -6.414  5.510   1.00 40.13 ? 11  U   B "C5'" 1 
ATOM   707  C  "C4'" . U   B 1 11 ? 6.456   -6.814  4.098   1.00 36.42 ? 11  U   B "C4'" 1 
ATOM   708  O  "O4'" . U   B 1 11 ? 5.348   -7.490  3.460   1.00 36.14 ? 11  U   B "O4'" 1 
ATOM   709  C  "C3'" . U   B 1 11 ? 6.753   -5.675  3.159   1.00 35.01 ? 11  U   B "C3'" 1 
ATOM   710  O  "O3'" . U   B 1 11 ? 8.058   -5.205  3.378   1.00 35.71 ? 11  U   B "O3'" 1 
ATOM   711  C  "C2'" . U   B 1 11 ? 6.602   -6.366  1.819   1.00 36.50 ? 11  U   B "C2'" 1 
ATOM   712  O  "O2'" . U   B 1 11 ? 7.664   -7.267  1.582   1.00 35.32 ? 11  U   B "O2'" 1 
ATOM   713  C  "C1'" . U   B 1 11 ? 5.352   -7.198  2.075   1.00 36.98 ? 11  U   B "C1'" 1 
ATOM   714  N  N1    . U   B 1 11 ? 4.129   -6.447  1.768   1.00 35.76 ? 11  U   B N1    1 
ATOM   715  C  C2    . U   B 1 11 ? 3.807   -6.246  0.429   1.00 36.71 ? 11  U   B C2    1 
ATOM   716  O  O2    . U   B 1 11 ? 4.493   -6.661  -0.486  1.00 38.03 ? 11  U   B O2    1 
ATOM   717  N  N3    . U   B 1 11 ? 2.653   -5.536  0.207   1.00 34.34 ? 11  U   B N3    1 
ATOM   718  C  C4    . U   B 1 11 ? 1.803   -5.005  1.165   1.00 36.05 ? 11  U   B C4    1 
ATOM   719  O  O4    . U   B 1 11 ? 0.825   -4.350  0.810   1.00 31.40 ? 11  U   B O4    1 
ATOM   720  C  C5    . U   B 1 11 ? 2.205   -5.251  2.524   1.00 35.43 ? 11  U   B C5    1 
ATOM   721  C  C6    . U   B 1 11 ? 3.329   -5.951  2.770   1.00 36.63 ? 11  U   B C6    1 
ATOM   722  P  P     . G   B 1 12 ? 8.411   -3.683  3.050   1.00 39.03 ? 12  G   B P     1 
ATOM   723  O  OP1   . G   B 1 12 ? 9.767   -3.428  3.612   1.00 36.32 ? 12  G   B OP1   1 
ATOM   724  O  OP2   . G   B 1 12 ? 7.282   -2.819  3.455   1.00 36.87 ? 12  G   B OP2   1 
ATOM   725  O  "O5'" . G   B 1 12 ? 8.429   -3.656  1.455   1.00 34.86 ? 12  G   B "O5'" 1 
ATOM   726  C  "C5'" . G   B 1 12 ? 9.397   -4.407  0.720   1.00 35.12 ? 12  G   B "C5'" 1 
ATOM   727  C  "C4'" . G   B 1 12 ? 9.237   -4.129  -0.749  1.00 33.08 ? 12  G   B "C4'" 1 
ATOM   728  O  "O4'" . G   B 1 12 ? 7.989   -4.705  -1.213  1.00 31.58 ? 12  G   B "O4'" 1 
ATOM   729  C  "C3'" . G   B 1 12 ? 9.126   -2.655  -1.129  1.00 35.31 ? 12  G   B "C3'" 1 
ATOM   730  O  "O3'" . G   B 1 12 ? 10.407  -2.056  -1.263  1.00 36.44 ? 12  G   B "O3'" 1 
ATOM   731  C  "C2'" . G   B 1 12 ? 8.425   -2.736  -2.474  1.00 32.75 ? 12  G   B "C2'" 1 
ATOM   732  O  "O2'" . G   B 1 12 ? 9.334   -3.124  -3.485  1.00 32.60 ? 12  G   B "O2'" 1 
ATOM   733  C  "C1'" . G   B 1 12 ? 7.432   -3.875  -2.219  1.00 32.10 ? 12  G   B "C1'" 1 
ATOM   734  N  N9    . G   B 1 12 ? 6.137   -3.387  -1.750  1.00 30.03 ? 12  G   B N9    1 
ATOM   735  C  C8    . G   B 1 12 ? 5.705   -3.242  -0.450  1.00 32.82 ? 12  G   B C8    1 
ATOM   736  N  N7    . G   B 1 12 ? 4.484   -2.768  -0.366  1.00 30.82 ? 12  G   B N7    1 
ATOM   737  C  C5    . G   B 1 12 ? 4.090   -2.599  -1.688  1.00 29.59 ? 12  G   B C5    1 
ATOM   738  C  C6    . G   B 1 12 ? 2.866   -2.136  -2.232  1.00 31.65 ? 12  G   B C6    1 
ATOM   739  O  O6    . G   B 1 12 ? 1.840   -1.773  -1.630  1.00 26.85 ? 12  G   B O6    1 
ATOM   740  N  N1    . G   B 1 12 ? 2.898   -2.114  -3.633  1.00 29.06 ? 12  G   B N1    1 
ATOM   741  C  C2    . G   B 1 12 ? 3.971   -2.486  -4.404  1.00 31.81 ? 12  G   B C2    1 
ATOM   742  N  N2    . G   B 1 12 ? 3.822   -2.364  -5.753  1.00 33.14 ? 12  G   B N2    1 
ATOM   743  N  N3    . G   B 1 12 ? 5.112   -2.936  -3.910  1.00 32.51 ? 12  G   B N3    1 
ATOM   744  C  C4    . G   B 1 12 ? 5.102   -2.966  -2.553  1.00 31.28 ? 12  G   B C4    1 
ATOM   745  P  P     . C   B 1 13 ? 10.577  -0.462  -1.085  1.00 41.12 ? 13  C   B P     1 
ATOM   746  O  OP1   . C   B 1 13 ? 12.047  -0.166  -1.115  1.00 41.41 ? 13  C   B OP1   1 
ATOM   747  O  OP2   . C   B 1 13 ? 9.767   -0.089  0.098   1.00 38.75 ? 13  C   B OP2   1 
ATOM   748  O  "O5'" . C   B 1 13 ? 9.923   0.167   -2.391  1.00 38.77 ? 13  C   B "O5'" 1 
ATOM   749  C  "C5'" . C   B 1 13 ? 10.439  -0.141  -3.699  1.00 39.51 ? 13  C   B "C5'" 1 
ATOM   750  C  "C4'" . C   B 1 13 ? 9.534   0.422   -4.756  1.00 38.78 ? 13  C   B "C4'" 1 
ATOM   751  O  "O4'" . C   B 1 13 ? 8.276   -0.305  -4.805  1.00 39.52 ? 13  C   B "O4'" 1 
ATOM   752  C  "C3'" . C   B 1 13 ? 9.106   1.856   -4.539  1.00 39.49 ? 13  C   B "C3'" 1 
ATOM   753  O  "O3'" . C   B 1 13 ? 10.112  2.779   -4.918  1.00 38.33 ? 13  C   B "O3'" 1 
ATOM   754  C  "C2'" . C   B 1 13 ? 7.891   1.944   -5.439  1.00 39.19 ? 13  C   B "C2'" 1 
ATOM   755  O  "O2'" . C   B 1 13 ? 8.265   2.009   -6.795  1.00 41.39 ? 13  C   B "O2'" 1 
ATOM   756  C  "C1'" . C   B 1 13 ? 7.237   0.590   -5.159  1.00 39.85 ? 13  C   B "C1'" 1 
ATOM   757  N  N1    . C   B 1 13 ? 6.305   0.689   -4.027  1.00 37.64 ? 13  C   B N1    1 
ATOM   758  C  C2    . C   B 1 13 ? 5.005   1.065   -4.302  1.00 36.91 ? 13  C   B C2    1 
ATOM   759  O  O2    . C   B 1 13 ? 4.719   1.342   -5.466  1.00 38.94 ? 13  C   B O2    1 
ATOM   760  N  N3    . C   B 1 13 ? 4.095   1.137   -3.301  1.00 35.70 ? 13  C   B N3    1 
ATOM   761  C  C4    . C   B 1 13 ? 4.465   0.876   -2.052  1.00 35.97 ? 13  C   B C4    1 
ATOM   762  N  N4    . C   B 1 13 ? 3.535   0.975   -1.084  1.00 34.28 ? 13  C   B N4    1 
ATOM   763  C  C5    . C   B 1 13 ? 5.810   0.504   -1.729  1.00 34.71 ? 13  C   B C5    1 
ATOM   764  C  C6    . C   B 1 13 ? 6.691   0.424   -2.746  1.00 34.94 ? 13  C   B C6    1 
ATOM   765  P  P     . A   B 1 14 ? 10.074  4.264   -4.311  1.00 38.37 ? 14  A   B P     1 
ATOM   766  O  OP1   . A   B 1 14 ? 11.251  5.024   -4.795  1.00 37.76 ? 14  A   B OP1   1 
ATOM   767  O  OP2   . A   B 1 14 ? 9.801   4.164   -2.849  1.00 39.13 ? 14  A   B OP2   1 
ATOM   768  O  "O5'" . A   B 1 14 ? 8.782   4.911   -4.976  1.00 36.46 ? 14  A   B "O5'" 1 
ATOM   769  C  "C5'" . A   B 1 14 ? 8.755   5.161   -6.380  1.00 38.18 ? 14  A   B "C5'" 1 
ATOM   770  C  "C4'" . A   B 1 14 ? 7.384   5.594   -6.801  1.00 38.09 ? 14  A   B "C4'" 1 
ATOM   771  O  "O4'" . A   B 1 14 ? 6.431   4.547   -6.490  1.00 38.06 ? 14  A   B "O4'" 1 
ATOM   772  C  "C3'" . A   B 1 14 ? 6.814   6.791   -6.069  1.00 38.52 ? 14  A   B "C3'" 1 
ATOM   773  O  "O3'" . A   B 1 14 ? 7.350   7.992   -6.579  1.00 38.99 ? 14  A   B "O3'" 1 
ATOM   774  C  "C2'" . A   B 1 14 ? 5.344   6.646   -6.386  1.00 37.89 ? 14  A   B "C2'" 1 
ATOM   775  O  "O2'" . A   B 1 14 ? 5.119   6.967   -7.738  1.00 39.12 ? 14  A   B "O2'" 1 
ATOM   776  C  "C1'" . A   B 1 14 ? 5.166   5.138   -6.224  1.00 38.28 ? 14  A   B "C1'" 1 
ATOM   777  N  N9    . A   B 1 14 ? 4.765   4.788   -4.865  1.00 34.92 ? 14  A   B N9    1 
ATOM   778  C  C8    . A   B 1 14 ? 5.538   4.266   -3.869  1.00 33.73 ? 14  A   B C8    1 
ATOM   779  N  N7    . A   B 1 14 ? 4.894   4.075   -2.745  1.00 33.53 ? 14  A   B N7    1 
ATOM   780  C  C5    . A   B 1 14 ? 3.608   4.502   -3.020  1.00 31.55 ? 14  A   B C5    1 
ATOM   781  C  C6    . A   B 1 14 ? 2.451   4.583   -2.228  1.00 33.09 ? 14  A   B C6    1 
ATOM   782  N  N6    . A   B 1 14 ? 2.407   4.222   -0.934  1.00 28.90 ? 14  A   B N6    1 
ATOM   783  N  N1    . A   B 1 14 ? 1.327   5.063   -2.809  1.00 29.04 ? 14  A   B N1    1 
ATOM   784  C  C2    . A   B 1 14 ? 1.382   5.442   -4.099  1.00 33.10 ? 14  A   B C2    1 
ATOM   785  N  N3    . A   B 1 14 ? 2.416   5.423   -4.942  1.00 29.23 ? 14  A   B N3    1 
ATOM   786  C  C4    . A   B 1 14 ? 3.510   4.938   -4.330  1.00 33.34 ? 14  A   B C4    1 
ATOM   787  P  P     . C   B 1 15 ? 7.505   9.262   -5.611  1.00 40.39 ? 15  C   B P     1 
ATOM   788  O  OP1   . C   B 1 15 ? 8.208   10.306  -6.400  1.00 40.25 ? 15  C   B OP1   1 
ATOM   789  O  OP2   . C   B 1 15 ? 8.078   8.839   -4.313  1.00 39.88 ? 15  C   B OP2   1 
ATOM   790  O  "O5'" . C   B 1 15 ? 5.993   9.691   -5.325  1.00 39.03 ? 15  C   B "O5'" 1 
ATOM   791  C  "C5'" . C   B 1 15 ? 5.155   10.158  -6.386  1.00 39.04 ? 15  C   B "C5'" 1 
ATOM   792  C  "C4'" . C   B 1 15 ? 3.742   10.348  -5.893  1.00 36.91 ? 15  C   B "C4'" 1 
ATOM   793  O  "O4'" . C   B 1 15 ? 3.240   9.103   -5.370  1.00 33.49 ? 15  C   B "O4'" 1 
ATOM   794  C  "C3'" . C   B 1 15 ? 3.529   11.278  -4.721  1.00 38.04 ? 15  C   B "C3'" 1 
ATOM   795  O  "O3'" . C   B 1 15 ? 3.539   12.621  -5.120  1.00 38.71 ? 15  C   B "O3'" 1 
ATOM   796  C  "C2'" . C   B 1 15 ? 2.125   10.885  -4.305  1.00 38.96 ? 15  C   B "C2'" 1 
ATOM   797  O  "O2'" . C   B 1 15 ? 1.204   11.359  -5.256  1.00 39.06 ? 15  C   B "O2'" 1 
ATOM   798  C  "C1'" . C   B 1 15 ? 2.211   9.369   -4.441  1.00 35.98 ? 15  C   B "C1'" 1 
ATOM   799  N  N1    . C   B 1 15 ? 2.536   8.731   -3.157  1.00 33.14 ? 15  C   B N1    1 
ATOM   800  C  C2    . C   B 1 15 ? 1.487   8.518   -2.268  1.00 33.34 ? 15  C   B C2    1 
ATOM   801  O  O2    . C   B 1 15 ? 0.341   8.799   -2.633  1.00 31.69 ? 15  C   B O2    1 
ATOM   802  N  N3    . C   B 1 15 ? 1.742   7.995   -1.047  1.00 31.96 ? 15  C   B N3    1 
ATOM   803  C  C4    . C   B 1 15 ? 2.986   7.640   -0.722  1.00 32.20 ? 15  C   B C4    1 
ATOM   804  N  N4    . C   B 1 15 ? 3.190   7.103   0.482   1.00 28.90 ? 15  C   B N4    1 
ATOM   805  C  C5    . C   B 1 15 ? 4.079   7.813   -1.626  1.00 31.62 ? 15  C   B C5    1 
ATOM   806  C  C6    . C   B 1 15 ? 3.812   8.364   -2.823  1.00 31.48 ? 15  C   B C6    1 
ATOM   807  P  P     . A   B 1 16 ? 3.913   13.747  -4.055  1.00 41.32 ? 16  A   B P     1 
ATOM   808  O  OP1   . A   B 1 16 ? 3.913   15.043  -4.771  1.00 43.74 ? 16  A   B OP1   1 
ATOM   809  O  OP2   . A   B 1 16 ? 5.122   13.327  -3.326  1.00 42.57 ? 16  A   B OP2   1 
ATOM   810  O  "O5'" . A   B 1 16 ? 2.695   13.704  -3.026  1.00 41.50 ? 16  A   B "O5'" 1 
ATOM   811  C  "C5'" . A   B 1 16 ? 1.406   14.147  -3.432  1.00 42.28 ? 16  A   B "C5'" 1 
ATOM   812  C  "C4'" . A   B 1 16 ? 0.418   14.008  -2.304  1.00 43.18 ? 16  A   B "C4'" 1 
ATOM   813  O  "O4'" . A   B 1 16 ? 0.249   12.618  -1.949  1.00 42.80 ? 16  A   B "O4'" 1 
ATOM   814  C  "C3'" . A   B 1 16 ? 0.791   14.663  -0.991  1.00 45.74 ? 16  A   B "C3'" 1 
ATOM   815  O  "O3'" . A   B 1 16 ? 0.519   16.053  -1.051  1.00 46.61 ? 16  A   B "O3'" 1 
ATOM   816  C  "C2'" . A   B 1 16 ? -0.151  13.955  -0.034  1.00 44.89 ? 16  A   B "C2'" 1 
ATOM   817  O  "O2'" . A   B 1 16 ? -1.457  14.462  -0.166  1.00 47.83 ? 16  A   B "O2'" 1 
ATOM   818  C  "C1'" . A   B 1 16 ? -0.107  12.527  -0.585  1.00 43.75 ? 16  A   B "C1'" 1 
ATOM   819  N  N9    . A   B 1 16 ? 0.917   11.753  0.096   1.00 41.86 ? 16  A   B N9    1 
ATOM   820  C  C8    . A   B 1 16 ? 2.189   11.468  -0.322  1.00 38.23 ? 16  A   B C8    1 
ATOM   821  N  N7    . A   B 1 16 ? 2.890   10.793  0.557   1.00 41.69 ? 16  A   B N7    1 
ATOM   822  C  C5    . A   B 1 16 ? 2.010   10.605  1.616   1.00 41.57 ? 16  A   B C5    1 
ATOM   823  C  C6    . A   B 1 16 ? 2.142   9.961   2.856   1.00 42.67 ? 16  A   B C6    1 
ATOM   824  N  N6    . A   B 1 16 ? 3.261   9.351   3.258   1.00 40.95 ? 16  A   B N6    1 
ATOM   825  N  N1    . A   B 1 16 ? 1.072   9.965   3.683   1.00 41.95 ? 16  A   B N1    1 
ATOM   826  C  C2    . A   B 1 16 ? -0.045  10.579  3.282   1.00 41.87 ? 16  A   B C2    1 
ATOM   827  N  N3    . A   B 1 16 ? -0.293  11.213  2.140   1.00 42.09 ? 16  A   B N3    1 
ATOM   828  C  C4    . A   B 1 16 ? 0.790   11.189  1.342   1.00 42.55 ? 16  A   B C4    1 
ATOM   829  P  P     . C   B 1 17 ? 1.494   17.094  -0.321  1.00 49.76 ? 17  C   B P     1 
ATOM   830  O  OP1   . C   B 1 17 ? 0.981   18.452  -0.609  1.00 52.61 ? 17  C   B OP1   1 
ATOM   831  O  OP2   . C   B 1 17 ? 2.899   16.762  -0.644  1.00 47.58 ? 17  C   B OP2   1 
ATOM   832  O  "O5'" . C   B 1 17 ? 1.217   16.834  1.226   1.00 48.80 ? 17  C   B "O5'" 1 
ATOM   833  C  "C5'" . C   B 1 17 ? -0.077  17.103  1.786   1.00 48.81 ? 17  C   B "C5'" 1 
ATOM   834  C  "C4'" . C   B 1 17 ? -0.141  16.613  3.212   1.00 50.12 ? 17  C   B "C4'" 1 
ATOM   835  O  "O4'" . C   B 1 17 ? -0.072  15.163  3.254   1.00 49.98 ? 17  C   B "O4'" 1 
ATOM   836  C  "C3'" . C   B 1 17 ? 0.990   17.046  4.134   1.00 51.00 ? 17  C   B "C3'" 1 
ATOM   837  O  "O3'" . C   B 1 17 ? 0.802   18.370  4.620   1.00 53.24 ? 17  C   B "O3'" 1 
ATOM   838  C  "C2'" . C   B 1 17 ? 0.872   16.029  5.257   1.00 50.71 ? 17  C   B "C2'" 1 
ATOM   839  O  "O2'" . C   B 1 17 ? -0.210  16.326  6.108   1.00 50.72 ? 17  C   B "O2'" 1 
ATOM   840  C  "C1'" . C   B 1 17 ? 0.532   14.759  4.473   1.00 49.73 ? 17  C   B "C1'" 1 
ATOM   841  N  N1    . C   B 1 17 ? 1.737   13.966  4.184   1.00 47.57 ? 17  C   B N1    1 
ATOM   842  C  C2    . C   B 1 17 ? 2.243   13.144  5.200   1.00 45.81 ? 17  C   B C2    1 
ATOM   843  O  O2    . C   B 1 17 ? 1.640   13.097  6.292   1.00 44.97 ? 17  C   B O2    1 
ATOM   844  N  N3    . C   B 1 17 ? 3.364   12.427  4.974   1.00 42.54 ? 17  C   B N3    1 
ATOM   845  C  C4    . C   B 1 17 ? 3.982   12.507  3.793   1.00 42.14 ? 17  C   B C4    1 
ATOM   846  N  N4    . C   B 1 17 ? 5.103   11.794  3.620   1.00 38.56 ? 17  C   B N4    1 
ATOM   847  C  C5    . C   B 1 17 ? 3.483   13.326  2.735   1.00 44.57 ? 17  C   B C5    1 
ATOM   848  C  C6    . C   B 1 17 ? 2.365   14.030  2.971   1.00 45.35 ? 17  C   B C6    1 
ATOM   849  P  P     . A   B 1 18 ? 2.081   19.272  4.995   1.00 55.85 ? 18  A   B P     1 
ATOM   850  O  OP1   . A   B 1 18 ? 1.605   20.664  5.190   1.00 56.13 ? 18  A   B OP1   1 
ATOM   851  O  OP2   . A   B 1 18 ? 3.153   19.008  4.002   1.00 54.99 ? 18  A   B OP2   1 
ATOM   852  O  "O5'" . A   B 1 18 ? 2.545   18.698  6.405   1.00 52.52 ? 18  A   B "O5'" 1 
ATOM   853  C  "C5'" . A   B 1 18 ? 1.619   18.591  7.490   1.00 51.86 ? 18  A   B "C5'" 1 
ATOM   854  C  "C4'" . A   B 1 18 ? 2.304   17.974  8.679   1.00 51.42 ? 18  A   B "C4'" 1 
ATOM   855  O  "O4'" . A   B 1 18 ? 2.460   16.551  8.465   1.00 49.95 ? 18  A   B "O4'" 1 
ATOM   856  C  "C3'" . A   B 1 18 ? 3.721   18.470  8.891   1.00 52.88 ? 18  A   B "C3'" 1 
ATOM   857  O  "O3'" . A   B 1 18 ? 3.788   19.681  9.629   1.00 56.46 ? 18  A   B "O3'" 1 
ATOM   858  C  "C2'" . A   B 1 18 ? 4.372   17.332  9.656   1.00 50.88 ? 18  A   B "C2'" 1 
ATOM   859  O  "O2'" . A   B 1 18 ? 4.096   17.372  11.035  1.00 50.47 ? 18  A   B "O2'" 1 
ATOM   860  C  "C1'" . A   B 1 18 ? 3.693   16.120  9.022   1.00 49.14 ? 18  A   B "C1'" 1 
ATOM   861  N  N9    . A   B 1 18 ? 4.495   15.549  7.947   1.00 47.12 ? 18  A   B N9    1 
ATOM   862  C  C8    . A   B 1 18 ? 4.403   15.829  6.611   1.00 46.32 ? 18  A   B C8    1 
ATOM   863  N  N7    . A   B 1 18 ? 5.229   15.136  5.868   1.00 47.18 ? 18  A   B N7    1 
ATOM   864  C  C5    . A   B 1 18 ? 5.916   14.351  6.781   1.00 44.52 ? 18  A   B C5    1 
ATOM   865  C  C6    . A   B 1 18 ? 6.912   13.385  6.622   1.00 43.09 ? 18  A   B C6    1 
ATOM   866  N  N6    . A   B 1 18 ? 7.418   13.041  5.435   1.00 39.01 ? 18  A   B N6    1 
ATOM   867  N  N1    . A   B 1 18 ? 7.381   12.776  7.732   1.00 40.62 ? 18  A   B N1    1 
ATOM   868  C  C2    . A   B 1 18 ? 6.884   13.141  8.915   1.00 43.67 ? 18  A   B C2    1 
ATOM   869  N  N3    . A   B 1 18 ? 5.941   14.043  9.197   1.00 44.37 ? 18  A   B N3    1 
ATOM   870  C  C4    . A   B 1 18 ? 5.488   14.611  8.069   1.00 46.10 ? 18  A   B C4    1 
ATOM   871  P  P     . G   B 1 19 ? 5.024   20.668  9.386   1.00 59.07 ? 19  G   B P     1 
ATOM   872  O  OP1   . G   B 1 19 ? 4.712   21.989  9.980   1.00 59.22 ? 19  G   B OP1   1 
ATOM   873  O  OP2   . G   B 1 19 ? 5.310   20.562  7.927   1.00 59.33 ? 19  G   B OP2   1 
ATOM   874  O  "O5'" . G   B 1 19 ? 6.235   20.009  10.190  1.00 58.10 ? 19  G   B "O5'" 1 
ATOM   875  C  "C5'" . G   B 1 19 ? 6.141   19.808  11.609  1.00 59.55 ? 19  G   B "C5'" 1 
ATOM   876  C  "C4'" . G   B 1 19 ? 7.225   18.872  12.087  1.00 60.62 ? 19  G   B "C4'" 1 
ATOM   877  O  "O4'" . G   B 1 19 ? 7.073   17.578  11.447  1.00 60.66 ? 19  G   B "O4'" 1 
ATOM   878  C  "C3'" . G   B 1 19 ? 8.651   19.267  11.757  1.00 61.75 ? 19  G   B "C3'" 1 
ATOM   879  O  "O3'" . G   B 1 19 ? 9.171   20.200  12.696  1.00 65.10 ? 19  G   B "O3'" 1 
ATOM   880  C  "C2'" . G   B 1 19 ? 9.385   17.940  11.872  1.00 60.53 ? 19  G   B "C2'" 1 
ATOM   881  O  "O2'" . G   B 1 19 ? 9.649   17.620  13.221  1.00 59.31 ? 19  G   B "O2'" 1 
ATOM   882  C  "C1'" . G   B 1 19 ? 8.346   16.971  11.301  1.00 58.77 ? 19  G   B "C1'" 1 
ATOM   883  N  N9    . G   B 1 19 ? 8.545   16.663  9.891   1.00 56.21 ? 19  G   B N9    1 
ATOM   884  C  C8    . G   B 1 19 ? 7.941   17.263  8.819   1.00 56.56 ? 19  G   B C8    1 
ATOM   885  N  N7    . G   B 1 19 ? 8.311   16.760  7.674   1.00 55.95 ? 19  G   B N7    1 
ATOM   886  C  C5    . G   B 1 19 ? 9.221   15.770  8.015   1.00 55.03 ? 19  G   B C5    1 
ATOM   887  C  C6    . G   B 1 19 ? 9.966   14.888  7.197   1.00 53.51 ? 19  G   B C6    1 
ATOM   888  O  O6    . G   B 1 19 ? 9.972   14.803  5.965   1.00 55.34 ? 19  G   B O6    1 
ATOM   889  N  N1    . G   B 1 19 ? 10.768  14.042  7.954   1.00 52.75 ? 19  G   B N1    1 
ATOM   890  C  C2    . G   B 1 19 ? 10.845  14.047  9.323   1.00 51.15 ? 19  G   B C2    1 
ATOM   891  N  N2    . G   B 1 19 ? 11.660  13.148  9.871   1.00 48.74 ? 19  G   B N2    1 
ATOM   892  N  N3    . G   B 1 19 ? 10.167  14.872  10.095  1.00 53.06 ? 19  G   B N3    1 
ATOM   893  C  C4    . G   B 1 19 ? 9.377   15.699  9.379   1.00 54.86 ? 19  G   B C4    1 
ATOM   894  P  P     . C   B 1 20 ? 10.346  21.201  12.246  1.00 68.02 ? 20  C   B P     1 
ATOM   895  O  OP1   . C   B 1 20 ? 10.544  22.199  13.332  1.00 68.43 ? 20  C   B OP1   1 
ATOM   896  O  OP2   . C   B 1 20 ? 10.051  21.659  10.859  1.00 68.12 ? 20  C   B OP2   1 
ATOM   897  O  "O5'" . C   B 1 20 ? 11.638  20.280  12.178  1.00 67.62 ? 20  C   B "O5'" 1 
ATOM   898  C  "C5'" . C   B 1 20 ? 12.012  19.484  13.299  1.00 68.81 ? 20  C   B "C5'" 1 
ATOM   899  C  "C4'" . C   B 1 20 ? 13.040  18.473  12.884  1.00 70.17 ? 20  C   B "C4'" 1 
ATOM   900  O  "O4'" . C   B 1 20 ? 12.445  17.469  12.023  1.00 70.09 ? 20  C   B "O4'" 1 
ATOM   901  C  "C3'" . C   B 1 20 ? 14.172  19.016  12.038  1.00 71.09 ? 20  C   B "C3'" 1 
ATOM   902  O  "O3'" . C   B 1 20 ? 15.138  19.685  12.825  1.00 72.92 ? 20  C   B "O3'" 1 
ATOM   903  C  "C2'" . C   B 1 20 ? 14.727  17.745  11.421  1.00 70.20 ? 20  C   B "C2'" 1 
ATOM   904  O  "O2'" . C   B 1 20 ? 15.517  17.032  12.349  1.00 70.17 ? 20  C   B "O2'" 1 
ATOM   905  C  "C1'" . C   B 1 20 ? 13.437  16.971  11.137  1.00 70.01 ? 20  C   B "C1'" 1 
ATOM   906  N  N1    . C   B 1 20 ? 12.976  17.164  9.756   1.00 69.28 ? 20  C   B N1    1 
ATOM   907  C  C2    . C   B 1 20 ? 13.539  16.372  8.758   1.00 69.58 ? 20  C   B C2    1 
ATOM   908  O  O2    . C   B 1 20 ? 14.393  15.527  9.075   1.00 69.91 ? 20  C   B O2    1 
ATOM   909  N  N3    . C   B 1 20 ? 13.147  16.545  7.476   1.00 69.30 ? 20  C   B N3    1 
ATOM   910  C  C4    . C   B 1 20 ? 12.235  17.473  7.177   1.00 68.80 ? 20  C   B C4    1 
ATOM   911  N  N4    . C   B 1 20 ? 11.896  17.625  5.896   1.00 69.59 ? 20  C   B N4    1 
ATOM   912  C  C5    . C   B 1 20 ? 11.636  18.287  8.178   1.00 68.65 ? 20  C   B C5    1 
ATOM   913  C  C6    . C   B 1 20 ? 12.030  18.100  9.444   1.00 69.34 ? 20  C   B C6    1 
ATOM   914  P  P     . A   B 1 21 ? 16.098  20.773  12.134  1.00 74.73 ? 21  A   B P     1 
ATOM   915  O  OP1   . A   B 1 21 ? 16.572  21.709  13.199  1.00 73.86 ? 21  A   B OP1   1 
ATOM   916  O  OP2   . A   B 1 21 ? 15.407  21.314  10.925  1.00 72.75 ? 21  A   B OP2   1 
ATOM   917  O  "O5'" . A   B 1 21 ? 17.331  19.908  11.626  1.00 71.60 ? 21  A   B "O5'" 1 
ATOM   918  C  "C5'" . A   B 1 21 ? 17.964  20.209  10.390  1.00 69.91 ? 21  A   B "C5'" 1 
ATOM   919  C  "C4'" . A   B 1 21 ? 18.415  18.939  9.727   1.00 69.17 ? 21  A   B "C4'" 1 
ATOM   920  O  "O4'" . A   B 1 21 ? 17.260  18.138  9.356   1.00 67.56 ? 21  A   B "O4'" 1 
ATOM   921  C  "C3'" . A   B 1 21 ? 19.122  19.172  8.410   1.00 69.71 ? 21  A   B "C3'" 1 
ATOM   922  O  "O3'" . A   B 1 21 ? 20.476  19.519  8.604   1.00 70.69 ? 21  A   B "O3'" 1 
ATOM   923  C  "C2'" . A   B 1 21 ? 18.936  17.845  7.695   1.00 68.32 ? 21  A   B "C2'" 1 
ATOM   924  O  "O2'" . A   B 1 21 ? 19.832  16.866  8.166   1.00 67.72 ? 21  A   B "O2'" 1 
ATOM   925  C  "C1'" . A   B 1 21 ? 17.505  17.495  8.109   1.00 66.07 ? 21  A   B "C1'" 1 
ATOM   926  N  N9    . A   B 1 21 ? 16.518  17.967  7.133   1.00 62.32 ? 21  A   B N9    1 
ATOM   927  C  C8    . A   B 1 21 ? 15.477  18.853  7.298   1.00 60.85 ? 21  A   B C8    1 
ATOM   928  N  N7    . A   B 1 21 ? 14.753  19.024  6.212   1.00 59.84 ? 21  A   B N7    1 
ATOM   929  C  C5    . A   B 1 21 ? 15.361  18.201  5.271   1.00 58.98 ? 21  A   B C5    1 
ATOM   930  C  C6    . A   B 1 21 ? 15.067  17.915  3.921   1.00 58.70 ? 21  A   B C6    1 
ATOM   931  N  N6    . A   B 1 21 ? 14.031  18.426  3.255   1.00 57.10 ? 21  A   B N6    1 
ATOM   932  N  N1    . A   B 1 21 ? 15.886  17.063  3.268   1.00 58.98 ? 21  A   B N1    1 
ATOM   933  C  C2    . A   B 1 21 ? 16.916  16.529  3.934   1.00 58.85 ? 21  A   B C2    1 
ATOM   934  N  N3    . A   B 1 21 ? 17.284  16.707  5.199   1.00 59.58 ? 21  A   B N3    1 
ATOM   935  C  C4    . A   B 1 21 ? 16.459  17.562  5.820   1.00 60.05 ? 21  A   B C4    1 
ATOM   936  P  P     . A   B 1 22 ? 21.053  20.823  7.879   1.00 71.75 ? 22  A   B P     1 
ATOM   937  O  OP1   . A   B 1 22 ? 22.446  21.031  8.368   1.00 72.82 ? 22  A   B OP1   1 
ATOM   938  O  OP2   . A   B 1 22 ? 20.036  21.896  8.067   1.00 71.97 ? 22  A   B OP2   1 
ATOM   939  O  "O5'" . A   B 1 22 ? 21.101  20.412  6.340   1.00 68.60 ? 22  A   B "O5'" 1 
ATOM   940  C  "C5'" . A   B 1 22 ? 22.041  19.429  5.907   1.00 66.44 ? 22  A   B "C5'" 1 
ATOM   941  C  "C4'" . A   B 1 22 ? 21.817  19.060  4.459   1.00 64.32 ? 22  A   B "C4'" 1 
ATOM   942  O  "O4'" . A   B 1 22 ? 20.514  18.452  4.269   1.00 62.73 ? 22  A   B "O4'" 1 
ATOM   943  C  "C3'" . A   B 1 22 ? 21.819  20.181  3.441   1.00 64.08 ? 22  A   B "C3'" 1 
ATOM   944  O  "O3'" . A   B 1 22 ? 23.127  20.611  3.122   1.00 63.62 ? 22  A   B "O3'" 1 
ATOM   945  C  "C2'" . A   B 1 22 ? 21.181  19.498  2.244   1.00 62.62 ? 22  A   B "C2'" 1 
ATOM   946  O  "O2'" . A   B 1 22 ? 22.106  18.648  1.599   1.00 63.34 ? 22  A   B "O2'" 1 
ATOM   947  C  "C1'" . A   B 1 22 ? 20.088  18.672  2.929   1.00 60.58 ? 22  A   B "C1'" 1 
ATOM   948  N  N9    . A   B 1 22 ? 18.801  19.370  2.947   1.00 56.26 ? 22  A   B N9    1 
ATOM   949  C  C8    . A   B 1 22 ? 18.192  20.022  3.995   1.00 54.76 ? 22  A   B C8    1 
ATOM   950  N  N7    . A   B 1 22 ? 17.033  20.559  3.682   1.00 53.49 ? 22  A   B N7    1 
ATOM   951  C  C5    . A   B 1 22 ? 16.870  20.237  2.341   1.00 52.54 ? 22  A   B C5    1 
ATOM   952  C  C6    . A   B 1 22 ? 15.845  20.510  1.419   1.00 50.00 ? 22  A   B C6    1 
ATOM   953  N  N6    . A   B 1 22 ? 14.755  21.207  1.715   1.00 50.32 ? 22  A   B N6    1 
ATOM   954  N  N1    . A   B 1 22 ? 15.985  20.036  0.163   1.00 50.27 ? 22  A   B N1    1 
ATOM   955  C  C2    . A   B 1 22 ? 17.092  19.338  -0.140  1.00 50.01 ? 22  A   B C2    1 
ATOM   956  N  N3    . A   B 1 22 ? 18.127  19.023  0.637   1.00 52.09 ? 22  A   B N3    1 
ATOM   957  C  C4    . A   B 1 22 ? 17.952  19.505  1.878   1.00 52.70 ? 22  A   B C4    1 
ATOM   958  P  P     . G   B 1 23 ? 23.345  22.083  2.532   1.00 63.25 ? 23  G   B P     1 
ATOM   959  O  OP1   . G   B 1 23 ? 24.789  22.401  2.656   1.00 64.93 ? 23  G   B OP1   1 
ATOM   960  O  OP2   . G   B 1 23 ? 22.340  22.971  3.174   1.00 64.61 ? 23  G   B OP2   1 
ATOM   961  O  "O5'" . G   B 1 23 ? 22.986  21.945  0.991   1.00 60.47 ? 23  G   B "O5'" 1 
ATOM   962  C  "C5'" . G   B 1 23 ? 23.801  21.148  0.125   1.00 57.18 ? 23  G   B "C5'" 1 
ATOM   963  C  "C4'" . G   B 1 23 ? 23.137  21.005  -1.220  1.00 55.03 ? 23  G   B "C4'" 1 
ATOM   964  O  "O4'" . G   B 1 23 ? 21.813  20.449  -1.020  1.00 53.21 ? 23  G   B "O4'" 1 
ATOM   965  C  "C3'" . G   B 1 23 ? 22.882  22.303  -1.969  1.00 54.04 ? 23  G   B "C3'" 1 
ATOM   966  O  "O3'" . G   B 1 23 ? 23.996  22.777  -2.713  1.00 54.71 ? 23  G   B "O3'" 1 
ATOM   967  C  "C2'" . G   B 1 23 ? 21.730  21.927  -2.890  1.00 52.95 ? 23  G   B "C2'" 1 
ATOM   968  O  "O2'" . G   B 1 23 ? 22.149  21.278  -4.078  1.00 54.80 ? 23  G   B "O2'" 1 
ATOM   969  C  "C1'" . G   B 1 23 ? 20.925  20.986  -1.987  1.00 50.98 ? 23  G   B "C1'" 1 
ATOM   970  N  N9    . G   B 1 23 ? 19.845  21.665  -1.279  1.00 46.12 ? 23  G   B N9    1 
ATOM   971  C  C8    . G   B 1 23 ? 19.820  22.071  0.036   1.00 44.67 ? 23  G   B C8    1 
ATOM   972  N  N7    . G   B 1 23 ? 18.693  22.649  0.371   1.00 42.31 ? 23  G   B N7    1 
ATOM   973  C  C5    . G   B 1 23 ? 17.942  22.627  -0.795  1.00 39.63 ? 23  G   B C5    1 
ATOM   974  C  C6    . G   B 1 23 ? 16.639  23.109  -1.054  1.00 37.68 ? 23  G   B C6    1 
ATOM   975  O  O6    . G   B 1 23 ? 15.877  23.692  -0.289  1.00 34.88 ? 23  G   B O6    1 
ATOM   976  N  N1    . G   B 1 23 ? 16.252  22.862  -2.368  1.00 36.17 ? 23  G   B N1    1 
ATOM   977  C  C2    . G   B 1 23 ? 17.038  22.233  -3.318  1.00 37.67 ? 23  G   B C2    1 
ATOM   978  N  N2    . G   B 1 23 ? 16.501  22.082  -4.542  1.00 36.04 ? 23  G   B N2    1 
ATOM   979  N  N3    . G   B 1 23 ? 18.258  21.790  -3.086  1.00 38.32 ? 23  G   B N3    1 
ATOM   980  C  C4    . G   B 1 23 ? 18.643  22.020  -1.819  1.00 42.06 ? 23  G   B C4    1 
HETATM 981  K  K     . K   C 2 .  ? -9.017  -16.788 -5.874  0.93 53.31 ? 24  K   A K     1 
HETATM 982  K  K     . K   D 2 .  ? -8.242  -4.493  7.028   0.92 48.21 ? 25  K   A K     1 
HETATM 983  CL CL    . CL  E 3 .  ? -11.950 -24.267 -4.281  0.48 40.49 ? 26  CL  A CL    1 
HETATM 984  O  O3A   . XXX F 4 .  ? -4.061  -4.487  -0.009  1.00 42.93 ? 101 XXX A O3A   1 
HETATM 985  C  C4A   . XXX F 4 .  ? -3.590  -3.646  1.050   1.00 44.77 ? 101 XXX A C4A   1 
HETATM 986  C  C5A   . XXX F 4 .  ? -2.178  -3.144  0.731   1.00 46.18 ? 101 XXX A C5A   1 
HETATM 987  O  O4A   . XXX F 4 .  ? -2.206  -2.360  -0.464  1.00 45.18 ? 101 XXX A O4A   1 
HETATM 988  C  C6A   . XXX F 4 .  ? -1.638  -2.287  1.880   1.00 45.90 ? 101 XXX A C6A   1 
HETATM 989  N  N1    . XXX F 4 .  ? -0.269  -1.840  1.573   1.00 45.71 ? 101 XXX A N1    1 
HETATM 990  C  C7    . XXX F 4 .  ? -1.634  -3.080  3.188   1.00 44.33 ? 101 XXX A C7    1 
HETATM 991  C  C8    . XXX F 4 .  ? -3.053  -3.553  3.505   1.00 45.08 ? 101 XXX A C8    1 
HETATM 992  N  N2    . XXX F 4 .  ? -3.041  -4.341  4.746   1.00 45.27 ? 101 XXX A N2    1 
HETATM 993  C  C9    . XXX F 4 .  ? -3.610  -4.421  2.372   1.00 45.71 ? 101 XXX A C9    1 
HETATM 994  O  O1    . XXX F 4 .  ? -4.943  -4.832  2.714   1.00 43.53 ? 101 XXX A O1    1 
HETATM 995  C  C1    . XXX F 4 .  ? -5.337  -6.026  2.019   1.00 44.34 ? 101 XXX A C1    1 
HETATM 996  O  O5    . XXX F 4 .  ? -5.042  -7.196  2.801   1.00 45.51 ? 101 XXX A O5    1 
HETATM 997  C  C5    . XXX F 4 .  ? -5.668  -7.225  4.100   1.00 45.52 ? 101 XXX A C5    1 
HETATM 998  C  C6    . XXX F 4 .  ? -5.358  -8.590  4.717   1.00 44.33 ? 101 XXX A C6    1 
HETATM 999  N  N3    . XXX F 4 .  ? -3.902  -8.765  4.827   1.00 47.82 ? 101 XXX A N3    1 
HETATM 1000 C  C4    . XXX F 4 .  ? -7.189  -7.090  3.989   1.00 44.60 ? 101 XXX A C4    1 
HETATM 1001 O  O4    . XXX F 4 .  ? -7.750  -6.911  5.294   1.00 44.78 ? 101 XXX A O4    1 
HETATM 1002 C  C3    . XXX F 4 .  ? -7.551  -5.870  3.141   1.00 43.67 ? 101 XXX A C3    1 
HETATM 1003 O  O3    . XXX F 4 .  ? -8.966  -5.793  2.949   1.00 40.86 ? 101 XXX A O3    1 
HETATM 1004 C  C2    . XXX F 4 .  ? -6.848  -5.964  1.785   1.00 44.93 ? 101 XXX A C2    1 
HETATM 1005 N  N4    . XXX F 4 .  ? -7.167  -4.781  0.974   1.00 41.94 ? 101 XXX A N4    1 
HETATM 1006 K  K     . K   G 2 .  ? 10.892  16.420  2.285   0.79 64.78 ? 24  K   B K     1 
HETATM 1007 O  O3A   . XXX H 4 .  ? 3.581   5.001   3.668   1.00 39.68 ? 201 XXX B O3A   1 
HETATM 1008 C  C4A   . XXX H 4 .  ? 2.421   4.232   4.000   1.00 38.91 ? 201 XXX B C4A   1 
HETATM 1009 C  C5A   . XXX H 4 .  ? 1.801   3.647   2.729   1.00 39.51 ? 201 XXX B C5A   1 
HETATM 1010 O  O4A   . XXX H 4 .  ? 2.755   2.757   2.136   1.00 41.36 ? 201 XXX B O4A   1 
HETATM 1011 C  C6A   . XXX H 4 .  ? 0.519   2.879   3.055   1.00 39.36 ? 201 XXX B C6A   1 
HETATM 1012 N  N1    . XXX H 4 .  ? -0.087  2.366   1.818   1.00 39.51 ? 201 XXX B N1    1 
HETATM 1013 C  C7    . XXX H 4 .  ? -0.488  3.788   3.768   1.00 37.40 ? 201 XXX B C7    1 
HETATM 1014 C  C8    . XXX H 4 .  ? 0.139   4.323   5.059   1.00 39.08 ? 201 XXX B C8    1 
HETATM 1015 N  N2    . XXX H 4 .  ? -0.810  5.201   5.756   1.00 39.29 ? 201 XXX B N2    1 
HETATM 1016 C  C9    . XXX H 4 .  ? 1.429   5.101   4.781   1.00 39.33 ? 201 XXX B C9    1 
HETATM 1017 O  O1    . XXX H 4 .  ? 1.993   5.475   6.050   1.00 38.61 ? 201 XXX B O1    1 
HETATM 1018 C  C1    . XXX H 4 .  ? 2.998   6.499   5.952   1.00 39.91 ? 201 XXX B C1    1 
HETATM 1019 O  O5    . XXX H 4 .  ? 2.368   7.789   6.068   1.00 43.60 ? 201 XXX B O5    1 
HETATM 1020 C  C5    . XXX H 4 .  ? 1.724   8.015   7.338   1.00 40.83 ? 201 XXX B C5    1 
HETATM 1021 C  C6    . XXX H 4 .  ? 1.115   9.418   7.387   1.00 40.44 ? 201 XXX B C6    1 
HETATM 1022 N  N3    . XXX H 4 .  ? 0.000   9.532   6.435   1.00 34.27 ? 201 XXX B N3    1 
HETATM 1023 C  C4    . XXX H 4 .  ? 2.725   7.884   8.489   1.00 43.27 ? 201 XXX B C4    1 
HETATM 1024 O  O4    . XXX H 4 .  ? 2.055   8.021   9.746   1.00 45.19 ? 201 XXX B O4    1 
HETATM 1025 C  C3    . XXX H 4 .  ? 3.388   6.506   8.438   1.00 41.62 ? 201 XXX B C3    1 
HETATM 1026 O  O3    . XXX H 4 .  ? 4.367   6.405   9.473   1.00 44.00 ? 201 XXX B O3    1 
HETATM 1027 C  C2    . XXX H 4 .  ? 4.039   6.324   7.064   1.00 40.87 ? 201 XXX B C2    1 
HETATM 1028 N  N4    . XXX H 4 .  ? 4.662   4.996   6.991   1.00 37.62 ? 201 XXX B N4    1 
HETATM 1029 O  O     . HOH I 5 .  ? -8.630  -19.426 -16.103 1.00 36.93 ? 102 HOH A O     1 
HETATM 1030 O  O     . HOH I 5 .  ? -13.814 -3.195  -2.814  1.00 44.36 ? 103 HOH A O     1 
HETATM 1031 O  O     . HOH I 5 .  ? -1.316  8.572   -4.702  1.00 47.96 ? 104 HOH A O     1 
HETATM 1032 O  O     . HOH I 5 .  ? -15.853 -2.191  -1.872  1.00 43.41 ? 105 HOH A O     1 
HETATM 1033 O  O     . HOH I 5 .  ? -5.686  -12.630 -14.915 1.00 34.72 ? 106 HOH A O     1 
HETATM 1034 O  O     . HOH I 5 .  ? -7.081  -9.281  -3.006  1.00 34.97 ? 107 HOH A O     1 
HETATM 1035 O  O     . HOH I 5 .  ? -6.550  -5.446  -1.532  1.00 59.44 ? 108 HOH A O     1 
HETATM 1036 O  O     . HOH I 5 .  ? -3.807  -13.571 -13.596 1.00 43.12 ? 109 HOH A O     1 
HETATM 1037 O  O     . HOH I 5 .  ? -1.577  7.269   7.747   1.00 41.83 ? 110 HOH A O     1 
HETATM 1038 O  O     . HOH I 5 .  ? -6.495  -2.292  1.963   1.00 36.98 ? 111 HOH A O     1 
HETATM 1039 O  O     . HOH I 5 .  ? -4.970  7.811   9.181   1.00 43.41 ? 112 HOH A O     1 
HETATM 1040 O  O     . HOH I 5 .  ? -4.013  11.197  -1.784  1.00 46.09 ? 113 HOH A O     1 
HETATM 1041 O  O     . HOH I 5 .  ? -14.176 0.915   13.232  1.00 44.50 ? 114 HOH A O     1 
HETATM 1042 O  O     . HOH I 5 .  ? -13.431 -16.110 -14.335 1.00 48.37 ? 115 HOH A O     1 
HETATM 1043 O  O     . HOH I 5 .  ? -9.981  -20.768 -5.452  1.00 46.25 ? 116 HOH A O     1 
HETATM 1044 O  O     . HOH I 5 .  ? -7.756  -12.261 -6.802  1.00 38.40 ? 117 HOH A O     1 
HETATM 1045 O  O     . HOH I 5 .  ? -7.717  -9.237  -5.605  1.00 45.79 ? 118 HOH A O     1 
HETATM 1046 O  O     . HOH I 5 .  ? 2.529   -24.047 -9.254  1.00 55.73 ? 119 HOH A O     1 
HETATM 1047 O  O     . HOH J 5 .  ? 5.623   -8.102  -2.307  1.00 39.50 ? 202 HOH B O     1 
HETATM 1048 O  O     . HOH J 5 .  ? 7.895   -8.561  -0.624  1.00 46.50 ? 203 HOH B O     1 
HETATM 1049 O  O     . HOH J 5 .  ? 7.555   -3.006  -5.420  1.00 32.74 ? 204 HOH B O     1 
HETATM 1050 O  O     . HOH J 5 .  ? -0.266  0.815   -0.079  1.00 44.25 ? 205 HOH B O     1 
HETATM 1051 O  O     . HOH J 5 .  ? 5.007   0.899   1.382   1.00 53.10 ? 206 HOH B O     1 
HETATM 1052 O  O     . HOH J 5 .  ? 3.001   -1.889  1.741   1.00 36.26 ? 207 HOH B O     1 
HETATM 1053 O  O     . HOH J 5 .  ? 12.010  4.333   1.605   1.00 47.08 ? 208 HOH B O     1 
HETATM 1054 O  O     . HOH J 5 .  ? 13.724  7.058   -1.734  1.00 43.35 ? 209 HOH B O     1 
HETATM 1055 O  O     . HOH J 5 .  ? 11.192  24.590  1.406   1.00 54.43 ? 210 HOH B O     1 
HETATM 1056 O  O     . HOH J 5 .  ? 9.136   11.629  -1.284  1.00 37.22 ? 211 HOH B O     1 
HETATM 1057 O  O     . HOH J 5 .  ? 11.181  8.470   -3.075  1.00 51.46 ? 212 HOH B O     1 
HETATM 1058 O  O     . HOH J 5 .  ? 1.476   -3.338  5.242   1.00 35.46 ? 213 HOH B O     1 
HETATM 1059 O  O     . HOH J 5 .  ? 6.038   10.209  0.178   1.00 51.01 ? 214 HOH B O     1 
HETATM 1060 O  O     . HOH J 5 .  ? 8.408   12.845  -3.632  1.00 48.80 ? 215 HOH B O     1 
HETATM 1061 O  O     . HOH J 5 .  ? 11.328  14.215  -0.996  1.00 52.11 ? 216 HOH B O     1 
HETATM 1062 O  O     . HOH J 5 .  ? 10.938  19.671  2.728   1.00 62.61 ? 217 HOH B O     1 
HETATM 1063 O  O     . HOH J 5 .  ? 10.185  9.536   -1.217  1.00 44.15 ? 218 HOH B O     1 
# 
